data_1BB1
# 
_entry.id   1BB1 
# 
_audit_conform.dict_name       mmcif_pdbx.dic 
_audit_conform.dict_version    5.397 
_audit_conform.dict_location   http://mmcif.pdb.org/dictionaries/ascii/mmcif_pdbx.dic 
# 
loop_
_database_2.database_id 
_database_2.database_code 
_database_2.pdbx_database_accession 
_database_2.pdbx_DOI 
PDB   1BB1         pdb_00001bb1 10.2210/pdb1bb1/pdb 
WWPDB D_1000171545 ?            ?                   
# 
loop_
_pdbx_audit_revision_history.ordinal 
_pdbx_audit_revision_history.data_content_type 
_pdbx_audit_revision_history.major_revision 
_pdbx_audit_revision_history.minor_revision 
_pdbx_audit_revision_history.revision_date 
1 'Structure model' 1 0 1999-02-02 
2 'Structure model' 1 1 2008-03-03 
3 'Structure model' 1 2 2011-07-13 
4 'Structure model' 1 3 2024-06-05 
5 'Structure model' 1 4 2024-10-16 
# 
_pdbx_audit_revision_details.ordinal             1 
_pdbx_audit_revision_details.revision_ordinal    1 
_pdbx_audit_revision_details.data_content_type   'Structure model' 
_pdbx_audit_revision_details.provider            repository 
_pdbx_audit_revision_details.type                'Initial release' 
_pdbx_audit_revision_details.description         ? 
_pdbx_audit_revision_details.details             ? 
# 
loop_
_pdbx_audit_revision_group.ordinal 
_pdbx_audit_revision_group.revision_ordinal 
_pdbx_audit_revision_group.data_content_type 
_pdbx_audit_revision_group.group 
1 2 'Structure model' 'Version format compliance' 
2 3 'Structure model' 'Version format compliance' 
3 4 'Structure model' 'Data collection'           
4 4 'Structure model' 'Database references'       
5 4 'Structure model' 'Derived calculations'      
6 4 'Structure model' Other                       
7 5 'Structure model' 'Structure summary'         
# 
loop_
_pdbx_audit_revision_category.ordinal 
_pdbx_audit_revision_category.revision_ordinal 
_pdbx_audit_revision_category.data_content_type 
_pdbx_audit_revision_category.category 
1 4 'Structure model' chem_comp_atom            
2 4 'Structure model' chem_comp_bond            
3 4 'Structure model' database_2                
4 4 'Structure model' pdbx_database_status      
5 4 'Structure model' struct_conn               
6 4 'Structure model' struct_site               
7 5 'Structure model' pdbx_entry_details        
8 5 'Structure model' pdbx_modification_feature 
# 
loop_
_pdbx_audit_revision_item.ordinal 
_pdbx_audit_revision_item.revision_ordinal 
_pdbx_audit_revision_item.data_content_type 
_pdbx_audit_revision_item.item 
1  4 'Structure model' '_database_2.pdbx_DOI'                
2  4 'Structure model' '_database_2.pdbx_database_accession' 
3  4 'Structure model' '_pdbx_database_status.process_site'  
4  4 'Structure model' '_struct_conn.pdbx_leaving_atom_flag' 
5  4 'Structure model' '_struct_conn.ptnr1_auth_comp_id'     
6  4 'Structure model' '_struct_conn.ptnr1_auth_seq_id'      
7  4 'Structure model' '_struct_conn.ptnr1_label_atom_id'    
8  4 'Structure model' '_struct_conn.ptnr1_label_comp_id'    
9  4 'Structure model' '_struct_conn.ptnr1_label_seq_id'     
10 4 'Structure model' '_struct_conn.ptnr2_auth_comp_id'     
11 4 'Structure model' '_struct_conn.ptnr2_auth_seq_id'      
12 4 'Structure model' '_struct_conn.ptnr2_label_atom_id'    
13 4 'Structure model' '_struct_conn.ptnr2_label_comp_id'    
14 4 'Structure model' '_struct_conn.ptnr2_label_seq_id'     
15 4 'Structure model' '_struct_site.pdbx_auth_asym_id'      
16 4 'Structure model' '_struct_site.pdbx_auth_comp_id'      
17 4 'Structure model' '_struct_site.pdbx_auth_seq_id'       
# 
_pdbx_database_status.status_code                     REL 
_pdbx_database_status.entry_id                        1BB1 
_pdbx_database_status.recvd_initial_deposition_date   1998-04-28 
_pdbx_database_status.deposit_site                    ? 
_pdbx_database_status.process_site                    BNL 
_pdbx_database_status.SG_entry                        . 
_pdbx_database_status.pdb_format_compatible           Y 
_pdbx_database_status.status_code_mr                  ? 
_pdbx_database_status.status_code_sf                  ? 
_pdbx_database_status.status_code_cs                  ? 
_pdbx_database_status.status_code_nmr_data            ? 
_pdbx_database_status.methods_development_category    ? 
# 
loop_
_audit_author.name 
_audit_author.pdbx_ordinal 
'Nautiyal, S.' 1 
'Alber, T.'    2 
# 
loop_
_citation.id 
_citation.title 
_citation.journal_abbrev 
_citation.journal_volume 
_citation.page_first 
_citation.page_last 
_citation.year 
_citation.journal_id_ASTM 
_citation.country 
_citation.journal_id_ISSN 
_citation.journal_id_CSD 
_citation.book_publisher 
_citation.pdbx_database_id_PubMed 
_citation.pdbx_database_id_DOI 
primary 'Crystal structure of a designed, thermostable, heterotrimeric coiled coil.' 'Protein Sci.' 8  84    90 1999 PRCIEI US 
0961-8368 0795 ? 10210186 ? 
1       'A Designed Heterotrimeric Coiled Coil'                                      Biochemistry   34 11645 ?  1995 BICHAW US 
0006-2960 0033 ? ?        ? 
# 
loop_
_citation_author.citation_id 
_citation_author.name 
_citation_author.ordinal 
_citation_author.identifier_ORCID 
primary 'Nautiyal, S.'   1 ? 
primary 'Alber, T.'      2 ? 
1       'Nautiyal, S.'   3 ? 
1       'Woolfson, D.N.' 4 ? 
1       'King, D.S.'     5 ? 
1       'Alber, T.'      6 ? 
# 
loop_
_entity.id 
_entity.type 
_entity.src_method 
_entity.pdbx_description 
_entity.formula_weight 
_entity.pdbx_number_of_molecules 
_entity.pdbx_ec 
_entity.pdbx_mutation 
_entity.pdbx_fragment 
_entity.details 
1 polymer     man 'DESIGNED, THERMOSTABLE HETEROTRIMERIC COILED COIL' 3703.303 1   ? ? ? ? 
2 polymer     man 'DESIGNED, THERMOSTABLE HETEROTRIMERIC COILED COIL' 3839.451 1   ? ? ? ? 
3 polymer     man 'DESIGNED, THERMOSTABLE HETEROTRIMERIC COILED COIL' 3668.370 1   ? ? ? ? 
4 non-polymer syn 'CHLORIDE ION'                                      35.453   1   ? ? ? ? 
5 water       nat water                                               18.015   125 ? ? ? ? 
# 
loop_
_entity_poly.entity_id 
_entity_poly.type 
_entity_poly.nstd_linkage 
_entity_poly.nstd_monomer 
_entity_poly.pdbx_seq_one_letter_code 
_entity_poly.pdbx_seq_one_letter_code_can 
_entity_poly.pdbx_strand_id 
_entity_poly.pdbx_target_identifier 
1 'polypeptide(L)' no yes '(ACE)AEIAAIEYEQAAIKEEIAAIKDKIAAIKEYIAAI(NH2)' XAEIAAIEYEQAAIKEEIAAIKDKIAAIKEYIAAIX A ? 
2 'polypeptide(L)' no yes '(ACE)EKIAAIKEEQAAIEEEIQAIKEEIAAIKYLIAQI(NH2)' XEKIAAIKEEQAAIEEEIQAIKEEIAAIKYLIAQIX B ? 
3 'polypeptide(L)' no yes '(ACE)AEIAAIKYKQAAIKNEIAAIKQEIAAIEQMIAAI(NH2)' XAEIAAIKYKQAAIKNEIAAIKQEIAAIEQMIAAIX C ? 
# 
loop_
_pdbx_entity_nonpoly.entity_id 
_pdbx_entity_nonpoly.name 
_pdbx_entity_nonpoly.comp_id 
4 'CHLORIDE ION' CL  
5 water          HOH 
# 
loop_
_entity_poly_seq.entity_id 
_entity_poly_seq.num 
_entity_poly_seq.mon_id 
_entity_poly_seq.hetero 
1 1  ACE n 
1 2  ALA n 
1 3  GLU n 
1 4  ILE n 
1 5  ALA n 
1 6  ALA n 
1 7  ILE n 
1 8  GLU n 
1 9  TYR n 
1 10 GLU n 
1 11 GLN n 
1 12 ALA n 
1 13 ALA n 
1 14 ILE n 
1 15 LYS n 
1 16 GLU n 
1 17 GLU n 
1 18 ILE n 
1 19 ALA n 
1 20 ALA n 
1 21 ILE n 
1 22 LYS n 
1 23 ASP n 
1 24 LYS n 
1 25 ILE n 
1 26 ALA n 
1 27 ALA n 
1 28 ILE n 
1 29 LYS n 
1 30 GLU n 
1 31 TYR n 
1 32 ILE n 
1 33 ALA n 
1 34 ALA n 
1 35 ILE n 
1 36 NH2 n 
2 1  ACE n 
2 2  GLU n 
2 3  LYS n 
2 4  ILE n 
2 5  ALA n 
2 6  ALA n 
2 7  ILE n 
2 8  LYS n 
2 9  GLU n 
2 10 GLU n 
2 11 GLN n 
2 12 ALA n 
2 13 ALA n 
2 14 ILE n 
2 15 GLU n 
2 16 GLU n 
2 17 GLU n 
2 18 ILE n 
2 19 GLN n 
2 20 ALA n 
2 21 ILE n 
2 22 LYS n 
2 23 GLU n 
2 24 GLU n 
2 25 ILE n 
2 26 ALA n 
2 27 ALA n 
2 28 ILE n 
2 29 LYS n 
2 30 TYR n 
2 31 LEU n 
2 32 ILE n 
2 33 ALA n 
2 34 GLN n 
2 35 ILE n 
2 36 NH2 n 
3 1  ACE n 
3 2  ALA n 
3 3  GLU n 
3 4  ILE n 
3 5  ALA n 
3 6  ALA n 
3 7  ILE n 
3 8  LYS n 
3 9  TYR n 
3 10 LYS n 
3 11 GLN n 
3 12 ALA n 
3 13 ALA n 
3 14 ILE n 
3 15 LYS n 
3 16 ASN n 
3 17 GLU n 
3 18 ILE n 
3 19 ALA n 
3 20 ALA n 
3 21 ILE n 
3 22 LYS n 
3 23 GLN n 
3 24 GLU n 
3 25 ILE n 
3 26 ALA n 
3 27 ALA n 
3 28 ILE n 
3 29 GLU n 
3 30 GLN n 
3 31 MET n 
3 32 ILE n 
3 33 ALA n 
3 34 ALA n 
3 35 ILE n 
3 36 NH2 n 
# 
loop_
_entity_src_gen.entity_id 
_entity_src_gen.pdbx_src_id 
_entity_src_gen.pdbx_alt_source_flag 
_entity_src_gen.pdbx_seq_type 
_entity_src_gen.pdbx_beg_seq_num 
_entity_src_gen.pdbx_end_seq_num 
_entity_src_gen.gene_src_common_name 
_entity_src_gen.gene_src_genus 
_entity_src_gen.pdbx_gene_src_gene 
_entity_src_gen.gene_src_species 
_entity_src_gen.gene_src_strain 
_entity_src_gen.gene_src_tissue 
_entity_src_gen.gene_src_tissue_fraction 
_entity_src_gen.gene_src_details 
_entity_src_gen.pdbx_gene_src_fragment 
_entity_src_gen.pdbx_gene_src_scientific_name 
_entity_src_gen.pdbx_gene_src_ncbi_taxonomy_id 
_entity_src_gen.pdbx_gene_src_variant 
_entity_src_gen.pdbx_gene_src_cell_line 
_entity_src_gen.pdbx_gene_src_atcc 
_entity_src_gen.pdbx_gene_src_organ 
_entity_src_gen.pdbx_gene_src_organelle 
_entity_src_gen.pdbx_gene_src_cell 
_entity_src_gen.pdbx_gene_src_cellular_location 
_entity_src_gen.host_org_common_name 
_entity_src_gen.pdbx_host_org_scientific_name 
_entity_src_gen.pdbx_host_org_ncbi_taxonomy_id 
_entity_src_gen.host_org_genus 
_entity_src_gen.pdbx_host_org_gene 
_entity_src_gen.pdbx_host_org_organ 
_entity_src_gen.host_org_species 
_entity_src_gen.pdbx_host_org_tissue 
_entity_src_gen.pdbx_host_org_tissue_fraction 
_entity_src_gen.pdbx_host_org_strain 
_entity_src_gen.pdbx_host_org_variant 
_entity_src_gen.pdbx_host_org_cell_line 
_entity_src_gen.pdbx_host_org_atcc 
_entity_src_gen.pdbx_host_org_culture_collection 
_entity_src_gen.pdbx_host_org_cell 
_entity_src_gen.pdbx_host_org_organelle 
_entity_src_gen.pdbx_host_org_cellular_location 
_entity_src_gen.pdbx_host_org_vector_type 
_entity_src_gen.pdbx_host_org_vector 
_entity_src_gen.host_org_details 
_entity_src_gen.expression_system_id 
_entity_src_gen.plasmid_name 
_entity_src_gen.plasmid_details 
_entity_src_gen.pdbx_description 
1 1 sample ? ? ? ? ? ? ? ? ? ? ? ? 'synthetic construct' 32630 ? ? ? ? ? ? ? ? ? ? ? ? ? ? ? ? ? ? ? ? ? ? ? ? ? ? ? ? ? ? ? 
2 1 sample ? ? ? ? ? ? ? ? ? ? ? ? 'synthetic construct' 32630 ? ? ? ? ? ? ? ? ? ? ? ? ? ? ? ? ? ? ? ? ? ? ? ? ? ? ? ? ? ? ? 
3 1 sample ? ? ? ? ? ? ? ? ? ? ? ? 'synthetic construct' 32630 ? ? ? ? ? ? ? ? ? ? ? ? ? ? ? ? ? ? ? ? ? ? ? ? ? ? ? ? ? ? ? 
# 
loop_
_chem_comp.id 
_chem_comp.type 
_chem_comp.mon_nstd_flag 
_chem_comp.name 
_chem_comp.pdbx_synonyms 
_chem_comp.formula 
_chem_comp.formula_weight 
ACE non-polymer         . 'ACETYL GROUP'  ? 'C2 H4 O'        44.053  
ALA 'L-peptide linking' y ALANINE         ? 'C3 H7 N O2'     89.093  
ASN 'L-peptide linking' y ASPARAGINE      ? 'C4 H8 N2 O3'    132.118 
ASP 'L-peptide linking' y 'ASPARTIC ACID' ? 'C4 H7 N O4'     133.103 
CL  non-polymer         . 'CHLORIDE ION'  ? 'Cl -1'          35.453  
GLN 'L-peptide linking' y GLUTAMINE       ? 'C5 H10 N2 O3'   146.144 
GLU 'L-peptide linking' y 'GLUTAMIC ACID' ? 'C5 H9 N O4'     147.129 
HOH non-polymer         . WATER           ? 'H2 O'           18.015  
ILE 'L-peptide linking' y ISOLEUCINE      ? 'C6 H13 N O2'    131.173 
LEU 'L-peptide linking' y LEUCINE         ? 'C6 H13 N O2'    131.173 
LYS 'L-peptide linking' y LYSINE          ? 'C6 H15 N2 O2 1' 147.195 
MET 'L-peptide linking' y METHIONINE      ? 'C5 H11 N O2 S'  149.211 
NH2 non-polymer         . 'AMINO GROUP'   ? 'H2 N'           16.023  
TYR 'L-peptide linking' y TYROSINE        ? 'C9 H11 N O3'    181.189 
# 
loop_
_pdbx_poly_seq_scheme.asym_id 
_pdbx_poly_seq_scheme.entity_id 
_pdbx_poly_seq_scheme.seq_id 
_pdbx_poly_seq_scheme.mon_id 
_pdbx_poly_seq_scheme.ndb_seq_num 
_pdbx_poly_seq_scheme.pdb_seq_num 
_pdbx_poly_seq_scheme.auth_seq_num 
_pdbx_poly_seq_scheme.pdb_mon_id 
_pdbx_poly_seq_scheme.auth_mon_id 
_pdbx_poly_seq_scheme.pdb_strand_id 
_pdbx_poly_seq_scheme.pdb_ins_code 
_pdbx_poly_seq_scheme.hetero 
A 1 1  ACE 1  0  0  ACE ACE A . n 
A 1 2  ALA 2  1  1  ALA ALA A . n 
A 1 3  GLU 3  2  2  GLU GLU A . n 
A 1 4  ILE 4  3  3  ILE ILE A . n 
A 1 5  ALA 5  4  4  ALA ALA A . n 
A 1 6  ALA 6  5  5  ALA ALA A . n 
A 1 7  ILE 7  6  6  ILE ILE A . n 
A 1 8  GLU 8  7  7  GLU GLU A . n 
A 1 9  TYR 9  8  8  TYR TYR A . n 
A 1 10 GLU 10 9  9  GLU GLU A . n 
A 1 11 GLN 11 10 10 GLN GLN A . n 
A 1 12 ALA 12 11 11 ALA ALA A . n 
A 1 13 ALA 13 12 12 ALA ALA A . n 
A 1 14 ILE 14 13 13 ILE ILE A . n 
A 1 15 LYS 15 14 14 LYS LYS A . n 
A 1 16 GLU 16 15 15 GLU GLU A . n 
A 1 17 GLU 17 16 16 GLU GLU A . n 
A 1 18 ILE 18 17 17 ILE ILE A . n 
A 1 19 ALA 19 18 18 ALA ALA A . n 
A 1 20 ALA 20 19 19 ALA ALA A . n 
A 1 21 ILE 21 20 20 ILE ILE A . n 
A 1 22 LYS 22 21 21 LYS LYS A . n 
A 1 23 ASP 23 22 22 ASP ASP A . n 
A 1 24 LYS 24 23 23 LYS LYS A . n 
A 1 25 ILE 25 24 24 ILE ILE A . n 
A 1 26 ALA 26 25 25 ALA ALA A . n 
A 1 27 ALA 27 26 26 ALA ALA A . n 
A 1 28 ILE 28 27 27 ILE ILE A . n 
A 1 29 LYS 29 28 28 LYS LYS A . n 
A 1 30 GLU 30 29 29 GLU GLU A . n 
A 1 31 TYR 31 30 30 TYR TYR A . n 
A 1 32 ILE 32 31 31 ILE ILE A . n 
A 1 33 ALA 33 32 32 ALA ALA A . n 
A 1 34 ALA 34 33 33 ALA ALA A . n 
A 1 35 ILE 35 34 34 ILE ILE A . n 
A 1 36 NH2 36 35 35 NH2 NH2 A . n 
B 2 1  ACE 1  0  0  ACE ACE B . n 
B 2 2  GLU 2  1  1  GLU GLU B . n 
B 2 3  LYS 3  2  2  LYS LYS B . n 
B 2 4  ILE 4  3  3  ILE ILE B . n 
B 2 5  ALA 5  4  4  ALA ALA B . n 
B 2 6  ALA 6  5  5  ALA ALA B . n 
B 2 7  ILE 7  6  6  ILE ILE B . n 
B 2 8  LYS 8  7  7  LYS LYS B . n 
B 2 9  GLU 9  8  8  GLU GLU B . n 
B 2 10 GLU 10 9  9  GLU GLU B . n 
B 2 11 GLN 11 10 10 GLN GLN B . n 
B 2 12 ALA 12 11 11 ALA ALA B . n 
B 2 13 ALA 13 12 12 ALA ALA B . n 
B 2 14 ILE 14 13 13 ILE ILE B . n 
B 2 15 GLU 15 14 14 GLU GLU B . n 
B 2 16 GLU 16 15 15 GLU GLU B . n 
B 2 17 GLU 17 16 16 GLU GLU B . n 
B 2 18 ILE 18 17 17 ILE ILE B . n 
B 2 19 GLN 19 18 18 GLN GLN B . n 
B 2 20 ALA 20 19 19 ALA ALA B . n 
B 2 21 ILE 21 20 20 ILE ILE B . n 
B 2 22 LYS 22 21 21 LYS LYS B . n 
B 2 23 GLU 23 22 22 GLU GLU B . n 
B 2 24 GLU 24 23 23 GLU GLU B . n 
B 2 25 ILE 25 24 24 ILE ILE B . n 
B 2 26 ALA 26 25 25 ALA ALA B . n 
B 2 27 ALA 27 26 26 ALA ALA B . n 
B 2 28 ILE 28 27 27 ILE ILE B . n 
B 2 29 LYS 29 28 28 LYS LYS B . n 
B 2 30 TYR 30 29 29 TYR TYR B . n 
B 2 31 LEU 31 30 30 LEU LEU B . n 
B 2 32 ILE 32 31 31 ILE ILE B . n 
B 2 33 ALA 33 32 32 ALA ALA B . n 
B 2 34 GLN 34 33 33 GLN GLN B . n 
B 2 35 ILE 35 34 34 ILE ILE B . n 
B 2 36 NH2 36 35 35 NH2 NH2 B . n 
C 3 1  ACE 1  0  0  ACE ACE C . n 
C 3 2  ALA 2  1  1  ALA ALA C . n 
C 3 3  GLU 3  2  2  GLU GLU C . n 
C 3 4  ILE 4  3  3  ILE ILE C . n 
C 3 5  ALA 5  4  4  ALA ALA C . n 
C 3 6  ALA 6  5  5  ALA ALA C . n 
C 3 7  ILE 7  6  6  ILE ILE C . n 
C 3 8  LYS 8  7  7  LYS LYS C . n 
C 3 9  TYR 9  8  8  TYR TYR C . n 
C 3 10 LYS 10 9  9  LYS LYS C . n 
C 3 11 GLN 11 10 10 GLN GLN C . n 
C 3 12 ALA 12 11 11 ALA ALA C . n 
C 3 13 ALA 13 12 12 ALA ALA C . n 
C 3 14 ILE 14 13 13 ILE ILE C . n 
C 3 15 LYS 15 14 14 LYS LYS C . n 
C 3 16 ASN 16 15 15 ASN ASN C . n 
C 3 17 GLU 17 16 16 GLU GLU C . n 
C 3 18 ILE 18 17 17 ILE ILE C . n 
C 3 19 ALA 19 18 18 ALA ALA C . n 
C 3 20 ALA 20 19 19 ALA ALA C . n 
C 3 21 ILE 21 20 20 ILE ILE C . n 
C 3 22 LYS 22 21 21 LYS LYS C . n 
C 3 23 GLN 23 22 22 GLN GLN C . n 
C 3 24 GLU 24 23 23 GLU GLU C . n 
C 3 25 ILE 25 24 24 ILE ILE C . n 
C 3 26 ALA 26 25 25 ALA ALA C . n 
C 3 27 ALA 27 26 26 ALA ALA C . n 
C 3 28 ILE 28 27 27 ILE ILE C . n 
C 3 29 GLU 29 28 28 GLU GLU C . n 
C 3 30 GLN 30 29 29 GLN GLN C . n 
C 3 31 MET 31 30 30 MET MET C . n 
C 3 32 ILE 32 31 31 ILE ILE C . n 
C 3 33 ALA 33 32 32 ALA ALA C . n 
C 3 34 ALA 34 33 33 ALA ALA C . n 
C 3 35 ILE 35 34 34 ILE ILE C . n 
C 3 36 NH2 36 35 35 NH2 NH2 C . n 
# 
loop_
_pdbx_nonpoly_scheme.asym_id 
_pdbx_nonpoly_scheme.entity_id 
_pdbx_nonpoly_scheme.mon_id 
_pdbx_nonpoly_scheme.ndb_seq_num 
_pdbx_nonpoly_scheme.pdb_seq_num 
_pdbx_nonpoly_scheme.auth_seq_num 
_pdbx_nonpoly_scheme.pdb_mon_id 
_pdbx_nonpoly_scheme.auth_mon_id 
_pdbx_nonpoly_scheme.pdb_strand_id 
_pdbx_nonpoly_scheme.pdb_ins_code 
D 4 CL  1  110 110 CL  CL  A . 
E 5 HOH 1  37  37  HOH HOH A . 
E 5 HOH 2  38  38  HOH HOH A . 
E 5 HOH 3  39  39  HOH HOH A . 
E 5 HOH 4  40  40  HOH HOH A . 
E 5 HOH 5  41  41  HOH HOH A . 
E 5 HOH 6  42  42  HOH HOH A . 
E 5 HOH 7  43  43  HOH HOH A . 
E 5 HOH 8  44  44  HOH HOH A . 
E 5 HOH 9  45  45  HOH HOH A . 
E 5 HOH 10 46  46  HOH HOH A . 
E 5 HOH 11 47  47  HOH HOH A . 
E 5 HOH 12 48  48  HOH HOH A . 
E 5 HOH 13 49  49  HOH HOH A . 
E 5 HOH 14 50  50  HOH HOH A . 
E 5 HOH 15 51  51  HOH HOH A . 
E 5 HOH 16 52  52  HOH HOH A . 
E 5 HOH 17 53  53  HOH HOH A . 
E 5 HOH 18 54  54  HOH HOH A . 
E 5 HOH 19 55  55  HOH HOH A . 
E 5 HOH 20 56  56  HOH HOH A . 
E 5 HOH 21 57  57  HOH HOH A . 
E 5 HOH 22 58  58  HOH HOH A . 
E 5 HOH 23 59  59  HOH HOH A . 
E 5 HOH 24 60  60  HOH HOH A . 
E 5 HOH 25 61  61  HOH HOH A . 
E 5 HOH 26 62  62  HOH HOH A . 
E 5 HOH 27 63  63  HOH HOH A . 
E 5 HOH 28 64  64  HOH HOH A . 
E 5 HOH 29 65  65  HOH HOH A . 
E 5 HOH 30 66  66  HOH HOH A . 
E 5 HOH 31 67  67  HOH HOH A . 
E 5 HOH 32 68  68  HOH HOH A . 
E 5 HOH 33 69  69  HOH HOH A . 
E 5 HOH 34 70  70  HOH HOH A . 
E 5 HOH 35 71  71  HOH HOH A . 
E 5 HOH 36 72  72  HOH HOH A . 
E 5 HOH 37 73  73  HOH HOH A . 
E 5 HOH 38 74  74  HOH HOH A . 
E 5 HOH 39 75  75  HOH HOH A . 
E 5 HOH 40 76  76  HOH HOH A . 
E 5 HOH 41 77  77  HOH HOH A . 
E 5 HOH 42 78  78  HOH HOH A . 
E 5 HOH 43 79  79  HOH HOH A . 
E 5 HOH 44 80  80  HOH HOH A . 
E 5 HOH 45 81  81  HOH HOH A . 
E 5 HOH 46 82  82  HOH HOH A . 
E 5 HOH 47 83  83  HOH HOH A . 
E 5 HOH 48 84  84  HOH HOH A . 
E 5 HOH 49 85  85  HOH HOH A . 
E 5 HOH 50 86  86  HOH HOH A . 
E 5 HOH 51 87  87  HOH HOH A . 
E 5 HOH 52 88  88  HOH HOH A . 
E 5 HOH 53 89  89  HOH HOH A . 
E 5 HOH 54 90  90  HOH HOH A . 
E 5 HOH 55 91  91  HOH HOH A . 
E 5 HOH 56 92  92  HOH HOH A . 
E 5 HOH 57 93  93  HOH HOH A . 
E 5 HOH 58 94  94  HOH HOH A . 
E 5 HOH 59 95  95  HOH HOH A . 
E 5 HOH 60 96  96  HOH HOH A . 
E 5 HOH 61 97  97  HOH HOH A . 
E 5 HOH 62 98  98  HOH HOH A . 
E 5 HOH 63 99  99  HOH HOH A . 
E 5 HOH 64 100 100 HOH HOH A . 
E 5 HOH 65 101 101 HOH HOH A . 
E 5 HOH 66 102 102 HOH HOH A . 
E 5 HOH 67 103 103 HOH HOH A . 
F 5 HOH 1  36  36  HOH HOH B . 
F 5 HOH 2  37  37  HOH HOH B . 
F 5 HOH 3  38  38  HOH HOH B . 
F 5 HOH 4  39  39  HOH HOH B . 
F 5 HOH 5  40  40  HOH HOH B . 
F 5 HOH 6  41  41  HOH HOH B . 
F 5 HOH 7  42  42  HOH HOH B . 
F 5 HOH 8  43  43  HOH HOH B . 
F 5 HOH 9  44  44  HOH HOH B . 
F 5 HOH 10 45  45  HOH HOH B . 
F 5 HOH 11 46  46  HOH HOH B . 
F 5 HOH 12 47  47  HOH HOH B . 
F 5 HOH 13 48  48  HOH HOH B . 
F 5 HOH 14 49  49  HOH HOH B . 
F 5 HOH 15 50  50  HOH HOH B . 
F 5 HOH 16 51  51  HOH HOH B . 
F 5 HOH 17 52  52  HOH HOH B . 
F 5 HOH 18 53  53  HOH HOH B . 
F 5 HOH 19 54  54  HOH HOH B . 
F 5 HOH 20 55  55  HOH HOH B . 
F 5 HOH 21 56  56  HOH HOH B . 
F 5 HOH 22 57  57  HOH HOH B . 
F 5 HOH 23 58  58  HOH HOH B . 
G 5 HOH 1  36  36  HOH HOH C . 
G 5 HOH 2  37  37  HOH HOH C . 
G 5 HOH 3  38  38  HOH HOH C . 
G 5 HOH 4  39  39  HOH HOH C . 
G 5 HOH 5  40  40  HOH HOH C . 
G 5 HOH 6  41  41  HOH HOH C . 
G 5 HOH 7  42  42  HOH HOH C . 
G 5 HOH 8  43  43  HOH HOH C . 
G 5 HOH 9  44  44  HOH HOH C . 
G 5 HOH 10 45  45  HOH HOH C . 
G 5 HOH 11 46  46  HOH HOH C . 
G 5 HOH 12 47  47  HOH HOH C . 
G 5 HOH 13 48  48  HOH HOH C . 
G 5 HOH 14 49  49  HOH HOH C . 
G 5 HOH 15 50  50  HOH HOH C . 
G 5 HOH 16 51  51  HOH HOH C . 
G 5 HOH 17 52  52  HOH HOH C . 
G 5 HOH 18 53  53  HOH HOH C . 
G 5 HOH 19 54  54  HOH HOH C . 
G 5 HOH 20 55  55  HOH HOH C . 
G 5 HOH 21 56  56  HOH HOH C . 
G 5 HOH 22 57  57  HOH HOH C . 
G 5 HOH 23 58  58  HOH HOH C . 
G 5 HOH 24 59  59  HOH HOH C . 
G 5 HOH 25 60  60  HOH HOH C . 
G 5 HOH 26 61  61  HOH HOH C . 
G 5 HOH 27 62  62  HOH HOH C . 
G 5 HOH 28 63  63  HOH HOH C . 
G 5 HOH 29 64  64  HOH HOH C . 
G 5 HOH 30 65  65  HOH HOH C . 
G 5 HOH 31 66  66  HOH HOH C . 
G 5 HOH 32 67  67  HOH HOH C . 
G 5 HOH 33 68  68  HOH HOH C . 
G 5 HOH 34 69  69  HOH HOH C . 
G 5 HOH 35 70  70  HOH HOH C . 
# 
loop_
_pdbx_unobs_or_zero_occ_atoms.id 
_pdbx_unobs_or_zero_occ_atoms.PDB_model_num 
_pdbx_unobs_or_zero_occ_atoms.polymer_flag 
_pdbx_unobs_or_zero_occ_atoms.occupancy_flag 
_pdbx_unobs_or_zero_occ_atoms.auth_asym_id 
_pdbx_unobs_or_zero_occ_atoms.auth_comp_id 
_pdbx_unobs_or_zero_occ_atoms.auth_seq_id 
_pdbx_unobs_or_zero_occ_atoms.PDB_ins_code 
_pdbx_unobs_or_zero_occ_atoms.auth_atom_id 
_pdbx_unobs_or_zero_occ_atoms.label_alt_id 
_pdbx_unobs_or_zero_occ_atoms.label_asym_id 
_pdbx_unobs_or_zero_occ_atoms.label_comp_id 
_pdbx_unobs_or_zero_occ_atoms.label_seq_id 
_pdbx_unobs_or_zero_occ_atoms.label_atom_id 
1  1 Y 1 B GLU 15 ? CG  ? B GLU 16 CG  
2  1 Y 1 B GLU 15 ? CD  ? B GLU 16 CD  
3  1 Y 1 B GLU 15 ? OE1 ? B GLU 16 OE1 
4  1 Y 1 B GLU 15 ? OE2 ? B GLU 16 OE2 
5  1 Y 1 C GLU 2  ? CG  ? C GLU 3  CG  
6  1 Y 1 C GLU 2  ? CD  ? C GLU 3  CD  
7  1 Y 1 C GLU 2  ? OE1 ? C GLU 3  OE1 
8  1 Y 1 C GLU 2  ? OE2 ? C GLU 3  OE2 
9  1 Y 1 C LYS 9  ? CD  ? C LYS 10 CD  
10 1 Y 1 C LYS 9  ? CE  ? C LYS 10 CE  
11 1 Y 1 C LYS 9  ? NZ  ? C LYS 10 NZ  
12 1 Y 1 C GLN 29 ? CD  ? C GLN 30 CD  
13 1 Y 1 C GLN 29 ? OE1 ? C GLN 30 OE1 
14 1 Y 1 C GLN 29 ? NE2 ? C GLN 30 NE2 
15 1 Y 1 C ILE 34 ? CG1 ? C ILE 35 CG1 
16 1 Y 1 C ILE 34 ? CG2 ? C ILE 35 CG2 
17 1 Y 1 C ILE 34 ? CD1 ? C ILE 35 CD1 
# 
loop_
_software.name 
_software.classification 
_software.version 
_software.citation_id 
_software.pdbx_ordinal 
X-PLOR 'model building' 3.8       ? 1 
X-PLOR refinement       3.8       ? 2 
DENZO  'data reduction' .         ? 3 
CCP4   'data scaling'   '(SCALA)' ? 4 
X-PLOR phasing          3.8       ? 5 
# 
_cell.entry_id           1BB1 
_cell.length_a           21.930 
_cell.length_b           35.010 
_cell.length_c           66.460 
_cell.angle_alpha        90.00 
_cell.angle_beta         93.70 
_cell.angle_gamma        90.00 
_cell.Z_PDB              2 
_cell.pdbx_unique_axis   ? 
# 
_symmetry.entry_id                         1BB1 
_symmetry.space_group_name_H-M             'P 1 21 1' 
_symmetry.pdbx_full_space_group_name_H-M   ? 
_symmetry.cell_setting                     ? 
_symmetry.Int_Tables_number                4 
# 
_exptl.entry_id          1BB1 
_exptl.method            'X-RAY DIFFRACTION' 
_exptl.crystals_number   1 
# 
_exptl_crystal.id                    1 
_exptl_crystal.density_meas          ? 
_exptl_crystal.density_Matthews      2.3 
_exptl_crystal.density_percent_sol   45 
_exptl_crystal.description           ? 
# 
_exptl_crystal_grow.crystal_id      1 
_exptl_crystal_grow.method          ? 
_exptl_crystal_grow.temp            ? 
_exptl_crystal_grow.temp_details    ? 
_exptl_crystal_grow.pH              7.5 
_exptl_crystal_grow.pdbx_pH_range   ? 
_exptl_crystal_grow.pdbx_details    'pH 7.5' 
# 
_diffrn.id                     1 
_diffrn.ambient_temp           173 
_diffrn.ambient_temp_details   ? 
_diffrn.crystal_id             1 
# 
_diffrn_detector.diffrn_id              1 
_diffrn_detector.detector               'IMAGE PLATE' 
_diffrn_detector.type                   RIGAKU 
_diffrn_detector.pdbx_collection_date   1997-10 
_diffrn_detector.details                MIRRORS 
# 
_diffrn_radiation.diffrn_id                        1 
_diffrn_radiation.wavelength_id                    1 
_diffrn_radiation.pdbx_monochromatic_or_laue_m_l   M 
_diffrn_radiation.monochromator                    'NI FILTER' 
_diffrn_radiation.pdbx_diffrn_protocol             ? 
_diffrn_radiation.pdbx_scattering_type             x-ray 
# 
_diffrn_radiation_wavelength.id           1 
_diffrn_radiation_wavelength.wavelength   1.5418 
_diffrn_radiation_wavelength.wt           1.0 
# 
_diffrn_source.diffrn_id                   1 
_diffrn_source.source                      'ROTATING ANODE' 
_diffrn_source.type                        'RIGAKU RUH2R' 
_diffrn_source.pdbx_synchrotron_site       ? 
_diffrn_source.pdbx_synchrotron_beamline   ? 
_diffrn_source.pdbx_wavelength             1.5418 
_diffrn_source.pdbx_wavelength_list        ? 
# 
_reflns.entry_id                     1BB1 
_reflns.observed_criterion_sigma_I   2.0 
_reflns.observed_criterion_sigma_F   ? 
_reflns.d_resolution_low             ? 
_reflns.d_resolution_high            1.8 
_reflns.number_obs                   9067 
_reflns.number_all                   ? 
_reflns.percent_possible_obs         99.2 
_reflns.pdbx_Rmerge_I_obs            0.0410000 
_reflns.pdbx_Rsym_value              0.0360000 
_reflns.pdbx_netI_over_sigmaI        14.2 
_reflns.B_iso_Wilson_estimate        19.1 
_reflns.pdbx_redundancy              3.8 
_reflns.pdbx_diffrn_id               1 
_reflns.pdbx_ordinal                 1 
# 
_reflns_shell.d_res_high             1.8 
_reflns_shell.d_res_low              1.9 
_reflns_shell.percent_possible_all   99.2 
_reflns_shell.Rmerge_I_obs           0.0970000 
_reflns_shell.pdbx_Rsym_value        0.0830000 
_reflns_shell.meanI_over_sigI_obs    8 
_reflns_shell.pdbx_redundancy        3.7 
_reflns_shell.pdbx_diffrn_id         ? 
_reflns_shell.pdbx_ordinal           1 
# 
_refine.entry_id                                 1BB1 
_refine.ls_number_reflns_obs                     9134 
_refine.ls_number_reflns_all                     ? 
_refine.pdbx_ls_sigma_I                          ? 
_refine.pdbx_ls_sigma_F                          2.0 
_refine.pdbx_data_cutoff_high_absF               10000000.00 
_refine.pdbx_data_cutoff_low_absF                0.001 
_refine.pdbx_data_cutoff_high_rms_absF           ? 
_refine.ls_d_res_low                             6.0 
_refine.ls_d_res_high                            1.8 
_refine.ls_percent_reflns_obs                    99.2 
_refine.ls_R_factor_obs                          0.2080000 
_refine.ls_R_factor_all                          ? 
_refine.ls_R_factor_R_work                       0.2080000 
_refine.ls_R_factor_R_free                       0.2690000 
_refine.ls_R_factor_R_free_error                 ? 
_refine.ls_R_factor_R_free_error_details         ? 
_refine.ls_percent_reflns_R_free                 10.9 
_refine.ls_number_reflns_R_free                  1004 
_refine.ls_number_parameters                     ? 
_refine.ls_number_restraints                     ? 
_refine.occupancy_min                            ? 
_refine.occupancy_max                            ? 
_refine.B_iso_mean                               18.8 
_refine.aniso_B[1][1]                            ? 
_refine.aniso_B[2][2]                            ? 
_refine.aniso_B[3][3]                            ? 
_refine.aniso_B[1][2]                            ? 
_refine.aniso_B[1][3]                            ? 
_refine.aniso_B[2][3]                            ? 
_refine.solvent_model_details                    ? 
_refine.solvent_model_param_ksol                 ? 
_refine.solvent_model_param_bsol                 ? 
_refine.pdbx_ls_cross_valid_method               THROUGHOUT 
_refine.details                                  ? 
_refine.pdbx_starting_model                      ? 
_refine.pdbx_method_to_determine_struct          MAD 
_refine.pdbx_isotropic_thermal_model             
;RESTRAINED INDIVIDUAL B'S
;
_refine.pdbx_stereochemistry_target_values       ? 
_refine.pdbx_stereochem_target_val_spec_case     ? 
_refine.pdbx_R_Free_selection_details            RANDOM 
_refine.pdbx_overall_ESU_R                       ? 
_refine.pdbx_overall_ESU_R_Free                  ? 
_refine.overall_SU_ML                            ? 
_refine.overall_SU_B                             ? 
_refine.pdbx_refine_id                           'X-RAY DIFFRACTION' 
_refine.pdbx_diffrn_id                           1 
_refine.pdbx_TLS_residual_ADP_flag               ? 
_refine.correlation_coeff_Fo_to_Fc               ? 
_refine.correlation_coeff_Fo_to_Fc_free          ? 
_refine.pdbx_solvent_vdw_probe_radii             ? 
_refine.pdbx_solvent_ion_probe_radii             ? 
_refine.pdbx_solvent_shrinkage_radii             ? 
_refine.pdbx_overall_phase_error                 ? 
_refine.overall_SU_R_Cruickshank_DPI             ? 
_refine.pdbx_overall_SU_R_free_Cruickshank_DPI   ? 
_refine.pdbx_overall_SU_R_Blow_DPI               ? 
_refine.pdbx_overall_SU_R_free_Blow_DPI          ? 
# 
_refine_hist.pdbx_refine_id                   'X-RAY DIFFRACTION' 
_refine_hist.cycle_id                         LAST 
_refine_hist.pdbx_number_atoms_protein        774 
_refine_hist.pdbx_number_atoms_nucleic_acid   0 
_refine_hist.pdbx_number_atoms_ligand         1 
_refine_hist.number_atoms_solvent             125 
_refine_hist.number_atoms_total               900 
_refine_hist.d_res_high                       1.8 
_refine_hist.d_res_low                        6.0 
# 
loop_
_refine_ls_restr.type 
_refine_ls_restr.dev_ideal 
_refine_ls_restr.dev_ideal_target 
_refine_ls_restr.weight 
_refine_ls_restr.number 
_refine_ls_restr.pdbx_refine_id 
_refine_ls_restr.pdbx_restraint_function 
x_bond_d                0.004 ?   ? ? 'X-RAY DIFFRACTION' ? 
x_bond_d_na             ?     ?   ? ? 'X-RAY DIFFRACTION' ? 
x_bond_d_prot           ?     ?   ? ? 'X-RAY DIFFRACTION' ? 
x_angle_d               ?     ?   ? ? 'X-RAY DIFFRACTION' ? 
x_angle_d_na            ?     ?   ? ? 'X-RAY DIFFRACTION' ? 
x_angle_d_prot          ?     ?   ? ? 'X-RAY DIFFRACTION' ? 
x_angle_deg             0.636 ?   ? ? 'X-RAY DIFFRACTION' ? 
x_angle_deg_na          ?     ?   ? ? 'X-RAY DIFFRACTION' ? 
x_angle_deg_prot        ?     ?   ? ? 'X-RAY DIFFRACTION' ? 
x_dihedral_angle_d      16.4  ?   ? ? 'X-RAY DIFFRACTION' ? 
x_dihedral_angle_d_na   ?     ?   ? ? 'X-RAY DIFFRACTION' ? 
x_dihedral_angle_d_prot ?     ?   ? ? 'X-RAY DIFFRACTION' ? 
x_improper_angle_d      0.50  ?   ? ? 'X-RAY DIFFRACTION' ? 
x_improper_angle_d_na   ?     ?   ? ? 'X-RAY DIFFRACTION' ? 
x_improper_angle_d_prot ?     ?   ? ? 'X-RAY DIFFRACTION' ? 
x_mcbond_it             1.70  1.5 ? ? 'X-RAY DIFFRACTION' ? 
x_mcangle_it            2.36  2.0 ? ? 'X-RAY DIFFRACTION' ? 
x_scbond_it             3.58  2.0 ? ? 'X-RAY DIFFRACTION' ? 
x_scangle_it            5.949 2.5 ? ? 'X-RAY DIFFRACTION' ? 
# 
_refine_ls_shell.pdbx_total_number_of_bins_used   8 
_refine_ls_shell.d_res_high                       1.8 
_refine_ls_shell.d_res_low                        1.88 
_refine_ls_shell.number_reflns_R_work             984 
_refine_ls_shell.R_factor_R_work                  0.3070000 
_refine_ls_shell.percent_reflns_obs               97.1 
_refine_ls_shell.R_factor_R_free                  0.3840000 
_refine_ls_shell.R_factor_R_free_error            ? 
_refine_ls_shell.percent_reflns_R_free            10.6 
_refine_ls_shell.number_reflns_R_free             121 
_refine_ls_shell.pdbx_refine_id                   'X-RAY DIFFRACTION' 
_refine_ls_shell.number_reflns_all                ? 
_refine_ls_shell.R_factor_all                     ? 
# 
loop_
_pdbx_xplor_file.serial_no 
_pdbx_xplor_file.param_file 
_pdbx_xplor_file.topol_file 
_pdbx_xplor_file.pdbx_refine_id 
1 PARHCSDX.PRO      TOPHCSDX.PRO 'X-RAY DIFFRACTION' 
2 PROTEIN_REP.PARAM ?            'X-RAY DIFFRACTION' 
# 
_struct.entry_id                  1BB1 
_struct.title                     'CRYSTAL STRUCTURE OF A DESIGNED, THERMOSTABLE HETEROTRIMERIC COILED COIL' 
_struct.pdbx_model_details        ? 
_struct.pdbx_CASP_flag            ? 
_struct.pdbx_model_type_details   ? 
# 
_struct_keywords.entry_id        1BB1 
_struct_keywords.pdbx_keywords   'DE NOVO PROTEIN DESIGN' 
_struct_keywords.text            'DE NOVO PROTEIN DESIGN, COILED COIL' 
# 
loop_
_struct_asym.id 
_struct_asym.pdbx_blank_PDB_chainid_flag 
_struct_asym.pdbx_modified 
_struct_asym.entity_id 
_struct_asym.details 
A N N 1 ? 
B N N 2 ? 
C N N 3 ? 
D N N 4 ? 
E N N 5 ? 
F N N 5 ? 
G N N 5 ? 
# 
loop_
_struct_ref.id 
_struct_ref.entity_id 
_struct_ref.db_name 
_struct_ref.db_code 
_struct_ref.pdbx_db_accession 
_struct_ref.pdbx_db_isoform 
_struct_ref.pdbx_seq_one_letter_code 
_struct_ref.pdbx_align_begin 
1 1 PDB 1BB1 1BB1 ? ? ? 
2 2 PDB 1BB1 1BB1 ? ? ? 
3 3 PDB 1BB1 1BB1 ? ? ? 
# 
loop_
_struct_ref_seq.align_id 
_struct_ref_seq.ref_id 
_struct_ref_seq.pdbx_PDB_id_code 
_struct_ref_seq.pdbx_strand_id 
_struct_ref_seq.seq_align_beg 
_struct_ref_seq.pdbx_seq_align_beg_ins_code 
_struct_ref_seq.seq_align_end 
_struct_ref_seq.pdbx_seq_align_end_ins_code 
_struct_ref_seq.pdbx_db_accession 
_struct_ref_seq.db_align_beg 
_struct_ref_seq.pdbx_db_align_beg_ins_code 
_struct_ref_seq.db_align_end 
_struct_ref_seq.pdbx_db_align_end_ins_code 
_struct_ref_seq.pdbx_auth_seq_align_beg 
_struct_ref_seq.pdbx_auth_seq_align_end 
1 1 1BB1 A 1 ? 36 ? 1BB1 0 ? 35 ? 0 35 
2 2 1BB1 B 1 ? 36 ? 1BB1 0 ? 35 ? 0 35 
3 3 1BB1 C 1 ? 36 ? 1BB1 0 ? 35 ? 0 35 
# 
_pdbx_struct_assembly.id                   1 
_pdbx_struct_assembly.details              author_and_software_defined_assembly 
_pdbx_struct_assembly.method_details       PISA 
_pdbx_struct_assembly.oligomeric_details   trimeric 
_pdbx_struct_assembly.oligomeric_count     3 
# 
loop_
_pdbx_struct_assembly_prop.biol_id 
_pdbx_struct_assembly_prop.type 
_pdbx_struct_assembly_prop.value 
_pdbx_struct_assembly_prop.details 
1 'ABSA (A^2)' 4740 ? 
1 MORE         -47  ? 
1 'SSA (A^2)'  6340 ? 
# 
_pdbx_struct_assembly_gen.assembly_id       1 
_pdbx_struct_assembly_gen.oper_expression   1 
_pdbx_struct_assembly_gen.asym_id_list      A,B,C,D,E,F,G 
# 
_pdbx_struct_oper_list.id                   1 
_pdbx_struct_oper_list.type                 'identity operation' 
_pdbx_struct_oper_list.name                 1_555 
_pdbx_struct_oper_list.symmetry_operation   x,y,z 
_pdbx_struct_oper_list.matrix[1][1]         1.0000000000 
_pdbx_struct_oper_list.matrix[1][2]         0.0000000000 
_pdbx_struct_oper_list.matrix[1][3]         0.0000000000 
_pdbx_struct_oper_list.vector[1]            0.0000000000 
_pdbx_struct_oper_list.matrix[2][1]         0.0000000000 
_pdbx_struct_oper_list.matrix[2][2]         1.0000000000 
_pdbx_struct_oper_list.matrix[2][3]         0.0000000000 
_pdbx_struct_oper_list.vector[2]            0.0000000000 
_pdbx_struct_oper_list.matrix[3][1]         0.0000000000 
_pdbx_struct_oper_list.matrix[3][2]         0.0000000000 
_pdbx_struct_oper_list.matrix[3][3]         1.0000000000 
_pdbx_struct_oper_list.vector[3]            0.0000000000 
# 
_struct_biol.id   1 
# 
loop_
_struct_conf.conf_type_id 
_struct_conf.id 
_struct_conf.pdbx_PDB_helix_id 
_struct_conf.beg_label_comp_id 
_struct_conf.beg_label_asym_id 
_struct_conf.beg_label_seq_id 
_struct_conf.pdbx_beg_PDB_ins_code 
_struct_conf.end_label_comp_id 
_struct_conf.end_label_asym_id 
_struct_conf.end_label_seq_id 
_struct_conf.pdbx_end_PDB_ins_code 
_struct_conf.beg_auth_comp_id 
_struct_conf.beg_auth_asym_id 
_struct_conf.beg_auth_seq_id 
_struct_conf.end_auth_comp_id 
_struct_conf.end_auth_asym_id 
_struct_conf.end_auth_seq_id 
_struct_conf.pdbx_PDB_helix_class 
_struct_conf.details 
_struct_conf.pdbx_PDB_helix_length 
HELX_P HELX_P1 1 GLU A 3 ? ALA A 33 ? GLU A 2 ALA A 32 1 ? 31 
HELX_P HELX_P2 2 LYS B 3 ? ALA B 33 ? LYS B 2 ALA B 32 1 ? 31 
HELX_P HELX_P3 3 ALA C 5 ? ILE C 32 ? ALA C 4 ILE C 31 1 ? 28 
# 
_struct_conf_type.id          HELX_P 
_struct_conf_type.criteria    ? 
_struct_conf_type.reference   ? 
# 
loop_
_struct_conn.id 
_struct_conn.conn_type_id 
_struct_conn.pdbx_leaving_atom_flag 
_struct_conn.pdbx_PDB_id 
_struct_conn.ptnr1_label_asym_id 
_struct_conn.ptnr1_label_comp_id 
_struct_conn.ptnr1_label_seq_id 
_struct_conn.ptnr1_label_atom_id 
_struct_conn.pdbx_ptnr1_label_alt_id 
_struct_conn.pdbx_ptnr1_PDB_ins_code 
_struct_conn.pdbx_ptnr1_standard_comp_id 
_struct_conn.ptnr1_symmetry 
_struct_conn.ptnr2_label_asym_id 
_struct_conn.ptnr2_label_comp_id 
_struct_conn.ptnr2_label_seq_id 
_struct_conn.ptnr2_label_atom_id 
_struct_conn.pdbx_ptnr2_label_alt_id 
_struct_conn.pdbx_ptnr2_PDB_ins_code 
_struct_conn.ptnr1_auth_asym_id 
_struct_conn.ptnr1_auth_comp_id 
_struct_conn.ptnr1_auth_seq_id 
_struct_conn.ptnr2_auth_asym_id 
_struct_conn.ptnr2_auth_comp_id 
_struct_conn.ptnr2_auth_seq_id 
_struct_conn.ptnr2_symmetry 
_struct_conn.pdbx_ptnr3_label_atom_id 
_struct_conn.pdbx_ptnr3_label_seq_id 
_struct_conn.pdbx_ptnr3_label_comp_id 
_struct_conn.pdbx_ptnr3_label_asym_id 
_struct_conn.pdbx_ptnr3_label_alt_id 
_struct_conn.pdbx_ptnr3_PDB_ins_code 
_struct_conn.details 
_struct_conn.pdbx_dist_value 
_struct_conn.pdbx_value_order 
_struct_conn.pdbx_role 
covale1 covale both ? A ACE 1  C ? ? ? 1_555 A ALA 2  N ? ? A ACE 0  A ALA 1  1_555 ? ? ? ? ? ? ? 1.331 ? ? 
covale2 covale both ? A ILE 35 C ? ? ? 1_555 A NH2 36 N ? ? A ILE 34 A NH2 35 1_555 ? ? ? ? ? ? ? 1.328 ? ? 
covale3 covale both ? B ACE 1  C ? ? ? 1_555 B GLU 2  N ? ? B ACE 0  B GLU 1  1_555 ? ? ? ? ? ? ? 1.330 ? ? 
covale4 covale both ? B ILE 35 C ? ? ? 1_555 B NH2 36 N ? ? B ILE 34 B NH2 35 1_555 ? ? ? ? ? ? ? 1.326 ? ? 
covale5 covale both ? C ACE 1  C ? ? ? 1_555 C ALA 2  N ? ? C ACE 0  C ALA 1  1_555 ? ? ? ? ? ? ? 1.331 ? ? 
covale6 covale both ? C ILE 35 C ? ? ? 1_555 C NH2 36 N ? ? C ILE 34 C NH2 35 1_555 ? ? ? ? ? ? ? 1.329 ? ? 
# 
_struct_conn_type.id          covale 
_struct_conn_type.criteria    ? 
_struct_conn_type.reference   ? 
# 
loop_
_pdbx_modification_feature.ordinal 
_pdbx_modification_feature.label_comp_id 
_pdbx_modification_feature.label_asym_id 
_pdbx_modification_feature.label_seq_id 
_pdbx_modification_feature.label_alt_id 
_pdbx_modification_feature.modified_residue_label_comp_id 
_pdbx_modification_feature.modified_residue_label_asym_id 
_pdbx_modification_feature.modified_residue_label_seq_id 
_pdbx_modification_feature.modified_residue_label_alt_id 
_pdbx_modification_feature.auth_comp_id 
_pdbx_modification_feature.auth_asym_id 
_pdbx_modification_feature.auth_seq_id 
_pdbx_modification_feature.PDB_ins_code 
_pdbx_modification_feature.symmetry 
_pdbx_modification_feature.modified_residue_auth_comp_id 
_pdbx_modification_feature.modified_residue_auth_asym_id 
_pdbx_modification_feature.modified_residue_auth_seq_id 
_pdbx_modification_feature.modified_residue_PDB_ins_code 
_pdbx_modification_feature.modified_residue_symmetry 
_pdbx_modification_feature.comp_id_linking_atom 
_pdbx_modification_feature.modified_residue_id_linking_atom 
_pdbx_modification_feature.modified_residue_id 
_pdbx_modification_feature.ref_pcm_id 
_pdbx_modification_feature.ref_comp_id 
_pdbx_modification_feature.type 
_pdbx_modification_feature.category 
1 ACE A 1  ? ALA A 2  ? ACE A 0  ? 1_555 ALA A 1  ? 1_555 . . ALA 1  ACE None 'Terminal acetylation' 
2 ACE B 1  ? GLU B 2  ? ACE B 0  ? 1_555 GLU B 1  ? 1_555 . . GLU 10 ACE None 'Terminal acetylation' 
3 ACE C 1  ? ALA C 2  ? ACE C 0  ? 1_555 ALA C 1  ? 1_555 . . ALA 1  ACE None 'Terminal acetylation' 
4 NH2 A 36 ? ILE A 35 ? NH2 A 35 ? 1_555 ILE A 34 ? 1_555 . . ILE 3  NH2 None 'Terminal amidation'   
5 NH2 B 36 ? ILE B 35 ? NH2 B 35 ? 1_555 ILE B 34 ? 1_555 . . ILE 3  NH2 None 'Terminal amidation'   
6 NH2 C 36 ? ILE C 35 ? NH2 C 35 ? 1_555 ILE C 34 ? 1_555 . . ILE 3  NH2 None 'Terminal amidation'   
# 
_struct_site.id                   AC1 
_struct_site.pdbx_evidence_code   Software 
_struct_site.pdbx_auth_asym_id    A 
_struct_site.pdbx_auth_comp_id    CL 
_struct_site.pdbx_auth_seq_id     110 
_struct_site.pdbx_auth_ins_code   ? 
_struct_site.pdbx_num_residues    3 
_struct_site.details              'BINDING SITE FOR RESIDUE CL A 110' 
# 
loop_
_struct_site_gen.id 
_struct_site_gen.site_id 
_struct_site_gen.pdbx_num_res 
_struct_site_gen.label_comp_id 
_struct_site_gen.label_asym_id 
_struct_site_gen.label_seq_id 
_struct_site_gen.pdbx_auth_ins_code 
_struct_site_gen.auth_comp_id 
_struct_site_gen.auth_asym_id 
_struct_site_gen.auth_seq_id 
_struct_site_gen.label_atom_id 
_struct_site_gen.label_alt_id 
_struct_site_gen.symmetry 
_struct_site_gen.details 
1 AC1 3 GLN A 11 ? GLN A 10 . ? 1_555 ? 
2 AC1 3 GLN B 11 ? GLN B 10 . ? 1_555 ? 
3 AC1 3 GLN C 11 ? GLN C 10 . ? 1_555 ? 
# 
_pdbx_entry_details.entry_id                   1BB1 
_pdbx_entry_details.compound_details           ? 
_pdbx_entry_details.source_details             ? 
_pdbx_entry_details.nonpolymer_details         ? 
_pdbx_entry_details.sequence_details           ? 
_pdbx_entry_details.has_ligand_of_interest     ? 
_pdbx_entry_details.has_protein_modification   Y 
# 
loop_
_chem_comp_atom.comp_id 
_chem_comp_atom.atom_id 
_chem_comp_atom.type_symbol 
_chem_comp_atom.pdbx_aromatic_flag 
_chem_comp_atom.pdbx_stereo_config 
_chem_comp_atom.pdbx_ordinal 
ACE C    C  N N 1   
ACE O    O  N N 2   
ACE CH3  C  N N 3   
ACE H    H  N N 4   
ACE H1   H  N N 5   
ACE H2   H  N N 6   
ACE H3   H  N N 7   
ALA N    N  N N 8   
ALA CA   C  N S 9   
ALA C    C  N N 10  
ALA O    O  N N 11  
ALA CB   C  N N 12  
ALA OXT  O  N N 13  
ALA H    H  N N 14  
ALA H2   H  N N 15  
ALA HA   H  N N 16  
ALA HB1  H  N N 17  
ALA HB2  H  N N 18  
ALA HB3  H  N N 19  
ALA HXT  H  N N 20  
ASN N    N  N N 21  
ASN CA   C  N S 22  
ASN C    C  N N 23  
ASN O    O  N N 24  
ASN CB   C  N N 25  
ASN CG   C  N N 26  
ASN OD1  O  N N 27  
ASN ND2  N  N N 28  
ASN OXT  O  N N 29  
ASN H    H  N N 30  
ASN H2   H  N N 31  
ASN HA   H  N N 32  
ASN HB2  H  N N 33  
ASN HB3  H  N N 34  
ASN HD21 H  N N 35  
ASN HD22 H  N N 36  
ASN HXT  H  N N 37  
ASP N    N  N N 38  
ASP CA   C  N S 39  
ASP C    C  N N 40  
ASP O    O  N N 41  
ASP CB   C  N N 42  
ASP CG   C  N N 43  
ASP OD1  O  N N 44  
ASP OD2  O  N N 45  
ASP OXT  O  N N 46  
ASP H    H  N N 47  
ASP H2   H  N N 48  
ASP HA   H  N N 49  
ASP HB2  H  N N 50  
ASP HB3  H  N N 51  
ASP HD2  H  N N 52  
ASP HXT  H  N N 53  
CL  CL   CL N N 54  
GLN N    N  N N 55  
GLN CA   C  N S 56  
GLN C    C  N N 57  
GLN O    O  N N 58  
GLN CB   C  N N 59  
GLN CG   C  N N 60  
GLN CD   C  N N 61  
GLN OE1  O  N N 62  
GLN NE2  N  N N 63  
GLN OXT  O  N N 64  
GLN H    H  N N 65  
GLN H2   H  N N 66  
GLN HA   H  N N 67  
GLN HB2  H  N N 68  
GLN HB3  H  N N 69  
GLN HG2  H  N N 70  
GLN HG3  H  N N 71  
GLN HE21 H  N N 72  
GLN HE22 H  N N 73  
GLN HXT  H  N N 74  
GLU N    N  N N 75  
GLU CA   C  N S 76  
GLU C    C  N N 77  
GLU O    O  N N 78  
GLU CB   C  N N 79  
GLU CG   C  N N 80  
GLU CD   C  N N 81  
GLU OE1  O  N N 82  
GLU OE2  O  N N 83  
GLU OXT  O  N N 84  
GLU H    H  N N 85  
GLU H2   H  N N 86  
GLU HA   H  N N 87  
GLU HB2  H  N N 88  
GLU HB3  H  N N 89  
GLU HG2  H  N N 90  
GLU HG3  H  N N 91  
GLU HE2  H  N N 92  
GLU HXT  H  N N 93  
HOH O    O  N N 94  
HOH H1   H  N N 95  
HOH H2   H  N N 96  
ILE N    N  N N 97  
ILE CA   C  N S 98  
ILE C    C  N N 99  
ILE O    O  N N 100 
ILE CB   C  N S 101 
ILE CG1  C  N N 102 
ILE CG2  C  N N 103 
ILE CD1  C  N N 104 
ILE OXT  O  N N 105 
ILE H    H  N N 106 
ILE H2   H  N N 107 
ILE HA   H  N N 108 
ILE HB   H  N N 109 
ILE HG12 H  N N 110 
ILE HG13 H  N N 111 
ILE HG21 H  N N 112 
ILE HG22 H  N N 113 
ILE HG23 H  N N 114 
ILE HD11 H  N N 115 
ILE HD12 H  N N 116 
ILE HD13 H  N N 117 
ILE HXT  H  N N 118 
LEU N    N  N N 119 
LEU CA   C  N S 120 
LEU C    C  N N 121 
LEU O    O  N N 122 
LEU CB   C  N N 123 
LEU CG   C  N N 124 
LEU CD1  C  N N 125 
LEU CD2  C  N N 126 
LEU OXT  O  N N 127 
LEU H    H  N N 128 
LEU H2   H  N N 129 
LEU HA   H  N N 130 
LEU HB2  H  N N 131 
LEU HB3  H  N N 132 
LEU HG   H  N N 133 
LEU HD11 H  N N 134 
LEU HD12 H  N N 135 
LEU HD13 H  N N 136 
LEU HD21 H  N N 137 
LEU HD22 H  N N 138 
LEU HD23 H  N N 139 
LEU HXT  H  N N 140 
LYS N    N  N N 141 
LYS CA   C  N S 142 
LYS C    C  N N 143 
LYS O    O  N N 144 
LYS CB   C  N N 145 
LYS CG   C  N N 146 
LYS CD   C  N N 147 
LYS CE   C  N N 148 
LYS NZ   N  N N 149 
LYS OXT  O  N N 150 
LYS H    H  N N 151 
LYS H2   H  N N 152 
LYS HA   H  N N 153 
LYS HB2  H  N N 154 
LYS HB3  H  N N 155 
LYS HG2  H  N N 156 
LYS HG3  H  N N 157 
LYS HD2  H  N N 158 
LYS HD3  H  N N 159 
LYS HE2  H  N N 160 
LYS HE3  H  N N 161 
LYS HZ1  H  N N 162 
LYS HZ2  H  N N 163 
LYS HZ3  H  N N 164 
LYS HXT  H  N N 165 
MET N    N  N N 166 
MET CA   C  N S 167 
MET C    C  N N 168 
MET O    O  N N 169 
MET CB   C  N N 170 
MET CG   C  N N 171 
MET SD   S  N N 172 
MET CE   C  N N 173 
MET OXT  O  N N 174 
MET H    H  N N 175 
MET H2   H  N N 176 
MET HA   H  N N 177 
MET HB2  H  N N 178 
MET HB3  H  N N 179 
MET HG2  H  N N 180 
MET HG3  H  N N 181 
MET HE1  H  N N 182 
MET HE2  H  N N 183 
MET HE3  H  N N 184 
MET HXT  H  N N 185 
NH2 N    N  N N 186 
NH2 HN1  H  N N 187 
NH2 HN2  H  N N 188 
TYR N    N  N N 189 
TYR CA   C  N S 190 
TYR C    C  N N 191 
TYR O    O  N N 192 
TYR CB   C  N N 193 
TYR CG   C  Y N 194 
TYR CD1  C  Y N 195 
TYR CD2  C  Y N 196 
TYR CE1  C  Y N 197 
TYR CE2  C  Y N 198 
TYR CZ   C  Y N 199 
TYR OH   O  N N 200 
TYR OXT  O  N N 201 
TYR H    H  N N 202 
TYR H2   H  N N 203 
TYR HA   H  N N 204 
TYR HB2  H  N N 205 
TYR HB3  H  N N 206 
TYR HD1  H  N N 207 
TYR HD2  H  N N 208 
TYR HE1  H  N N 209 
TYR HE2  H  N N 210 
TYR HH   H  N N 211 
TYR HXT  H  N N 212 
# 
loop_
_chem_comp_bond.comp_id 
_chem_comp_bond.atom_id_1 
_chem_comp_bond.atom_id_2 
_chem_comp_bond.value_order 
_chem_comp_bond.pdbx_aromatic_flag 
_chem_comp_bond.pdbx_stereo_config 
_chem_comp_bond.pdbx_ordinal 
ACE C   O    doub N N 1   
ACE C   CH3  sing N N 2   
ACE C   H    sing N N 3   
ACE CH3 H1   sing N N 4   
ACE CH3 H2   sing N N 5   
ACE CH3 H3   sing N N 6   
ALA N   CA   sing N N 7   
ALA N   H    sing N N 8   
ALA N   H2   sing N N 9   
ALA CA  C    sing N N 10  
ALA CA  CB   sing N N 11  
ALA CA  HA   sing N N 12  
ALA C   O    doub N N 13  
ALA C   OXT  sing N N 14  
ALA CB  HB1  sing N N 15  
ALA CB  HB2  sing N N 16  
ALA CB  HB3  sing N N 17  
ALA OXT HXT  sing N N 18  
ASN N   CA   sing N N 19  
ASN N   H    sing N N 20  
ASN N   H2   sing N N 21  
ASN CA  C    sing N N 22  
ASN CA  CB   sing N N 23  
ASN CA  HA   sing N N 24  
ASN C   O    doub N N 25  
ASN C   OXT  sing N N 26  
ASN CB  CG   sing N N 27  
ASN CB  HB2  sing N N 28  
ASN CB  HB3  sing N N 29  
ASN CG  OD1  doub N N 30  
ASN CG  ND2  sing N N 31  
ASN ND2 HD21 sing N N 32  
ASN ND2 HD22 sing N N 33  
ASN OXT HXT  sing N N 34  
ASP N   CA   sing N N 35  
ASP N   H    sing N N 36  
ASP N   H2   sing N N 37  
ASP CA  C    sing N N 38  
ASP CA  CB   sing N N 39  
ASP CA  HA   sing N N 40  
ASP C   O    doub N N 41  
ASP C   OXT  sing N N 42  
ASP CB  CG   sing N N 43  
ASP CB  HB2  sing N N 44  
ASP CB  HB3  sing N N 45  
ASP CG  OD1  doub N N 46  
ASP CG  OD2  sing N N 47  
ASP OD2 HD2  sing N N 48  
ASP OXT HXT  sing N N 49  
GLN N   CA   sing N N 50  
GLN N   H    sing N N 51  
GLN N   H2   sing N N 52  
GLN CA  C    sing N N 53  
GLN CA  CB   sing N N 54  
GLN CA  HA   sing N N 55  
GLN C   O    doub N N 56  
GLN C   OXT  sing N N 57  
GLN CB  CG   sing N N 58  
GLN CB  HB2  sing N N 59  
GLN CB  HB3  sing N N 60  
GLN CG  CD   sing N N 61  
GLN CG  HG2  sing N N 62  
GLN CG  HG3  sing N N 63  
GLN CD  OE1  doub N N 64  
GLN CD  NE2  sing N N 65  
GLN NE2 HE21 sing N N 66  
GLN NE2 HE22 sing N N 67  
GLN OXT HXT  sing N N 68  
GLU N   CA   sing N N 69  
GLU N   H    sing N N 70  
GLU N   H2   sing N N 71  
GLU CA  C    sing N N 72  
GLU CA  CB   sing N N 73  
GLU CA  HA   sing N N 74  
GLU C   O    doub N N 75  
GLU C   OXT  sing N N 76  
GLU CB  CG   sing N N 77  
GLU CB  HB2  sing N N 78  
GLU CB  HB3  sing N N 79  
GLU CG  CD   sing N N 80  
GLU CG  HG2  sing N N 81  
GLU CG  HG3  sing N N 82  
GLU CD  OE1  doub N N 83  
GLU CD  OE2  sing N N 84  
GLU OE2 HE2  sing N N 85  
GLU OXT HXT  sing N N 86  
HOH O   H1   sing N N 87  
HOH O   H2   sing N N 88  
ILE N   CA   sing N N 89  
ILE N   H    sing N N 90  
ILE N   H2   sing N N 91  
ILE CA  C    sing N N 92  
ILE CA  CB   sing N N 93  
ILE CA  HA   sing N N 94  
ILE C   O    doub N N 95  
ILE C   OXT  sing N N 96  
ILE CB  CG1  sing N N 97  
ILE CB  CG2  sing N N 98  
ILE CB  HB   sing N N 99  
ILE CG1 CD1  sing N N 100 
ILE CG1 HG12 sing N N 101 
ILE CG1 HG13 sing N N 102 
ILE CG2 HG21 sing N N 103 
ILE CG2 HG22 sing N N 104 
ILE CG2 HG23 sing N N 105 
ILE CD1 HD11 sing N N 106 
ILE CD1 HD12 sing N N 107 
ILE CD1 HD13 sing N N 108 
ILE OXT HXT  sing N N 109 
LEU N   CA   sing N N 110 
LEU N   H    sing N N 111 
LEU N   H2   sing N N 112 
LEU CA  C    sing N N 113 
LEU CA  CB   sing N N 114 
LEU CA  HA   sing N N 115 
LEU C   O    doub N N 116 
LEU C   OXT  sing N N 117 
LEU CB  CG   sing N N 118 
LEU CB  HB2  sing N N 119 
LEU CB  HB3  sing N N 120 
LEU CG  CD1  sing N N 121 
LEU CG  CD2  sing N N 122 
LEU CG  HG   sing N N 123 
LEU CD1 HD11 sing N N 124 
LEU CD1 HD12 sing N N 125 
LEU CD1 HD13 sing N N 126 
LEU CD2 HD21 sing N N 127 
LEU CD2 HD22 sing N N 128 
LEU CD2 HD23 sing N N 129 
LEU OXT HXT  sing N N 130 
LYS N   CA   sing N N 131 
LYS N   H    sing N N 132 
LYS N   H2   sing N N 133 
LYS CA  C    sing N N 134 
LYS CA  CB   sing N N 135 
LYS CA  HA   sing N N 136 
LYS C   O    doub N N 137 
LYS C   OXT  sing N N 138 
LYS CB  CG   sing N N 139 
LYS CB  HB2  sing N N 140 
LYS CB  HB3  sing N N 141 
LYS CG  CD   sing N N 142 
LYS CG  HG2  sing N N 143 
LYS CG  HG3  sing N N 144 
LYS CD  CE   sing N N 145 
LYS CD  HD2  sing N N 146 
LYS CD  HD3  sing N N 147 
LYS CE  NZ   sing N N 148 
LYS CE  HE2  sing N N 149 
LYS CE  HE3  sing N N 150 
LYS NZ  HZ1  sing N N 151 
LYS NZ  HZ2  sing N N 152 
LYS NZ  HZ3  sing N N 153 
LYS OXT HXT  sing N N 154 
MET N   CA   sing N N 155 
MET N   H    sing N N 156 
MET N   H2   sing N N 157 
MET CA  C    sing N N 158 
MET CA  CB   sing N N 159 
MET CA  HA   sing N N 160 
MET C   O    doub N N 161 
MET C   OXT  sing N N 162 
MET CB  CG   sing N N 163 
MET CB  HB2  sing N N 164 
MET CB  HB3  sing N N 165 
MET CG  SD   sing N N 166 
MET CG  HG2  sing N N 167 
MET CG  HG3  sing N N 168 
MET SD  CE   sing N N 169 
MET CE  HE1  sing N N 170 
MET CE  HE2  sing N N 171 
MET CE  HE3  sing N N 172 
MET OXT HXT  sing N N 173 
NH2 N   HN1  sing N N 174 
NH2 N   HN2  sing N N 175 
TYR N   CA   sing N N 176 
TYR N   H    sing N N 177 
TYR N   H2   sing N N 178 
TYR CA  C    sing N N 179 
TYR CA  CB   sing N N 180 
TYR CA  HA   sing N N 181 
TYR C   O    doub N N 182 
TYR C   OXT  sing N N 183 
TYR CB  CG   sing N N 184 
TYR CB  HB2  sing N N 185 
TYR CB  HB3  sing N N 186 
TYR CG  CD1  doub Y N 187 
TYR CG  CD2  sing Y N 188 
TYR CD1 CE1  sing Y N 189 
TYR CD1 HD1  sing N N 190 
TYR CD2 CE2  doub Y N 191 
TYR CD2 HD2  sing N N 192 
TYR CE1 CZ   doub Y N 193 
TYR CE1 HE1  sing N N 194 
TYR CE2 CZ   sing Y N 195 
TYR CE2 HE2  sing N N 196 
TYR CZ  OH   sing N N 197 
TYR OH  HH   sing N N 198 
TYR OXT HXT  sing N N 199 
# 
_atom_sites.entry_id                    1BB1 
_atom_sites.fract_transf_matrix[1][1]   -0.00347231 
_atom_sites.fract_transf_matrix[1][2]   0.04308743 
_atom_sites.fract_transf_matrix[1][3]   0.01481461 
_atom_sites.fract_transf_matrix[2][1]   -0.01721351 
_atom_sites.fract_transf_matrix[2][2]   0.00615833 
_atom_sites.fract_transf_matrix[2][3]   -0.02194572 
_atom_sites.fract_transf_matrix[3][1]   -0.01202662 
_atom_sites.fract_transf_matrix[3][2]   -0.00290076 
_atom_sites.fract_transf_matrix[3][3]   0.00861929 
_atom_sites.fract_transf_vector[1]      1.598526 
_atom_sites.fract_transf_vector[2]      0.069847 
_atom_sites.fract_transf_vector[3]      0.255292 
# 
loop_
_atom_type.symbol 
C  
CL 
N  
O  
S  
# 
loop_
_atom_site.group_PDB 
_atom_site.id 
_atom_site.type_symbol 
_atom_site.label_atom_id 
_atom_site.label_alt_id 
_atom_site.label_comp_id 
_atom_site.label_asym_id 
_atom_site.label_entity_id 
_atom_site.label_seq_id 
_atom_site.pdbx_PDB_ins_code 
_atom_site.Cartn_x 
_atom_site.Cartn_y 
_atom_site.Cartn_z 
_atom_site.occupancy 
_atom_site.B_iso_or_equiv 
_atom_site.pdbx_formal_charge 
_atom_site.auth_seq_id 
_atom_site.auth_comp_id 
_atom_site.auth_asym_id 
_atom_site.auth_atom_id 
_atom_site.pdbx_PDB_model_num 
HETATM 1   C  C   . ACE A 1 1  ? -20.270 -2.211  16.682  1.00 26.82 ? 0   ACE A C   1 
HETATM 2   O  O   . ACE A 1 1  ? -21.222 -1.734  17.329  1.00 26.84 ? 0   ACE A O   1 
HETATM 3   C  CH3 . ACE A 1 1  ? -19.474 -1.332  15.729  1.00 20.33 ? 0   ACE A CH3 1 
ATOM   4   N  N   . ALA A 1 2  ? -20.073 -3.520  16.543  1.00 27.71 ? 1   ALA A N   1 
ATOM   5   C  CA  . ALA A 1 2  ? -18.778 -4.147  16.796  1.00 25.63 ? 1   ALA A CA  1 
ATOM   6   C  C   . ALA A 1 2  ? -18.117 -4.517  15.473  1.00 23.93 ? 1   ALA A C   1 
ATOM   7   O  O   . ALA A 1 2  ? -16.896 -4.497  15.352  1.00 22.60 ? 1   ALA A O   1 
ATOM   8   C  CB  . ALA A 1 2  ? -18.962 -5.393  17.648  1.00 25.64 ? 1   ALA A CB  1 
ATOM   9   N  N   . GLU A 1 3  ? -18.942 -4.862  14.489  1.00 21.66 ? 2   GLU A N   1 
ATOM   10  C  CA  . GLU A 1 3  ? -18.465 -5.238  13.165  1.00 21.72 ? 2   GLU A CA  1 
ATOM   11  C  C   . GLU A 1 3  ? -17.864 -4.028  12.469  1.00 18.13 ? 2   GLU A C   1 
ATOM   12  O  O   . GLU A 1 3  ? -16.828 -4.135  11.813  1.00 16.52 ? 2   GLU A O   1 
ATOM   13  C  CB  . GLU A 1 3  ? -19.621 -5.785  12.334  1.00 26.97 ? 2   GLU A CB  1 
ATOM   14  C  CG  . GLU A 1 3  ? -19.194 -6.507  11.070  1.00 34.42 ? 2   GLU A CG  1 
ATOM   15  C  CD  . GLU A 1 3  ? -20.357 -7.172  10.360  1.00 39.46 ? 2   GLU A CD  1 
ATOM   16  O  OE1 . GLU A 1 3  ? -21.315 -6.467  9.975   1.00 42.18 ? 2   GLU A OE1 1 
ATOM   17  O  OE2 . GLU A 1 3  ? -20.315 -8.410  10.186  1.00 44.46 ? 2   GLU A OE2 1 
ATOM   18  N  N   . ILE A 1 4  ? -18.524 -2.881  12.617  1.00 17.19 ? 3   ILE A N   1 
ATOM   19  C  CA  . ILE A 1 4  ? -18.055 -1.633  12.016  1.00 17.61 ? 3   ILE A CA  1 
ATOM   20  C  C   . ILE A 1 4  ? -16.762 -1.185  12.689  1.00 16.42 ? 3   ILE A C   1 
ATOM   21  O  O   . ILE A 1 4  ? -15.852 -0.680  12.031  1.00 16.66 ? 3   ILE A O   1 
ATOM   22  C  CB  . ILE A 1 4  ? -19.115 -0.506  12.157  1.00 20.77 ? 3   ILE A CB  1 
ATOM   23  C  CG1 . ILE A 1 4  ? -20.271 -0.753  11.187  1.00 22.80 ? 3   ILE A CG1 1 
ATOM   24  C  CG2 . ILE A 1 4  ? -18.492 0.856   11.872  1.00 22.22 ? 3   ILE A CG2 1 
ATOM   25  C  CD1 . ILE A 1 4  ? -21.499 0.097   11.486  1.00 26.60 ? 3   ILE A CD1 1 
ATOM   26  N  N   . ALA A 1 5  ? -16.686 -1.383  14.002  1.00 17.45 ? 4   ALA A N   1 
ATOM   27  C  CA  . ALA A 1 5  ? -15.506 -1.007  14.771  1.00 15.92 ? 4   ALA A CA  1 
ATOM   28  C  C   . ALA A 1 5  ? -14.322 -1.876  14.362  1.00 15.82 ? 4   ALA A C   1 
ATOM   29  O  O   . ALA A 1 5  ? -13.189 -1.401  14.293  1.00 17.21 ? 4   ALA A O   1 
ATOM   30  C  CB  . ALA A 1 5  ? -15.783 -1.158  16.265  1.00 18.39 ? 4   ALA A CB  1 
ATOM   31  N  N   . ALA A 1 6  ? -14.589 -3.148  14.088  1.00 14.53 ? 5   ALA A N   1 
ATOM   32  C  CA  . ALA A 1 6  ? -13.543 -4.078  13.675  1.00 14.09 ? 5   ALA A CA  1 
ATOM   33  C  C   . ALA A 1 6  ? -12.956 -3.655  12.330  1.00 14.35 ? 5   ALA A C   1 
ATOM   34  O  O   . ALA A 1 6  ? -11.749 -3.773  12.104  1.00 10.23 ? 5   ALA A O   1 
ATOM   35  C  CB  . ALA A 1 6  ? -14.106 -5.484  13.577  1.00 11.45 ? 5   ALA A CB  1 
ATOM   36  N  N   . ILE A 1 7  ? -13.817 -3.168  11.440  1.00 11.15 ? 6   ILE A N   1 
ATOM   37  C  CA  . ILE A 1 7  ? -13.383 -2.714  10.124  1.00 11.39 ? 6   ILE A CA  1 
ATOM   38  C  C   . ILE A 1 7  ? -12.560 -1.439  10.282  1.00 10.94 ? 6   ILE A C   1 
ATOM   39  O  O   . ILE A 1 7  ? -11.560 -1.240  9.592   1.00 12.58 ? 6   ILE A O   1 
ATOM   40  C  CB  . ILE A 1 7  ? -14.591 -2.436  9.198   1.00 11.61 ? 6   ILE A CB  1 
ATOM   41  C  CG1 . ILE A 1 7  ? -15.233 -3.760  8.776   1.00 13.80 ? 6   ILE A CG1 1 
ATOM   42  C  CG2 . ILE A 1 7  ? -14.144 -1.664  7.971   1.00 11.62 ? 6   ILE A CG2 1 
ATOM   43  C  CD1 . ILE A 1 7  ? -16.687 -3.638  8.379   1.00 12.02 ? 6   ILE A CD1 1 
ATOM   44  N  N   . GLU A 1 8  ? -12.984 -0.572  11.192  1.00 11.25 ? 7   GLU A N   1 
ATOM   45  C  CA  . GLU A 1 8  ? -12.260 0.667   11.439  1.00 15.18 ? 7   GLU A CA  1 
ATOM   46  C  C   . GLU A 1 8  ? -10.855 0.329   11.933  1.00 16.16 ? 7   GLU A C   1 
ATOM   47  O  O   . GLU A 1 8  ? -9.871  0.959   11.538  1.00 17.22 ? 7   GLU A O   1 
ATOM   48  C  CB  . GLU A 1 8  ? -12.983 1.499   12.496  1.00 14.06 ? 7   GLU A CB  1 
ATOM   49  C  CG  . GLU A 1 8  ? -14.299 2.084   12.032  1.00 15.69 ? 7   GLU A CG  1 
ATOM   50  C  CD  . GLU A 1 8  ? -15.033 2.791   13.150  1.00 18.56 ? 7   GLU A CD  1 
ATOM   51  O  OE1 . GLU A 1 8  ? -14.878 2.369   14.315  1.00 16.71 ? 7   GLU A OE1 1 
ATOM   52  O  OE2 . GLU A 1 8  ? -15.756 3.768   12.867  1.00 20.41 ? 7   GLU A OE2 1 
ATOM   53  N  N   . TYR A 1 9  ? -10.776 -0.675  12.799  1.00 15.53 ? 8   TYR A N   1 
ATOM   54  C  CA  . TYR A 1 9  ? -9.506  -1.112  13.365  1.00 15.15 ? 8   TYR A CA  1 
ATOM   55  C  C   . TYR A 1 9  ? -8.592  -1.639  12.268  1.00 15.16 ? 8   TYR A C   1 
ATOM   56  O  O   . TYR A 1 9  ? -7.388  -1.369  12.259  1.00 14.66 ? 8   TYR A O   1 
ATOM   57  C  CB  . TYR A 1 9  ? -9.757  -2.204  14.408  1.00 18.58 ? 8   TYR A CB  1 
ATOM   58  C  CG  . TYR A 1 9  ? -8.532  -2.598  15.193  1.00 20.31 ? 8   TYR A CG  1 
ATOM   59  C  CD1 . TYR A 1 9  ? -7.667  -3.582  14.720  1.00 20.52 ? 8   TYR A CD1 1 
ATOM   60  C  CD2 . TYR A 1 9  ? -8.229  -1.982  16.405  1.00 26.23 ? 8   TYR A CD2 1 
ATOM   61  C  CE1 . TYR A 1 9  ? -6.529  -3.943  15.432  1.00 24.05 ? 8   TYR A CE1 1 
ATOM   62  C  CE2 . TYR A 1 9  ? -7.091  -2.338  17.128  1.00 28.77 ? 8   TYR A CE2 1 
ATOM   63  C  CZ  . TYR A 1 9  ? -6.244  -3.317  16.633  1.00 27.33 ? 8   TYR A CZ  1 
ATOM   64  O  OH  . TYR A 1 9  ? -5.107  -3.664  17.327  1.00 28.54 ? 8   TYR A OH  1 
ATOM   65  N  N   . GLU A 1 10 ? -9.176  -2.388  11.339  1.00 15.21 ? 9   GLU A N   1 
ATOM   66  C  CA  . GLU A 1 10 ? -8.425  -2.959  10.229  1.00 14.03 ? 9   GLU A CA  1 
ATOM   67  C  C   . GLU A 1 10 ? -7.940  -1.872  9.272   1.00 13.37 ? 9   GLU A C   1 
ATOM   68  O  O   . GLU A 1 10 ? -6.832  -1.951  8.739   1.00 12.61 ? 9   GLU A O   1 
ATOM   69  C  CB  . GLU A 1 10 ? -9.297  -3.955  9.471   1.00 19.21 ? 9   GLU A CB  1 
ATOM   70  C  CG  . GLU A 1 10 ? -8.514  -4.917  8.616   1.00 24.53 ? 9   GLU A CG  1 
ATOM   71  C  CD  . GLU A 1 10 ? -9.336  -6.112  8.198   1.00 30.08 ? 9   GLU A CD  1 
ATOM   72  O  OE1 . GLU A 1 10 ? -10.114 -6.630  9.028   1.00 35.66 ? 9   GLU A OE1 1 
ATOM   73  O  OE2 . GLU A 1 10 ? -9.204  -6.533  7.035   1.00 35.14 ? 9   GLU A OE2 1 
ATOM   74  N  N   . GLN A 1 11 ? -8.775  -0.863  9.054   1.00 10.54 ? 10  GLN A N   1 
ATOM   75  C  CA  . GLN A 1 11 ? -8.421  0.239   8.169   1.00 8.52  ? 10  GLN A CA  1 
ATOM   76  C  C   . GLN A 1 11 ? -7.240  1.009   8.758   1.00 11.66 ? 10  GLN A C   1 
ATOM   77  O  O   . GLN A 1 11 ? -6.395  1.531   8.026   1.00 8.14  ? 10  GLN A O   1 
ATOM   78  C  CB  . GLN A 1 11 ? -9.622  1.171   7.993   1.00 12.86 ? 10  GLN A CB  1 
ATOM   79  C  CG  . GLN A 1 11 ? -9.424  2.268   6.955   1.00 14.65 ? 10  GLN A CG  1 
ATOM   80  C  CD  . GLN A 1 11 ? -10.736 2.908   6.540   1.00 13.07 ? 10  GLN A CD  1 
ATOM   81  O  OE1 . GLN A 1 11 ? -11.328 3.672   7.296   1.00 15.15 ? 10  GLN A OE1 1 
ATOM   82  N  NE2 . GLN A 1 11 ? -11.196 2.597   5.334   1.00 12.22 ? 10  GLN A NE2 1 
ATOM   83  N  N   . ALA A 1 12 ? -7.184  1.078   10.087  1.00 11.36 ? 11  ALA A N   1 
ATOM   84  C  CA  . ALA A 1 12 ? -6.093  1.772   10.766  1.00 8.14  ? 11  ALA A CA  1 
ATOM   85  C  C   . ALA A 1 12 ? -4.779  1.037   10.501  1.00 9.41  ? 11  ALA A C   1 
ATOM   86  O  O   . ALA A 1 12 ? -3.745  1.659   10.239  1.00 8.68  ? 11  ALA A O   1 
ATOM   87  C  CB  . ALA A 1 12 ? -6.370  1.841   12.263  1.00 12.60 ? 11  ALA A CB  1 
ATOM   88  N  N   . ALA A 1 13 ? -4.822  -0.289  10.566  1.00 9.81  ? 12  ALA A N   1 
ATOM   89  C  CA  . ALA A 1 13 ? -3.633  -1.096  10.312  1.00 10.53 ? 12  ALA A CA  1 
ATOM   90  C  C   . ALA A 1 13 ? -3.188  -0.906  8.863   1.00 11.00 ? 12  ALA A C   1 
ATOM   91  O  O   . ALA A 1 13 ? -1.993  -0.823  8.569   1.00 8.72  ? 12  ALA A O   1 
ATOM   92  C  CB  . ALA A 1 13 ? -3.933  -2.566  10.582  1.00 9.43  ? 12  ALA A CB  1 
ATOM   93  N  N   . ILE A 1 14 ? -4.163  -0.841  7.960   1.00 9.46  ? 13  ILE A N   1 
ATOM   94  C  CA  . ILE A 1 14 ? -3.887  -0.659  6.540   1.00 9.14  ? 13  ILE A CA  1 
ATOM   95  C  C   . ILE A 1 14 ? -3.192  0.682   6.289   1.00 8.93  ? 13  ILE A C   1 
ATOM   96  O  O   . ILE A 1 14 ? -2.200  0.742   5.563   1.00 8.67  ? 13  ILE A O   1 
ATOM   97  C  CB  . ILE A 1 14 ? -5.198  -0.740  5.710   1.00 8.84  ? 13  ILE A CB  1 
ATOM   98  C  CG1 . ILE A 1 14 ? -5.700  -2.187  5.688   1.00 6.83  ? 13  ILE A CG1 1 
ATOM   99  C  CG2 . ILE A 1 14 ? -4.960  -0.248  4.285   1.00 8.58  ? 13  ILE A CG2 1 
ATOM   100 C  CD1 . ILE A 1 14 ? -7.130  -2.346  5.195   1.00 10.33 ? 13  ILE A CD1 1 
ATOM   101 N  N   . LYS A 1 15 ? -3.706  1.753   6.892   1.00 10.21 ? 14  LYS A N   1 
ATOM   102 C  CA  . LYS A 1 15 ? -3.109  3.078   6.721   1.00 11.07 ? 14  LYS A CA  1 
ATOM   103 C  C   . LYS A 1 15 ? -1.698  3.070   7.292   1.00 10.37 ? 14  LYS A C   1 
ATOM   104 O  O   . LYS A 1 15 ? -0.783  3.670   6.730   1.00 9.33  ? 14  LYS A O   1 
ATOM   105 C  CB  . LYS A 1 15 ? -3.953  4.140   7.428   1.00 12.65 ? 14  LYS A CB  1 
ATOM   106 C  CG  . LYS A 1 15 ? -5.252  4.466   6.708   1.00 13.90 ? 14  LYS A CG  1 
ATOM   107 C  CD  . LYS A 1 15 ? -6.179  5.291   7.576   1.00 17.95 ? 14  LYS A CD  1 
ATOM   108 C  CE  . LYS A 1 15 ? -5.671  6.716   7.713   1.00 23.92 ? 14  LYS A CE  1 
ATOM   109 N  NZ  . LYS A 1 15 ? -6.727  7.633   8.231   1.00 30.68 ? 14  LYS A NZ  1 
ATOM   110 N  N   . GLU A 1 16 ? -1.529  2.384   8.415   1.00 9.25  ? 15  GLU A N   1 
ATOM   111 C  CA  . GLU A 1 16 ? -0.227  2.278   9.055   1.00 11.43 ? 15  GLU A CA  1 
ATOM   112 C  C   . GLU A 1 16 ? 0.748   1.558   8.120   1.00 11.53 ? 15  GLU A C   1 
ATOM   113 O  O   . GLU A 1 16 ? 1.913   1.938   7.997   1.00 16.19 ? 15  GLU A O   1 
ATOM   114 C  CB  . GLU A 1 16 ? -0.363  1.509   10.369  1.00 10.96 ? 15  GLU A CB  1 
ATOM   115 C  CG  . GLU A 1 16 ? 0.876   1.539   11.238  1.00 17.08 ? 15  GLU A CG  1 
ATOM   116 C  CD  . GLU A 1 16 ? 0.615   1.018   12.636  1.00 20.09 ? 15  GLU A CD  1 
ATOM   117 O  OE1 . GLU A 1 16 ? 0.572   -0.215  12.818  1.00 24.82 ? 15  GLU A OE1 1 
ATOM   118 O  OE2 . GLU A 1 16 ? 0.454   1.844   13.552  1.00 24.24 ? 15  GLU A OE2 1 
ATOM   119 N  N   . GLU A 1 17 ? 0.259   0.516   7.457   1.00 9.99  ? 16  GLU A N   1 
ATOM   120 C  CA  . GLU A 1 17 ? 1.071   -0.261  6.529   1.00 10.72 ? 16  GLU A CA  1 
ATOM   121 C  C   . GLU A 1 17 ? 1.476   0.603   5.337   1.00 12.15 ? 16  GLU A C   1 
ATOM   122 O  O   . GLU A 1 17 ? 2.621   0.566   4.888   1.00 12.80 ? 16  GLU A O   1 
ATOM   123 C  CB  . GLU A 1 17 ? 0.273   -1.466  6.036   1.00 15.34 ? 16  GLU A CB  1 
ATOM   124 C  CG  . GLU A 1 17 ? 1.109   -2.629  5.558   1.00 22.43 ? 16  GLU A CG  1 
ATOM   125 C  CD  . GLU A 1 17 ? 0.383   -3.948  5.716   1.00 28.30 ? 16  GLU A CD  1 
ATOM   126 O  OE1 . GLU A 1 17 ? -0.414  -4.077  6.666   1.00 29.64 ? 16  GLU A OE1 1 
ATOM   127 O  OE2 . GLU A 1 17 ? 0.607   -4.855  4.891   1.00 34.08 ? 16  GLU A OE2 1 
ATOM   128 N  N   . ILE A 1 18 ? 0.525   1.380   4.829   1.00 10.49 ? 17  ILE A N   1 
ATOM   129 C  CA  . ILE A 1 18 ? 0.777   2.254   3.691   1.00 10.93 ? 17  ILE A CA  1 
ATOM   130 C  C   . ILE A 1 18 ? 1.867   3.269   4.028   1.00 10.36 ? 17  ILE A C   1 
ATOM   131 O  O   . ILE A 1 18 ? 2.719   3.575   3.196   1.00 8.79  ? 17  ILE A O   1 
ATOM   132 C  CB  . ILE A 1 18 ? -0.520  2.988   3.272   1.00 10.69 ? 17  ILE A CB  1 
ATOM   133 C  CG1 . ILE A 1 18 ? -1.479  1.990   2.611   1.00 9.13  ? 17  ILE A CG1 1 
ATOM   134 C  CG2 . ILE A 1 18 ? -0.203  4.138   2.332   1.00 12.44 ? 17  ILE A CG2 1 
ATOM   135 C  CD1 . ILE A 1 18 ? -2.883  2.524   2.406   1.00 11.91 ? 17  ILE A CD1 1 
ATOM   136 N  N   . ALA A 1 19 ? 1.838   3.787   5.253   1.00 11.20 ? 18  ALA A N   1 
ATOM   137 C  CA  . ALA A 1 19 ? 2.835   4.755   5.697   1.00 10.85 ? 18  ALA A CA  1 
ATOM   138 C  C   . ALA A 1 19 ? 4.213   4.109   5.656   1.00 10.67 ? 18  ALA A C   1 
ATOM   139 O  O   . ALA A 1 19 ? 5.183   4.721   5.212   1.00 12.49 ? 18  ALA A O   1 
ATOM   140 C  CB  . ALA A 1 19 ? 2.517   5.228   7.115   1.00 10.56 ? 18  ALA A CB  1 
ATOM   141 N  N   . ALA A 1 20 ? 4.291   2.865   6.117   1.00 9.80  ? 19  ALA A N   1 
ATOM   142 C  CA  . ALA A 1 20 ? 5.553   2.137   6.119   1.00 11.67 ? 19  ALA A CA  1 
ATOM   143 C  C   . ALA A 1 20 ? 6.039   1.932   4.685   1.00 13.11 ? 19  ALA A C   1 
ATOM   144 O  O   . ALA A 1 20 ? 7.235   2.026   4.404   1.00 10.75 ? 19  ALA A O   1 
ATOM   145 C  CB  . ALA A 1 20 ? 5.379   0.794   6.811   1.00 10.67 ? 19  ALA A CB  1 
ATOM   146 N  N   . ILE A 1 21 ? 5.101   1.646   3.784   1.00 11.49 ? 20  ILE A N   1 
ATOM   147 C  CA  . ILE A 1 21 ? 5.418   1.434   2.374   1.00 11.14 ? 20  ILE A CA  1 
ATOM   148 C  C   . ILE A 1 21 ? 5.997   2.716   1.787   1.00 12.16 ? 20  ILE A C   1 
ATOM   149 O  O   . ILE A 1 21 ? 7.014   2.691   1.094   1.00 12.04 ? 20  ILE A O   1 
ATOM   150 C  CB  . ILE A 1 21 ? 4.150   1.022   1.577   1.00 8.62  ? 20  ILE A CB  1 
ATOM   151 C  CG1 . ILE A 1 21 ? 3.865   -0.464  1.804   1.00 12.09 ? 20  ILE A CG1 1 
ATOM   152 C  CG2 . ILE A 1 21 ? 4.339   1.299   0.086   1.00 8.30  ? 20  ILE A CG2 1 
ATOM   153 C  CD1 . ILE A 1 21 ? 2.440   -0.882  1.489   1.00 11.44 ? 20  ILE A CD1 1 
ATOM   154 N  N   . LYS A 1 22 ? 5.346   3.837   2.075   1.00 8.79  ? 21  LYS A N   1 
ATOM   155 C  CA  . LYS A 1 22 ? 5.799   5.128   1.579   1.00 11.59 ? 21  LYS A CA  1 
ATOM   156 C  C   . LYS A 1 22 ? 7.227   5.397   2.044   1.00 11.10 ? 21  LYS A C   1 
ATOM   157 O  O   . LYS A 1 22 ? 8.040   5.942   1.298   1.00 10.43 ? 21  LYS A O   1 
ATOM   158 C  CB  . LYS A 1 22 ? 4.871   6.237   2.078   1.00 15.08 ? 21  LYS A CB  1 
ATOM   159 C  CG  . LYS A 1 22 ? 3.578   6.381   1.286   1.00 16.40 ? 21  LYS A CG  1 
ATOM   160 C  CD  . LYS A 1 22 ? 2.738   7.526   1.841   1.00 18.72 ? 21  LYS A CD  1 
ATOM   161 C  CE  . LYS A 1 22 ? 1.525   7.814   0.973   1.00 21.34 ? 21  LYS A CE  1 
ATOM   162 N  NZ  . LYS A 1 22 ? 1.174   9.266   0.988   1.00 20.76 ? 21  LYS A NZ  1 
ATOM   163 N  N   . ASP A 1 23 ? 7.530   5.011   3.280   1.00 10.94 ? 22  ASP A N   1 
ATOM   164 C  CA  . ASP A 1 23 ? 8.863   5.213   3.828   1.00 13.41 ? 22  ASP A CA  1 
ATOM   165 C  C   . ASP A 1 23 ? 9.874   4.362   3.072   1.00 11.29 ? 22  ASP A C   1 
ATOM   166 O  O   . ASP A 1 23 ? 10.979  4.812   2.772   1.00 12.90 ? 22  ASP A O   1 
ATOM   167 C  CB  . ASP A 1 23 ? 8.891   4.844   5.311   1.00 15.64 ? 22  ASP A CB  1 
ATOM   168 C  CG  . ASP A 1 23 ? 8.277   5.915   6.184   1.00 22.10 ? 22  ASP A CG  1 
ATOM   169 O  OD1 . ASP A 1 23 ? 8.038   7.032   5.675   1.00 19.64 ? 22  ASP A OD1 1 
ATOM   170 O  OD2 . ASP A 1 23 ? 8.030   5.639   7.377   1.00 26.34 ? 22  ASP A OD2 1 
ATOM   171 N  N   . LYS A 1 24 ? 9.488   3.128   2.766   1.00 12.48 ? 23  LYS A N   1 
ATOM   172 C  CA  . LYS A 1 24 ? 10.370  2.222   2.044   1.00 13.69 ? 23  LYS A CA  1 
ATOM   173 C  C   . LYS A 1 24 ? 10.637  2.747   0.643   1.00 11.88 ? 23  LYS A C   1 
ATOM   174 O  O   . LYS A 1 24 ? 11.761  2.667   0.149   1.00 12.04 ? 23  LYS A O   1 
ATOM   175 C  CB  . LYS A 1 24 ? 9.754   0.823   1.964   1.00 16.47 ? 23  LYS A CB  1 
ATOM   176 C  CG  . LYS A 1 24 ? 9.915   0.005   3.238   1.00 21.31 ? 23  LYS A CG  1 
ATOM   177 C  CD  . LYS A 1 24 ? 11.357  -0.447  3.437   1.00 22.54 ? 23  LYS A CD  1 
ATOM   178 C  CE  . LYS A 1 24 ? 11.406  -1.804  4.124   1.00 28.05 ? 23  LYS A CE  1 
ATOM   179 N  NZ  . LYS A 1 24 ? 12.588  -1.950  5.020   1.00 29.49 ? 23  LYS A NZ  1 
ATOM   180 N  N   . ILE A 1 25 ? 9.605   3.283   0.001   1.00 10.11 ? 24  ILE A N   1 
ATOM   181 C  CA  . ILE A 1 25 ? 9.766   3.822   -1.343  1.00 8.84  ? 24  ILE A CA  1 
ATOM   182 C  C   . ILE A 1 25 ? 10.734  5.003   -1.338  1.00 9.25  ? 24  ILE A C   1 
ATOM   183 O  O   . ILE A 1 25 ? 11.556  5.141   -2.241  1.00 10.05 ? 24  ILE A O   1 
ATOM   184 C  CB  . ILE A 1 25 ? 8.414   4.274   -1.936  1.00 9.90  ? 24  ILE A CB  1 
ATOM   185 C  CG1 . ILE A 1 25 ? 7.559   3.047   -2.265  1.00 9.70  ? 24  ILE A CG1 1 
ATOM   186 C  CG2 . ILE A 1 25 ? 8.646   5.094   -3.208  1.00 9.51  ? 24  ILE A CG2 1 
ATOM   187 C  CD1 . ILE A 1 25 ? 6.161   3.382   -2.757  1.00 11.63 ? 24  ILE A CD1 1 
ATOM   188 N  N   . ALA A 1 26 ? 10.640  5.851   -0.317  1.00 9.92  ? 25  ALA A N   1 
ATOM   189 C  CA  . ALA A 1 26 ? 11.528  7.001   -0.214  1.00 11.07 ? 25  ALA A CA  1 
ATOM   190 C  C   . ALA A 1 26 ? 12.972  6.538   0.007   1.00 12.01 ? 25  ALA A C   1 
ATOM   191 O  O   . ALA A 1 26 ? 13.908  7.082   -0.582  1.00 10.57 ? 25  ALA A O   1 
ATOM   192 C  CB  . ALA A 1 26 ? 11.084  7.906   0.927   1.00 11.19 ? 25  ALA A CB  1 
ATOM   193 N  N   . ALA A 1 27 ? 13.150  5.527   0.851   1.00 9.38  ? 26  ALA A N   1 
ATOM   194 C  CA  . ALA A 1 27 ? 14.484  5.011   1.129   1.00 9.18  ? 26  ALA A CA  1 
ATOM   195 C  C   . ALA A 1 27 ? 15.085  4.359   -0.116  1.00 10.72 ? 26  ALA A C   1 
ATOM   196 O  O   . ALA A 1 27 ? 16.274  4.517   -0.400  1.00 11.30 ? 26  ALA A O   1 
ATOM   197 C  CB  . ALA A 1 27 ? 14.428  4.007   2.268   1.00 10.14 ? 26  ALA A CB  1 
ATOM   198 N  N   . ILE A 1 28 ? 14.265  3.623   -0.858  1.00 10.03 ? 27  ILE A N   1 
ATOM   199 C  CA  . ILE A 1 28 ? 14.747  2.965   -2.065  1.00 10.54 ? 27  ILE A CA  1 
ATOM   200 C  C   . ILE A 1 28 ? 15.126  4.005   -3.121  1.00 12.40 ? 27  ILE A C   1 
ATOM   201 O  O   . ILE A 1 28 ? 16.081  3.818   -3.879  1.00 11.62 ? 27  ILE A O   1 
ATOM   202 C  CB  . ILE A 1 28 ? 13.690  2.004   -2.642  1.00 5.80  ? 27  ILE A CB  1 
ATOM   203 C  CG1 . ILE A 1 28 ? 13.554  0.782   -1.733  1.00 6.14  ? 27  ILE A CG1 1 
ATOM   204 C  CG2 . ILE A 1 28 ? 14.102  1.554   -4.039  1.00 7.61  ? 27  ILE A CG2 1 
ATOM   205 C  CD1 . ILE A 1 28 ? 12.391  -0.128  -2.094  1.00 2.98  ? 27  ILE A CD1 1 
ATOM   206 N  N   . LYS A 1 29 ? 14.381  5.107   -3.160  1.00 11.20 ? 28  LYS A N   1 
ATOM   207 C  CA  . LYS A 1 29 ? 14.659  6.165   -4.118  1.00 11.21 ? 28  LYS A CA  1 
ATOM   208 C  C   . LYS A 1 29 ? 16.003  6.816   -3.806  1.00 12.55 ? 28  LYS A C   1 
ATOM   209 O  O   . LYS A 1 29 ? 16.696  7.291   -4.705  1.00 15.89 ? 28  LYS A O   1 
ATOM   210 C  CB  . LYS A 1 29 ? 13.549  7.215   -4.080  1.00 14.61 ? 28  LYS A CB  1 
ATOM   211 C  CG  . LYS A 1 29 ? 12.270  6.780   -4.778  1.00 18.32 ? 28  LYS A CG  1 
ATOM   212 C  CD  . LYS A 1 29 ? 11.264  7.921   -4.847  1.00 24.36 ? 28  LYS A CD  1 
ATOM   213 C  CE  . LYS A 1 29 ? 10.099  7.575   -5.756  1.00 28.80 ? 28  LYS A CE  1 
ATOM   214 N  NZ  . LYS A 1 29 ? 10.392  7.898   -7.180  1.00 30.95 ? 28  LYS A NZ  1 
ATOM   215 N  N   . GLU A 1 30 ? 16.371  6.843   -2.529  1.00 9.93  ? 29  GLU A N   1 
ATOM   216 C  CA  . GLU A 1 30 ? 17.644  7.427   -2.129  1.00 12.86 ? 29  GLU A CA  1 
ATOM   217 C  C   . GLU A 1 30 ? 18.773  6.550   -2.671  1.00 10.83 ? 29  GLU A C   1 
ATOM   218 O  O   . GLU A 1 30 ? 19.812  7.047   -3.104  1.00 8.42  ? 29  GLU A O   1 
ATOM   219 C  CB  . GLU A 1 30 ? 17.734  7.505   -0.604  1.00 17.43 ? 29  GLU A CB  1 
ATOM   220 C  CG  . GLU A 1 30 ? 16.833  8.562   0.016   1.00 27.67 ? 29  GLU A CG  1 
ATOM   221 C  CD  . GLU A 1 30 ? 17.395  9.126   1.309   1.00 32.69 ? 29  GLU A CD  1 
ATOM   222 O  OE1 . GLU A 1 30 ? 18.276  8.477   1.915   1.00 34.78 ? 29  GLU A OE1 1 
ATOM   223 O  OE2 . GLU A 1 30 ? 16.954  10.221  1.719   1.00 35.21 ? 29  GLU A OE2 1 
ATOM   224 N  N   . TYR A 1 31 ? 18.553  5.240   -2.636  1.00 9.30  ? 30  TYR A N   1 
ATOM   225 C  CA  . TYR A 1 31 ? 19.527  4.275   -3.131  1.00 10.89 ? 30  TYR A CA  1 
ATOM   226 C  C   . TYR A 1 31 ? 19.717  4.466   -4.639  1.00 12.37 ? 30  TYR A C   1 
ATOM   227 O  O   . TYR A 1 31 ? 20.840  4.428   -5.152  1.00 11.23 ? 30  TYR A O   1 
ATOM   228 C  CB  . TYR A 1 31 ? 19.039  2.853   -2.834  1.00 8.25  ? 30  TYR A CB  1 
ATOM   229 C  CG  . TYR A 1 31 ? 19.716  1.789   -3.661  1.00 8.82  ? 30  TYR A CG  1 
ATOM   230 C  CD1 . TYR A 1 31 ? 20.989  1.332   -3.330  1.00 8.41  ? 30  TYR A CD1 1 
ATOM   231 C  CD2 . TYR A 1 31 ? 19.094  1.259   -4.786  1.00 8.83  ? 30  TYR A CD2 1 
ATOM   232 C  CE1 . TYR A 1 31 ? 21.631  0.374   -4.105  1.00 12.36 ? 30  TYR A CE1 1 
ATOM   233 C  CE2 . TYR A 1 31 ? 19.726  0.302   -5.570  1.00 13.83 ? 30  TYR A CE2 1 
ATOM   234 C  CZ  . TYR A 1 31 ? 20.995  -0.138  -5.223  1.00 15.38 ? 30  TYR A CZ  1 
ATOM   235 O  OH  . TYR A 1 31 ? 21.627  -1.087  -5.993  1.00 16.83 ? 30  TYR A OH  1 
ATOM   236 N  N   . ILE A 1 32 ? 18.609  4.668   -5.344  1.00 12.45 ? 31  ILE A N   1 
ATOM   237 C  CA  . ILE A 1 32 ? 18.641  4.884   -6.787  1.00 13.34 ? 31  ILE A CA  1 
ATOM   238 C  C   . ILE A 1 32 ? 19.365  6.195   -7.083  1.00 14.16 ? 31  ILE A C   1 
ATOM   239 O  O   . ILE A 1 32 ? 20.149  6.289   -8.024  1.00 14.83 ? 31  ILE A O   1 
ATOM   240 C  CB  . ILE A 1 32 ? 17.211  4.950   -7.366  1.00 13.61 ? 31  ILE A CB  1 
ATOM   241 C  CG1 . ILE A 1 32 ? 16.578  3.556   -7.337  1.00 14.02 ? 31  ILE A CG1 1 
ATOM   242 C  CG2 . ILE A 1 32 ? 17.241  5.503   -8.787  1.00 15.64 ? 31  ILE A CG2 1 
ATOM   243 C  CD1 . ILE A 1 32 ? 15.103  3.541   -7.710  1.00 15.10 ? 31  ILE A CD1 1 
ATOM   244 N  N   . ALA A 1 33 ? 19.100  7.206   -6.265  1.00 14.32 ? 32  ALA A N   1 
ATOM   245 C  CA  . ALA A 1 33 ? 19.729  8.504   -6.443  1.00 16.65 ? 32  ALA A CA  1 
ATOM   246 C  C   . ALA A 1 33 ? 21.241  8.400   -6.264  1.00 16.66 ? 32  ALA A C   1 
ATOM   247 O  O   . ALA A 1 33 ? 22.004  9.107   -6.924  1.00 18.26 ? 32  ALA A O   1 
ATOM   248 C  CB  . ALA A 1 33 ? 19.149  9.507   -5.449  1.00 13.53 ? 32  ALA A CB  1 
ATOM   249 N  N   . ALA A 1 34 ? 21.673  7.512   -5.376  1.00 13.57 ? 33  ALA A N   1 
ATOM   250 C  CA  . ALA A 1 34 ? 23.094  7.340   -5.115  1.00 15.86 ? 33  ALA A CA  1 
ATOM   251 C  C   . ALA A 1 34 ? 23.811  6.668   -6.278  1.00 18.91 ? 33  ALA A C   1 
ATOM   252 O  O   . ALA A 1 34 ? 24.944  7.022   -6.603  1.00 19.84 ? 33  ALA A O   1 
ATOM   253 C  CB  . ALA A 1 34 ? 23.297  6.526   -3.837  1.00 15.14 ? 33  ALA A CB  1 
ATOM   254 N  N   . ILE A 1 35 ? 23.145  5.702   -6.901  1.00 19.42 ? 34  ILE A N   1 
ATOM   255 C  CA  . ILE A 1 35 ? 23.725  4.968   -8.021  1.00 21.89 ? 34  ILE A CA  1 
ATOM   256 C  C   . ILE A 1 35 ? 23.510  5.689   -9.347  1.00 23.39 ? 34  ILE A C   1 
ATOM   257 O  O   . ILE A 1 35 ? 24.131  5.353   -10.356 1.00 26.33 ? 34  ILE A O   1 
ATOM   258 C  CB  . ILE A 1 35 ? 23.120  3.543   -8.122  1.00 23.98 ? 34  ILE A CB  1 
ATOM   259 C  CG1 . ILE A 1 35 ? 21.598  3.628   -8.281  1.00 25.73 ? 34  ILE A CG1 1 
ATOM   260 C  CG2 . ILE A 1 35 ? 23.463  2.739   -6.870  1.00 21.79 ? 34  ILE A CG2 1 
ATOM   261 C  CD1 . ILE A 1 35 ? 20.938  2.316   -8.671  1.00 26.91 ? 34  ILE A CD1 1 
HETATM 262 N  N   . NH2 A 1 36 ? 22.628  6.682   -9.359  1.00 23.38 ? 35  NH2 A N   1 
HETATM 263 C  C   . ACE B 2 1  ? -23.503 5.972   8.316   1.00 21.16 ? 0   ACE B C   1 
HETATM 264 O  O   . ACE B 2 1  ? -22.735 5.679   7.373   1.00 22.07 ? 0   ACE B O   1 
HETATM 265 C  CH3 . ACE B 2 1  ? -24.660 5.056   8.697   1.00 20.43 ? 0   ACE B CH3 1 
ATOM   266 N  N   . GLU B 2 2  ? -23.150 6.767   9.322   1.00 19.17 ? 1   GLU B N   1 
ATOM   267 C  CA  . GLU B 2 2  ? -22.093 7.761   9.189   1.00 20.04 ? 1   GLU B CA  1 
ATOM   268 C  C   . GLU B 2 2  ? -20.716 7.108   9.271   1.00 18.97 ? 1   GLU B C   1 
ATOM   269 O  O   . GLU B 2 2  ? -19.809 7.455   8.518   1.00 17.13 ? 1   GLU B O   1 
ATOM   270 C  CB  . GLU B 2 2  ? -22.221 8.820   10.284  1.00 24.88 ? 1   GLU B CB  1 
ATOM   271 C  CG  . GLU B 2 2  ? -23.192 9.936   9.953   1.00 32.20 ? 1   GLU B CG  1 
ATOM   272 C  CD  . GLU B 2 2  ? -23.126 11.080  10.948  1.00 37.77 ? 1   GLU B CD  1 
ATOM   273 O  OE1 . GLU B 2 2  ? -22.112 11.814  10.944  1.00 41.66 ? 1   GLU B OE1 1 
ATOM   274 O  OE2 . GLU B 2 2  ? -24.088 11.245  11.732  1.00 40.72 ? 1   GLU B OE2 1 
ATOM   275 N  N   . LYS B 2 3  ? -20.568 6.158   10.189  1.00 15.30 ? 2   LYS B N   1 
ATOM   276 C  CA  . LYS B 2 3  ? -19.299 5.464   10.352  1.00 12.26 ? 2   LYS B CA  1 
ATOM   277 C  C   . LYS B 2 3  ? -18.976 4.663   9.095   1.00 14.14 ? 2   LYS B C   1 
ATOM   278 O  O   . LYS B 2 3  ? -17.820 4.599   8.670   1.00 15.69 ? 2   LYS B O   1 
ATOM   279 C  CB  . LYS B 2 3  ? -19.352 4.542   11.567  1.00 10.73 ? 2   LYS B CB  1 
ATOM   280 C  CG  . LYS B 2 3  ? -19.248 5.281   12.885  1.00 15.35 ? 2   LYS B CG  1 
ATOM   281 C  CD  . LYS B 2 3  ? -18.870 4.348   14.015  1.00 18.55 ? 2   LYS B CD  1 
ATOM   282 C  CE  . LYS B 2 3  ? -18.562 5.125   15.285  1.00 21.96 ? 2   LYS B CE  1 
ATOM   283 N  NZ  . LYS B 2 3  ? -18.996 4.379   16.496  1.00 27.12 ? 2   LYS B NZ  1 
ATOM   284 N  N   . ILE B 2 4  ? -20.000 4.058   8.498   1.00 11.05 ? 3   ILE B N   1 
ATOM   285 C  CA  . ILE B 2 4  ? -19.811 3.277   7.283   1.00 13.32 ? 3   ILE B CA  1 
ATOM   286 C  C   . ILE B 2 4  ? -19.370 4.223   6.168   1.00 15.35 ? 3   ILE B C   1 
ATOM   287 O  O   . ILE B 2 4  ? -18.508 3.893   5.355   1.00 14.96 ? 3   ILE B O   1 
ATOM   288 C  CB  . ILE B 2 4  ? -21.122 2.574   6.863   1.00 14.60 ? 3   ILE B CB  1 
ATOM   289 C  CG1 . ILE B 2 4  ? -21.402 1.400   7.803   1.00 10.51 ? 3   ILE B CG1 1 
ATOM   290 C  CG2 . ILE B 2 4  ? -21.022 2.082   5.421   1.00 10.57 ? 3   ILE B CG2 1 
ATOM   291 C  CD1 . ILE B 2 4  ? -22.842 0.966   7.794   1.00 14.92 ? 3   ILE B CD1 1 
ATOM   292 N  N   . ALA B 2 5  ? -19.969 5.407   6.147   1.00 15.86 ? 4   ALA B N   1 
ATOM   293 C  CA  . ALA B 2 5  ? -19.644 6.411   5.147   1.00 16.66 ? 4   ALA B CA  1 
ATOM   294 C  C   . ALA B 2 5  ? -18.214 6.900   5.357   1.00 14.59 ? 4   ALA B C   1 
ATOM   295 O  O   . ALA B 2 5  ? -17.484 7.133   4.395   1.00 16.28 ? 4   ALA B O   1 
ATOM   296 C  CB  . ALA B 2 5  ? -20.624 7.577   5.243   1.00 13.66 ? 4   ALA B CB  1 
ATOM   297 N  N   . ALA B 2 6  ? -17.816 7.050   6.616   1.00 15.53 ? 5   ALA B N   1 
ATOM   298 C  CA  . ALA B 2 6  ? -16.467 7.508   6.945   1.00 13.44 ? 5   ALA B CA  1 
ATOM   299 C  C   . ALA B 2 6  ? -15.435 6.481   6.481   1.00 15.73 ? 5   ALA B C   1 
ATOM   300 O  O   . ALA B 2 6  ? -14.371 6.835   5.970   1.00 15.36 ? 5   ALA B O   1 
ATOM   301 C  CB  . ALA B 2 6  ? -16.346 7.734   8.444   1.00 11.06 ? 5   ALA B CB  1 
ATOM   302 N  N   . ILE B 2 7  ? -15.756 5.206   6.657   1.00 12.13 ? 6   ILE B N   1 
ATOM   303 C  CA  . ILE B 2 7  ? -14.861 4.141   6.241   1.00 11.36 ? 6   ILE B CA  1 
ATOM   304 C  C   . ILE B 2 7  ? -14.758 4.149   4.720   1.00 11.82 ? 6   ILE B C   1 
ATOM   305 O  O   . ILE B 2 7  ? -13.668 4.049   4.163   1.00 11.31 ? 6   ILE B O   1 
ATOM   306 C  CB  . ILE B 2 7  ? -15.380 2.771   6.721   1.00 10.93 ? 6   ILE B CB  1 
ATOM   307 C  CG1 . ILE B 2 7  ? -15.347 2.719   8.255   1.00 11.95 ? 6   ILE B CG1 1 
ATOM   308 C  CG2 . ILE B 2 7  ? -14.525 1.650   6.146   1.00 7.30  ? 6   ILE B CG2 1 
ATOM   309 C  CD1 . ILE B 2 7  ? -16.200 1.624   8.854   1.00 9.80  ? 6   ILE B CD1 1 
ATOM   310 N  N   . LYS B 2 8  ? -15.903 4.284   4.060   1.00 13.92 ? 7   LYS B N   1 
ATOM   311 C  CA  . LYS B 2 8  ? -15.967 4.311   2.602   1.00 16.89 ? 7   LYS B CA  1 
ATOM   312 C  C   . LYS B 2 8  ? -15.183 5.482   2.012   1.00 15.74 ? 7   LYS B C   1 
ATOM   313 O  O   . LYS B 2 8  ? -14.572 5.350   0.952   1.00 17.98 ? 7   LYS B O   1 
ATOM   314 C  CB  . LYS B 2 8  ? -17.426 4.387   2.153   1.00 21.36 ? 7   LYS B CB  1 
ATOM   315 C  CG  . LYS B 2 8  ? -17.626 4.547   0.658   1.00 28.28 ? 7   LYS B CG  1 
ATOM   316 C  CD  . LYS B 2 8  ? -19.093 4.373   0.302   1.00 33.01 ? 7   LYS B CD  1 
ATOM   317 C  CE  . LYS B 2 8  ? -19.309 4.305   -1.199  1.00 37.26 ? 7   LYS B CE  1 
ATOM   318 N  NZ  . LYS B 2 8  ? -20.761 4.284   -1.526  1.00 42.95 ? 7   LYS B NZ  1 
ATOM   319 N  N   . GLU B 2 9  ? -15.208 6.627   2.692   1.00 17.84 ? 8   GLU B N   1 
ATOM   320 C  CA  . GLU B 2 9  ? -14.484 7.809   2.229   1.00 18.46 ? 8   GLU B CA  1 
ATOM   321 C  C   . GLU B 2 9  ? -12.992 7.519   2.343   1.00 19.04 ? 8   GLU B C   1 
ATOM   322 O  O   . GLU B 2 9  ? -12.214 7.836   1.443   1.00 15.82 ? 8   GLU B O   1 
ATOM   323 C  CB  . GLU B 2 9  ? -14.838 9.041   3.083   1.00 21.52 ? 8   GLU B CB  1 
ATOM   324 C  CG  . GLU B 2 9  ? -13.719 10.100  3.185   1.00 19.56 ? 8   GLU B CG  1 
ATOM   325 C  CD  . GLU B 2 9  ? -14.078 11.287  4.082   1.00 23.16 ? 8   GLU B CD  1 
ATOM   326 O  OE1 . GLU B 2 9  ? -14.979 11.151  4.938   1.00 22.63 ? 8   GLU B OE1 1 
ATOM   327 O  OE2 . GLU B 2 9  ? -13.452 12.364  3.932   1.00 19.93 ? 8   GLU B OE2 1 
ATOM   328 N  N   . GLU B 2 10 ? -12.606 6.903   3.455   1.00 16.66 ? 9   GLU B N   1 
ATOM   329 C  CA  . GLU B 2 10 ? -11.206 6.572   3.696   1.00 18.34 ? 9   GLU B CA  1 
ATOM   330 C  C   . GLU B 2 10 ? -10.672 5.547   2.698   1.00 15.00 ? 9   GLU B C   1 
ATOM   331 O  O   . GLU B 2 10 ? -9.495  5.575   2.342   1.00 15.93 ? 9   GLU B O   1 
ATOM   332 C  CB  . GLU B 2 10 ? -11.021 6.044   5.119   1.00 18.43 ? 9   GLU B CB  1 
ATOM   333 C  CG  . GLU B 2 10 ? -9.568  5.880   5.523   1.00 21.54 ? 9   GLU B CG  1 
ATOM   334 C  CD  . GLU B 2 10 ? -8.707  7.038   5.055   1.00 26.18 ? 9   GLU B CD  1 
ATOM   335 O  OE1 . GLU B 2 10 ? -9.077  8.200   5.329   1.00 25.76 ? 9   GLU B OE1 1 
ATOM   336 O  OE2 . GLU B 2 10 ? -7.664  6.787   4.414   1.00 27.97 ? 9   GLU B OE2 1 
ATOM   337 N  N   . GLN B 2 11 ? -11.535 4.643   2.250   1.00 11.03 ? 10  GLN B N   1 
ATOM   338 C  CA  . GLN B 2 11 ? -11.119 3.630   1.295   1.00 12.52 ? 10  GLN B CA  1 
ATOM   339 C  C   . GLN B 2 11 ? -10.829 4.268   -0.063  1.00 13.90 ? 10  GLN B C   1 
ATOM   340 O  O   . GLN B 2 11 ? -9.952  3.815   -0.795  1.00 11.81 ? 10  GLN B O   1 
ATOM   341 C  CB  . GLN B 2 11 ? -12.198 2.551   1.170   1.00 11.95 ? 10  GLN B CB  1 
ATOM   342 C  CG  . GLN B 2 11 ? -12.329 1.688   2.421   1.00 10.95 ? 10  GLN B CG  1 
ATOM   343 C  CD  . GLN B 2 11 ? -13.367 0.597   2.271   1.00 15.72 ? 10  GLN B CD  1 
ATOM   344 O  OE1 . GLN B 2 11 ? -14.401 0.795   1.637   1.00 14.58 ? 10  GLN B OE1 1 
ATOM   345 N  NE2 . GLN B 2 11 ? -13.098 -0.567  2.855   1.00 15.56 ? 10  GLN B NE2 1 
ATOM   346 N  N   . ALA B 2 12 ? -11.563 5.326   -0.394  1.00 14.61 ? 11  ALA B N   1 
ATOM   347 C  CA  . ALA B 2 12 ? -11.350 6.029   -1.656  1.00 14.73 ? 11  ALA B CA  1 
ATOM   348 C  C   . ALA B 2 12 ? -9.948  6.629   -1.631  1.00 13.52 ? 11  ALA B C   1 
ATOM   349 O  O   . ALA B 2 12 ? -9.184  6.501   -2.589  1.00 14.96 ? 11  ALA B O   1 
ATOM   350 C  CB  . ALA B 2 12 ? -12.386 7.133   -1.828  1.00 13.05 ? 11  ALA B CB  1 
ATOM   351 N  N   . ALA B 2 13 ? -9.621  7.286   -0.520  1.00 11.89 ? 12  ALA B N   1 
ATOM   352 C  CA  . ALA B 2 13 ? -8.315  7.908   -0.350  1.00 12.00 ? 12  ALA B CA  1 
ATOM   353 C  C   . ALA B 2 13 ? -7.201  6.861   -0.366  1.00 10.84 ? 12  ALA B C   1 
ATOM   354 O  O   . ALA B 2 13 ? -6.166  7.049   -1.005  1.00 9.58  ? 12  ALA B O   1 
ATOM   355 C  CB  . ALA B 2 13 ? -8.280  8.681   0.954   1.00 12.16 ? 12  ALA B CB  1 
ATOM   356 N  N   . ILE B 2 14 ? -7.424  5.757   0.339   1.00 11.94 ? 13  ILE B N   1 
ATOM   357 C  CA  . ILE B 2 14 ? -6.448  4.675   0.407   1.00 11.28 ? 13  ILE B CA  1 
ATOM   358 C  C   . ILE B 2 14 ? -6.207  4.080   -0.978  1.00 12.62 ? 13  ILE B C   1 
ATOM   359 O  O   . ILE B 2 14 ? -5.065  3.837   -1.368  1.00 8.54  ? 13  ILE B O   1 
ATOM   360 C  CB  . ILE B 2 14 ? -6.927  3.559   1.370   1.00 11.40 ? 13  ILE B CB  1 
ATOM   361 C  CG1 . ILE B 2 14 ? -6.705  4.003   2.817   1.00 11.39 ? 13  ILE B CG1 1 
ATOM   362 C  CG2 . ILE B 2 14 ? -6.185  2.254   1.091   1.00 10.88 ? 13  ILE B CG2 1 
ATOM   363 C  CD1 . ILE B 2 14 ? -7.400  3.125   3.849   1.00 10.35 ? 13  ILE B CD1 1 
ATOM   364 N  N   . GLU B 2 15 ? -7.282  3.844   -1.722  1.00 12.77 ? 14  GLU B N   1 
ATOM   365 C  CA  . GLU B 2 15 ? -7.154  3.279   -3.059  1.00 13.25 ? 14  GLU B CA  1 
ATOM   366 C  C   . GLU B 2 15 ? -6.406  4.249   -3.969  1.00 13.68 ? 14  GLU B C   1 
ATOM   367 O  O   . GLU B 2 15 ? -5.663  3.831   -4.856  1.00 14.06 ? 14  GLU B O   1 
ATOM   368 C  CB  . GLU B 2 15 ? -8.534  2.960   -3.637  1.00 17.47 ? 14  GLU B CB  1 
ATOM   369 C  CG  . GLU B 2 15 ? -9.119  1.639   -3.141  1.00 20.14 ? 14  GLU B CG  1 
ATOM   370 C  CD  . GLU B 2 15 ? -8.457  0.422   -3.777  1.00 23.15 ? 14  GLU B CD  1 
ATOM   371 O  OE1 . GLU B 2 15 ? -7.251  0.493   -4.099  1.00 22.10 ? 14  GLU B OE1 1 
ATOM   372 O  OE2 . GLU B 2 15 ? -9.145  -0.606  -3.956  1.00 24.37 ? 14  GLU B OE2 1 
ATOM   373 N  N   . GLU B 2 16 ? -6.600  5.545   -3.741  1.00 11.11 ? 15  GLU B N   1 
ATOM   374 C  CA  . GLU B 2 16 ? -5.915  6.556   -4.536  1.00 11.68 ? 15  GLU B CA  1 
ATOM   375 C  C   . GLU B 2 16 ? -4.414  6.478   -4.249  1.00 12.49 ? 15  GLU B C   1 
ATOM   376 O  O   . GLU B 2 16 ? -3.589  6.565   -5.158  1.00 12.99 ? 15  GLU B O   1 
ATOM   377 C  CB  . GLU B 2 16 ? -6.452  7.943   -4.197  1.00 10.42 ? 15  GLU B CB  1 
ATOM   378 N  N   . GLU B 2 17 ? -4.069  6.301   -2.978  1.00 9.32  ? 16  GLU B N   1 
ATOM   379 C  CA  . GLU B 2 17 ? -2.673  6.200   -2.564  1.00 11.00 ? 16  GLU B CA  1 
ATOM   380 C  C   . GLU B 2 17 ? -2.030  4.945   -3.142  1.00 9.47  ? 16  GLU B C   1 
ATOM   381 O  O   . GLU B 2 17 ? -0.876  4.970   -3.573  1.00 9.02  ? 16  GLU B O   1 
ATOM   382 C  CB  . GLU B 2 17 ? -2.571  6.130   -1.043  1.00 12.38 ? 16  GLU B CB  1 
ATOM   383 C  CG  . GLU B 2 17 ? -2.859  7.421   -0.325  1.00 15.77 ? 16  GLU B CG  1 
ATOM   384 C  CD  . GLU B 2 17 ? -2.629  7.285   1.162   1.00 20.50 ? 16  GLU B CD  1 
ATOM   385 O  OE1 . GLU B 2 17 ? -3.530  6.768   1.854   1.00 19.28 ? 16  GLU B OE1 1 
ATOM   386 O  OE2 . GLU B 2 17 ? -1.544  7.688   1.637   1.00 20.98 ? 16  GLU B OE2 1 
ATOM   387 N  N   . ILE B 2 18 ? -2.784  3.850   -3.131  1.00 8.25  ? 17  ILE B N   1 
ATOM   388 C  CA  . ILE B 2 18 ? -2.301  2.570   -3.636  1.00 9.42  ? 17  ILE B CA  1 
ATOM   389 C  C   . ILE B 2 18 ? -2.007  2.623   -5.132  1.00 10.73 ? 17  ILE B C   1 
ATOM   390 O  O   . ILE B 2 18 ? -1.028  2.041   -5.597  1.00 9.22  ? 17  ILE B O   1 
ATOM   391 C  CB  . ILE B 2 18 ? -3.324  1.443   -3.348  1.00 11.53 ? 17  ILE B CB  1 
ATOM   392 C  CG1 . ILE B 2 18 ? -3.253  1.053   -1.869  1.00 9.74  ? 17  ILE B CG1 1 
ATOM   393 C  CG2 . ILE B 2 18 ? -3.049  0.232   -4.231  1.00 10.08 ? 17  ILE B CG2 1 
ATOM   394 C  CD1 . ILE B 2 18 ? -4.374  0.142   -1.416  1.00 8.20  ? 17  ILE B CD1 1 
ATOM   395 N  N   . GLN B 2 19 ? -2.852  3.313   -5.891  1.00 9.55  ? 18  GLN B N   1 
ATOM   396 C  CA  . GLN B 2 19 ? -2.622  3.414   -7.325  1.00 12.46 ? 18  GLN B CA  1 
ATOM   397 C  C   . GLN B 2 19 ? -1.354  4.224   -7.574  1.00 9.21  ? 18  GLN B C   1 
ATOM   398 O  O   . GLN B 2 19 ? -0.590  3.927   -8.493  1.00 10.57 ? 18  GLN B O   1 
ATOM   399 C  CB  . GLN B 2 19 ? -3.821  4.062   -8.017  1.00 14.88 ? 18  GLN B CB  1 
ATOM   400 C  CG  . GLN B 2 19 ? -5.139  3.303   -7.839  1.00 23.73 ? 18  GLN B CG  1 
ATOM   401 C  CD  . GLN B 2 19 ? -4.970  1.786   -7.800  1.00 27.89 ? 18  GLN B CD  1 
ATOM   402 O  OE1 . GLN B 2 19 ? -4.267  1.206   -8.626  1.00 27.96 ? 18  GLN B OE1 1 
ATOM   403 N  NE2 . GLN B 2 19 ? -5.624  1.142   -6.838  1.00 29.21 ? 18  GLN B NE2 1 
ATOM   404 N  N   . ALA B 2 20 ? -1.127  5.240   -6.746  1.00 9.28  ? 19  ALA B N   1 
ATOM   405 C  CA  . ALA B 2 20 ? 0.065   6.076   -6.867  1.00 10.05 ? 19  ALA B CA  1 
ATOM   406 C  C   . ALA B 2 20 ? 1.297   5.260   -6.486  1.00 11.95 ? 19  ALA B C   1 
ATOM   407 O  O   . ALA B 2 20 ? 2.363   5.401   -7.091  1.00 14.51 ? 19  ALA B O   1 
ATOM   408 C  CB  . ALA B 2 20 ? -0.051  7.297   -5.964  1.00 11.65 ? 19  ALA B CB  1 
ATOM   409 N  N   . ILE B 2 21 ? 1.142   4.405   -5.479  1.00 10.16 ? 20  ILE B N   1 
ATOM   410 C  CA  . ILE B 2 21 ? 2.237   3.562   -5.027  1.00 7.18  ? 20  ILE B CA  1 
ATOM   411 C  C   . ILE B 2 21 ? 2.587   2.544   -6.108  1.00 7.82  ? 20  ILE B C   1 
ATOM   412 O  O   . ILE B 2 21 ? 3.761   2.241   -6.330  1.00 8.62  ? 20  ILE B O   1 
ATOM   413 C  CB  . ILE B 2 21 ? 1.872   2.835   -3.717  1.00 6.89  ? 20  ILE B CB  1 
ATOM   414 C  CG1 . ILE B 2 21 ? 2.029   3.804   -2.539  1.00 6.47  ? 20  ILE B CG1 1 
ATOM   415 C  CG2 . ILE B 2 21 ? 2.783   1.636   -3.504  1.00 8.03  ? 20  ILE B CG2 1 
ATOM   416 C  CD1 . ILE B 2 21 ? 1.420   3.309   -1.239  1.00 8.42  ? 20  ILE B CD1 1 
ATOM   417 N  N   . LYS B 2 22 ? 1.565   2.029   -6.783  1.00 7.64  ? 21  LYS B N   1 
ATOM   418 C  CA  . LYS B 2 22 ? 1.761   1.051   -7.851  1.00 9.61  ? 21  LYS B CA  1 
ATOM   419 C  C   . LYS B 2 22 ? 2.687   1.621   -8.921  1.00 11.72 ? 21  LYS B C   1 
ATOM   420 O  O   . LYS B 2 22 ? 3.567   0.923   -9.436  1.00 11.48 ? 21  LYS B O   1 
ATOM   421 C  CB  . LYS B 2 22 ? 0.419   0.693   -8.493  1.00 10.72 ? 21  LYS B CB  1 
ATOM   422 C  CG  . LYS B 2 22 ? -0.308  -0.453  -7.827  1.00 10.97 ? 21  LYS B CG  1 
ATOM   423 C  CD  . LYS B 2 22 ? -1.713  -0.597  -8.381  1.00 9.65  ? 21  LYS B CD  1 
ATOM   424 C  CE  . LYS B 2 22 ? -2.446  -1.737  -7.700  1.00 14.27 ? 21  LYS B CE  1 
ATOM   425 N  NZ  . LYS B 2 22 ? -3.767  -2.004  -8.326  1.00 11.57 ? 21  LYS B NZ  1 
ATOM   426 N  N   . GLU B 2 23 ? 2.483   2.895   -9.247  1.00 9.55  ? 22  GLU B N   1 
ATOM   427 C  CA  . GLU B 2 23 ? 3.287   3.569   -10.258 1.00 10.45 ? 22  GLU B CA  1 
ATOM   428 C  C   . GLU B 2 23 ? 4.696   3.836   -9.748  1.00 12.08 ? 22  GLU B C   1 
ATOM   429 O  O   . GLU B 2 23 ? 5.661   3.803   -10.515 1.00 13.59 ? 22  GLU B O   1 
ATOM   430 C  CB  . GLU B 2 23 ? 2.629   4.889   -10.659 1.00 16.75 ? 22  GLU B CB  1 
ATOM   431 C  CG  . GLU B 2 23 ? 1.511   4.740   -11.677 1.00 21.89 ? 22  GLU B CG  1 
ATOM   432 C  CD  . GLU B 2 23 ? 0.538   5.899   -11.636 1.00 26.60 ? 22  GLU B CD  1 
ATOM   433 O  OE1 . GLU B 2 23 ? 0.993   7.054   -11.520 1.00 30.49 ? 22  GLU B OE1 1 
ATOM   434 O  OE2 . GLU B 2 23 ? -0.683  5.656   -11.719 1.00 34.72 ? 22  GLU B OE2 1 
ATOM   435 N  N   . GLU B 2 24 ? 4.814   4.108   -8.452  1.00 10.93 ? 23  GLU B N   1 
ATOM   436 C  CA  . GLU B 2 24 ? 6.116   4.374   -7.851  1.00 10.47 ? 23  GLU B CA  1 
ATOM   437 C  C   . GLU B 2 24 ? 6.968   3.109   -7.861  1.00 10.49 ? 23  GLU B C   1 
ATOM   438 O  O   . GLU B 2 24 ? 8.171   3.159   -8.126  1.00 11.14 ? 23  GLU B O   1 
ATOM   439 C  CB  . GLU B 2 24 ? 5.942   4.882   -6.420  1.00 10.76 ? 23  GLU B CB  1 
ATOM   440 C  CG  . GLU B 2 24 ? 5.516   6.338   -6.349  1.00 18.60 ? 23  GLU B CG  1 
ATOM   441 C  CD  . GLU B 2 24 ? 4.906   6.710   -5.012  1.00 24.04 ? 23  GLU B CD  1 
ATOM   442 O  OE1 . GLU B 2 24 ? 4.858   5.842   -4.116  1.00 23.00 ? 23  GLU B OE1 1 
ATOM   443 O  OE2 . GLU B 2 24 ? 4.475   7.873   -4.859  1.00 28.54 ? 23  GLU B OE2 1 
ATOM   444 N  N   . ILE B 2 25 ? 6.337   1.974   -7.576  1.00 10.61 ? 24  ILE B N   1 
ATOM   445 C  CA  . ILE B 2 25 ? 7.038   0.694   -7.562  1.00 12.25 ? 24  ILE B CA  1 
ATOM   446 C  C   . ILE B 2 25 ? 7.530   0.368   -8.973  1.00 12.41 ? 24  ILE B C   1 
ATOM   447 O  O   . ILE B 2 25 ? 8.664   -0.079  -9.161  1.00 10.64 ? 24  ILE B O   1 
ATOM   448 C  CB  . ILE B 2 25 ? 6.111   -0.446  -7.074  1.00 11.75 ? 24  ILE B CB  1 
ATOM   449 C  CG1 . ILE B 2 25 ? 5.737   -0.224  -5.606  1.00 13.87 ? 24  ILE B CG1 1 
ATOM   450 C  CG2 . ILE B 2 25 ? 6.796   -1.796  -7.266  1.00 11.78 ? 24  ILE B CG2 1 
ATOM   451 C  CD1 . ILE B 2 25 ? 6.899   -0.329  -4.642  1.00 19.99 ? 24  ILE B CD1 1 
ATOM   452 N  N   . ALA B 2 26 ? 6.665   0.596   -9.958  1.00 11.25 ? 25  ALA B N   1 
ATOM   453 C  CA  . ALA B 2 26 ? 7.002   0.340   -11.353 1.00 10.41 ? 25  ALA B CA  1 
ATOM   454 C  C   . ALA B 2 26 ? 8.170   1.225   -11.774 1.00 10.24 ? 25  ALA B C   1 
ATOM   455 O  O   . ALA B 2 26 ? 9.076   0.777   -12.468 1.00 9.63  ? 25  ALA B O   1 
ATOM   456 C  CB  . ALA B 2 26 ? 5.795   0.612   -12.241 1.00 10.49 ? 25  ALA B CB  1 
ATOM   457 N  N   . ALA B 2 27 ? 8.141   2.482   -11.341 1.00 11.03 ? 26  ALA B N   1 
ATOM   458 C  CA  . ALA B 2 27 ? 9.198   3.429   -11.668 1.00 9.92  ? 26  ALA B CA  1 
ATOM   459 C  C   . ALA B 2 27 ? 10.514  2.969   -11.056 1.00 11.98 ? 26  ALA B C   1 
ATOM   460 O  O   . ALA B 2 27 ? 11.565  3.058   -11.684 1.00 11.70 ? 26  ALA B O   1 
ATOM   461 C  CB  . ALA B 2 27 ? 8.837   4.810   -11.149 1.00 8.56  ? 26  ALA B CB  1 
ATOM   462 N  N   . ILE B 2 28 ? 10.450  2.477   -9.823  1.00 9.57  ? 27  ILE B N   1 
ATOM   463 C  CA  . ILE B 2 28 ? 11.641  2.002   -9.130  1.00 11.36 ? 27  ILE B CA  1 
ATOM   464 C  C   . ILE B 2 28 ? 12.284  0.844   -9.893  1.00 11.96 ? 27  ILE B C   1 
ATOM   465 O  O   . ILE B 2 28 ? 13.504  0.805   -10.069 1.00 11.46 ? 27  ILE B O   1 
ATOM   466 C  CB  . ILE B 2 28 ? 11.298  1.547   -7.687  1.00 11.77 ? 27  ILE B CB  1 
ATOM   467 C  CG1 . ILE B 2 28 ? 11.198  2.774   -6.776  1.00 9.22  ? 27  ILE B CG1 1 
ATOM   468 C  CG2 . ILE B 2 28 ? 12.361  0.581   -7.162  1.00 10.56 ? 27  ILE B CG2 1 
ATOM   469 C  CD1 . ILE B 2 28 ? 10.675  2.466   -5.385  1.00 13.97 ? 27  ILE B CD1 1 
ATOM   470 N  N   . LYS B 2 29 ? 11.459  -0.096  -10.349 1.00 11.32 ? 28  LYS B N   1 
ATOM   471 C  CA  . LYS B 2 29 ? 11.958  -1.247  -11.093 1.00 14.86 ? 28  LYS B CA  1 
ATOM   472 C  C   . LYS B 2 29 ? 12.559  -0.820  -12.432 1.00 13.92 ? 28  LYS B C   1 
ATOM   473 O  O   . LYS B 2 29 ? 13.573  -1.365  -12.874 1.00 12.09 ? 28  LYS B O   1 
ATOM   474 C  CB  . LYS B 2 29 ? 10.827  -2.250  -11.317 1.00 16.62 ? 28  LYS B CB  1 
ATOM   475 C  CG  . LYS B 2 29 ? 10.138  -2.661  -10.029 1.00 21.07 ? 28  LYS B CG  1 
ATOM   476 C  CD  . LYS B 2 29 ? 8.805   -3.334  -10.296 1.00 28.30 ? 28  LYS B CD  1 
ATOM   477 C  CE  . LYS B 2 29 ? 8.840   -4.786  -9.861  1.00 33.36 ? 28  LYS B CE  1 
ATOM   478 N  NZ  . LYS B 2 29 ? 10.233  -5.325  -9.873  1.00 37.10 ? 28  LYS B NZ  1 
ATOM   479 N  N   . TYR B 2 30 ? 11.930  0.157   -13.078 1.00 10.83 ? 29  TYR B N   1 
ATOM   480 C  CA  . TYR B 2 30 ? 12.428  0.652   -14.353 1.00 11.85 ? 29  TYR B CA  1 
ATOM   481 C  C   . TYR B 2 30 ? 13.817  1.251   -14.142 1.00 11.99 ? 29  TYR B C   1 
ATOM   482 O  O   . TYR B 2 30 ? 14.756  0.941   -14.876 1.00 12.26 ? 29  TYR B O   1 
ATOM   483 C  CB  . TYR B 2 30 ? 11.489  1.727   -14.921 1.00 9.71  ? 29  TYR B CB  1 
ATOM   484 C  CG  . TYR B 2 30 ? 12.077  2.497   -16.087 1.00 8.50  ? 29  TYR B CG  1 
ATOM   485 C  CD1 . TYR B 2 30 ? 11.955  2.020   -17.393 1.00 10.62 ? 29  TYR B CD1 1 
ATOM   486 C  CD2 . TYR B 2 30 ? 12.794  3.678   -15.883 1.00 9.48  ? 29  TYR B CD2 1 
ATOM   487 C  CE1 . TYR B 2 30 ? 12.539  2.694   -18.467 1.00 8.40  ? 29  TYR B CE1 1 
ATOM   488 C  CE2 . TYR B 2 30 ? 13.383  4.359   -16.951 1.00 11.41 ? 29  TYR B CE2 1 
ATOM   489 C  CZ  . TYR B 2 30 ? 13.252  3.858   -18.237 1.00 10.44 ? 29  TYR B CZ  1 
ATOM   490 O  OH  . TYR B 2 30 ? 13.860  4.500   -19.291 1.00 15.35 ? 29  TYR B OH  1 
ATOM   491 N  N   . LEU B 2 31 ? 13.936  2.106   -13.129 1.00 10.81 ? 30  LEU B N   1 
ATOM   492 C  CA  . LEU B 2 31 ? 15.199  2.770   -12.825 1.00 15.03 ? 30  LEU B CA  1 
ATOM   493 C  C   . LEU B 2 31 ? 16.301  1.795   -12.421 1.00 18.65 ? 30  LEU B C   1 
ATOM   494 O  O   . LEU B 2 31 ? 17.450  1.943   -12.840 1.00 19.50 ? 30  LEU B O   1 
ATOM   495 C  CB  . LEU B 2 31 ? 14.994  3.810   -11.721 1.00 13.74 ? 30  LEU B CB  1 
ATOM   496 C  CG  . LEU B 2 31 ? 14.076  4.986   -12.076 1.00 16.77 ? 30  LEU B CG  1 
ATOM   497 C  CD1 . LEU B 2 31 ? 13.953  5.920   -10.883 1.00 18.22 ? 30  LEU B CD1 1 
ATOM   498 C  CD2 . LEU B 2 31 ? 14.627  5.739   -13.278 1.00 18.89 ? 30  LEU B CD2 1 
ATOM   499 N  N   . ILE B 2 32 ? 15.951  0.800   -11.611 1.00 18.76 ? 31  ILE B N   1 
ATOM   500 C  CA  . ILE B 2 32 ? 16.922  -0.192  -11.163 1.00 21.46 ? 31  ILE B CA  1 
ATOM   501 C  C   . ILE B 2 32 ? 17.469  -0.957  -12.365 1.00 22.39 ? 31  ILE B C   1 
ATOM   502 O  O   . ILE B 2 32 ? 18.665  -1.237  -12.445 1.00 24.49 ? 31  ILE B O   1 
ATOM   503 C  CB  . ILE B 2 32 ? 16.281  -1.198  -10.166 1.00 22.82 ? 31  ILE B CB  1 
ATOM   504 C  CG1 . ILE B 2 32 ? 15.954  -0.497  -8.843  1.00 25.31 ? 31  ILE B CG1 1 
ATOM   505 C  CG2 . ILE B 2 32 ? 17.225  -2.363  -9.911  1.00 23.19 ? 31  ILE B CG2 1 
ATOM   506 C  CD1 . ILE B 2 32 ? 17.095  0.325   -8.272  1.00 25.04 ? 31  ILE B CD1 1 
ATOM   507 N  N   . ALA B 2 33 ? 16.587  -1.286  -13.303 1.00 21.11 ? 32  ALA B N   1 
ATOM   508 C  CA  . ALA B 2 33 ? 16.977  -2.018  -14.500 1.00 21.18 ? 32  ALA B CA  1 
ATOM   509 C  C   . ALA B 2 33 ? 17.857  -1.166  -15.409 1.00 23.71 ? 32  ALA B C   1 
ATOM   510 O  O   . ALA B 2 33 ? 18.829  -1.658  -15.983 1.00 25.64 ? 32  ALA B O   1 
ATOM   511 C  CB  . ALA B 2 33 ? 15.740  -2.475  -15.254 1.00 21.63 ? 32  ALA B CB  1 
ATOM   512 N  N   . GLN B 2 34 ? 17.519  0.112   -15.534 1.00 25.35 ? 33  GLN B N   1 
ATOM   513 C  CA  . GLN B 2 34 ? 18.286  1.016   -16.383 1.00 27.83 ? 33  GLN B CA  1 
ATOM   514 C  C   . GLN B 2 34 ? 19.717  1.181   -15.885 1.00 30.98 ? 33  GLN B C   1 
ATOM   515 O  O   . GLN B 2 34 ? 20.666  0.855   -16.596 1.00 33.20 ? 33  GLN B O   1 
ATOM   516 C  CB  . GLN B 2 34 ? 17.599  2.381   -16.463 1.00 25.86 ? 33  GLN B CB  1 
ATOM   517 C  CG  . GLN B 2 34 ? 16.432  2.421   -17.440 1.00 28.09 ? 33  GLN B CG  1 
ATOM   518 C  CD  . GLN B 2 34 ? 16.832  2.017   -18.847 1.00 29.05 ? 33  GLN B CD  1 
ATOM   519 O  OE1 . GLN B 2 34 ? 17.578  2.728   -19.516 1.00 34.11 ? 33  GLN B OE1 1 
ATOM   520 N  NE2 . GLN B 2 34 ? 16.336  0.870   -19.302 1.00 28.71 ? 33  GLN B NE2 1 
ATOM   521 N  N   . ILE B 2 35 ? 19.874  1.685   -14.663 1.00 34.30 ? 34  ILE B N   1 
ATOM   522 C  CA  . ILE B 2 35 ? 21.203  1.881   -14.093 1.00 36.61 ? 34  ILE B CA  1 
ATOM   523 C  C   . ILE B 2 35 ? 21.797  0.545   -13.661 1.00 38.11 ? 34  ILE B C   1 
ATOM   524 O  O   . ILE B 2 35 ? 23.006  0.420   -13.458 1.00 40.40 ? 34  ILE B O   1 
ATOM   525 C  CB  . ILE B 2 35 ? 21.163  2.826   -12.871 1.00 37.30 ? 34  ILE B CB  1 
ATOM   526 C  CG1 . ILE B 2 35 ? 20.336  4.069   -13.196 1.00 39.99 ? 34  ILE B CG1 1 
ATOM   527 C  CG2 . ILE B 2 35 ? 22.574  3.251   -12.494 1.00 38.73 ? 34  ILE B CG2 1 
ATOM   528 C  CD1 . ILE B 2 35 ? 19.808  4.787   -11.969 1.00 39.63 ? 34  ILE B CD1 1 
HETATM 529 N  N   . NH2 B 2 36 ? 20.955  -0.470  -13.524 1.00 39.78 ? 35  NH2 B N   1 
HETATM 530 C  C   . ACE C 3 1  ? -24.956 -6.524  5.279   1.00 40.48 ? 0   ACE C C   1 
HETATM 531 O  O   . ACE C 3 1  ? -23.894 -6.416  4.633   1.00 41.70 ? 0   ACE C O   1 
HETATM 532 C  CH3 . ACE C 3 1  ? -24.958 -7.080  6.699   1.00 40.76 ? 0   ACE C CH3 1 
ATOM   533 N  N   . ALA C 3 2  ? -26.103 -5.972  4.888   1.00 37.48 ? 1   ALA C N   1 
ATOM   534 C  CA  . ALA C 3 2  ? -26.275 -5.416  3.551   1.00 34.42 ? 1   ALA C CA  1 
ATOM   535 C  C   . ALA C 3 2  ? -25.675 -4.017  3.458   1.00 33.71 ? 1   ALA C C   1 
ATOM   536 O  O   . ALA C 3 2  ? -25.270 -3.575  2.384   1.00 34.18 ? 1   ALA C O   1 
ATOM   537 C  CB  . ALA C 3 2  ? -27.756 -5.372  3.193   1.00 34.67 ? 1   ALA C CB  1 
ATOM   538 N  N   . GLU C 3 3  ? -25.619 -3.324  4.590   1.00 32.85 ? 2   GLU C N   1 
ATOM   539 C  CA  . GLU C 3 3  ? -25.073 -1.973  4.626   1.00 31.59 ? 2   GLU C CA  1 
ATOM   540 C  C   . GLU C 3 3  ? -23.563 -1.968  4.850   1.00 29.32 ? 2   GLU C C   1 
ATOM   541 O  O   . GLU C 3 3  ? -22.917 -0.935  4.713   1.00 30.83 ? 2   GLU C O   1 
ATOM   542 C  CB  . GLU C 3 3  ? -25.759 -1.167  5.719   1.00 31.18 ? 2   GLU C CB  1 
ATOM   543 N  N   . ILE C 3 4  ? -23.007 -3.131  5.176   1.00 28.35 ? 3   ILE C N   1 
ATOM   544 C  CA  . ILE C 3 4  ? -21.577 -3.252  5.445   1.00 25.10 ? 3   ILE C CA  1 
ATOM   545 C  C   . ILE C 3 4  ? -20.799 -4.019  4.375   1.00 22.99 ? 3   ILE C C   1 
ATOM   546 O  O   . ILE C 3 4  ? -19.612 -3.784  4.172   1.00 19.48 ? 3   ILE C O   1 
ATOM   547 C  CB  . ILE C 3 4  ? -21.340 -3.952  6.805   1.00 26.30 ? 3   ILE C CB  1 
ATOM   548 C  CG1 . ILE C 3 4  ? -22.265 -3.350  7.865   1.00 30.01 ? 3   ILE C CG1 1 
ATOM   549 C  CG2 . ILE C 3 4  ? -19.882 -3.825  7.214   1.00 30.81 ? 3   ILE C CG2 1 
ATOM   550 C  CD1 . ILE C 3 4  ? -21.779 -2.040  8.435   1.00 30.25 ? 3   ILE C CD1 1 
ATOM   551 N  N   . ALA C 3 5  ? -21.476 -4.939  3.699   1.00 19.32 ? 4   ALA C N   1 
ATOM   552 C  CA  . ALA C 3 5  ? -20.841 -5.761  2.670   1.00 17.94 ? 4   ALA C CA  1 
ATOM   553 C  C   . ALA C 3 5  ? -19.983 -4.982  1.670   1.00 16.93 ? 4   ALA C C   1 
ATOM   554 O  O   . ALA C 3 5  ? -18.927 -5.452  1.256   1.00 18.06 ? 4   ALA C O   1 
ATOM   555 C  CB  . ALA C 3 5  ? -21.909 -6.568  1.929   1.00 19.00 ? 4   ALA C CB  1 
ATOM   556 N  N   . ALA C 3 6  ? -20.433 -3.792  1.292   1.00 18.01 ? 5   ALA C N   1 
ATOM   557 C  CA  . ALA C 3 6  ? -19.695 -2.968  0.331   1.00 16.57 ? 5   ALA C CA  1 
ATOM   558 C  C   . ALA C 3 6  ? -18.292 -2.593  0.807   1.00 17.98 ? 5   ALA C C   1 
ATOM   559 O  O   . ALA C 3 6  ? -17.313 -2.728  0.061   1.00 13.99 ? 5   ALA C O   1 
ATOM   560 C  CB  . ALA C 3 6  ? -20.488 -1.713  0.009   1.00 20.46 ? 5   ALA C CB  1 
ATOM   561 N  N   . ILE C 3 7  ? -18.188 -2.111  2.044   1.00 15.59 ? 6   ILE C N   1 
ATOM   562 C  CA  . ILE C 3 7  ? -16.890 -1.720  2.585   1.00 15.48 ? 6   ILE C CA  1 
ATOM   563 C  C   . ILE C 3 7  ? -16.089 -2.949  2.969   1.00 13.85 ? 6   ILE C C   1 
ATOM   564 O  O   . ILE C 3 7  ? -14.867 -2.877  3.133   1.00 12.40 ? 6   ILE C O   1 
ATOM   565 C  CB  . ILE C 3 7  ? -17.031 -0.807  3.816   1.00 14.23 ? 6   ILE C CB  1 
ATOM   566 C  CG1 . ILE C 3 7  ? -18.007 -1.432  4.823   1.00 17.20 ? 6   ILE C CG1 1 
ATOM   567 C  CG2 . ILE C 3 7  ? -17.504 0.569   3.376   1.00 11.21 ? 6   ILE C CG2 1 
ATOM   568 C  CD1 . ILE C 3 7  ? -18.074 -0.693  6.151   1.00 16.67 ? 6   ILE C CD1 1 
ATOM   569 N  N   . LYS C 3 8  ? -16.763 -4.082  3.123   1.00 15.24 ? 7   LYS C N   1 
ATOM   570 C  CA  . LYS C 3 8  ? -16.057 -5.300  3.465   1.00 15.17 ? 7   LYS C CA  1 
ATOM   571 C  C   . LYS C 3 8  ? -15.341 -5.812  2.222   1.00 14.61 ? 7   LYS C C   1 
ATOM   572 O  O   . LYS C 3 8  ? -14.193 -6.256  2.280   1.00 13.78 ? 7   LYS C O   1 
ATOM   573 C  CB  . LYS C 3 8  ? -17.029 -6.360  3.970   1.00 19.40 ? 7   LYS C CB  1 
ATOM   574 C  CG  . LYS C 3 8  ? -17.242 -6.309  5.468   1.00 22.67 ? 7   LYS C CG  1 
ATOM   575 C  CD  . LYS C 3 8  ? -17.659 -7.659  6.029   1.00 28.96 ? 7   LYS C CD  1 
ATOM   576 C  CE  . LYS C 3 8  ? -18.506 -7.456  7.274   1.00 36.41 ? 7   LYS C CE  1 
ATOM   577 N  NZ  . LYS C 3 8  ? -19.376 -8.632  7.595   1.00 36.24 ? 7   LYS C NZ  1 
ATOM   578 N  N   . TYR C 3 9  ? -16.027 -5.719  1.084   1.00 14.10 ? 8   TYR C N   1 
ATOM   579 C  CA  . TYR C 3 9  ? -15.467 -6.198  -0.173  1.00 14.32 ? 8   TYR C CA  1 
ATOM   580 C  C   . TYR C 3 9  ? -14.240 -5.366  -0.510  1.00 13.08 ? 8   TYR C C   1 
ATOM   581 O  O   . TYR C 3 9  ? -13.200 -5.897  -0.894  1.00 12.05 ? 8   TYR C O   1 
ATOM   582 C  CB  . TYR C 3 9  ? -16.503 -6.097  -1.305  1.00 15.20 ? 8   TYR C CB  1 
ATOM   583 C  CG  . TYR C 3 9  ? -15.933 -6.439  -2.668  1.00 13.86 ? 8   TYR C CG  1 
ATOM   584 C  CD1 . TYR C 3 9  ? -15.245 -5.482  -3.415  1.00 15.14 ? 8   TYR C CD1 1 
ATOM   585 C  CD2 . TYR C 3 9  ? -16.036 -7.733  -3.189  1.00 17.15 ? 8   TYR C CD2 1 
ATOM   586 C  CE1 . TYR C 3 9  ? -14.672 -5.798  -4.642  1.00 14.15 ? 8   TYR C CE1 1 
ATOM   587 C  CE2 . TYR C 3 9  ? -15.466 -8.060  -4.419  1.00 13.67 ? 8   TYR C CE2 1 
ATOM   588 C  CZ  . TYR C 3 9  ? -14.786 -7.084  -5.136  1.00 15.83 ? 8   TYR C CZ  1 
ATOM   589 O  OH  . TYR C 3 9  ? -14.210 -7.394  -6.338  1.00 15.40 ? 8   TYR C OH  1 
ATOM   590 N  N   . LYS C 3 10 ? -14.386 -4.052  -0.348  1.00 11.60 ? 9   LYS C N   1 
ATOM   591 C  CA  . LYS C 3 10 ? -13.305 -3.115  -0.631  1.00 13.64 ? 9   LYS C CA  1 
ATOM   592 C  C   . LYS C 3 10 ? -12.107 -3.310  0.299   1.00 11.20 ? 9   LYS C C   1 
ATOM   593 O  O   . LYS C 3 10 ? -10.963 -3.204  -0.133  1.00 10.70 ? 9   LYS C O   1 
ATOM   594 C  CB  . LYS C 3 10 ? -13.816 -1.674  -0.540  1.00 16.42 ? 9   LYS C CB  1 
ATOM   595 C  CG  . LYS C 3 10 ? -13.243 -0.754  -1.582  1.00 24.08 ? 9   LYS C CG  1 
ATOM   596 N  N   . GLN C 3 11 ? -12.364 -3.588  1.571   1.00 11.79 ? 10  GLN C N   1 
ATOM   597 C  CA  . GLN C 3 11 ? -11.273 -3.788  2.521   1.00 9.49  ? 10  GLN C CA  1 
ATOM   598 C  C   . GLN C 3 11 ? -10.479 -5.041  2.160   1.00 8.68  ? 10  GLN C C   1 
ATOM   599 O  O   . GLN C 3 11 ? -9.247  -5.053  2.226   1.00 10.14 ? 10  GLN C O   1 
ATOM   600 C  CB  . GLN C 3 11 ? -11.813 -3.907  3.953   1.00 7.91  ? 10  GLN C CB  1 
ATOM   601 C  CG  . GLN C 3 11 ? -10.703 -3.925  4.994   1.00 13.12 ? 10  GLN C CG  1 
ATOM   602 C  CD  . GLN C 3 11 ? -11.174 -3.545  6.381   1.00 12.89 ? 10  GLN C CD  1 
ATOM   603 O  OE1 . GLN C 3 11 ? -11.603 -4.401  7.156   1.00 15.39 ? 10  GLN C OE1 1 
ATOM   604 N  NE2 . GLN C 3 11 ? -11.090 -2.260  6.706   1.00 8.75  ? 10  GLN C NE2 1 
ATOM   605 N  N   . ALA C 3 12 ? -11.187 -6.098  1.777   1.00 8.83  ? 11  ALA C N   1 
ATOM   606 C  CA  . ALA C 3 12 ? -10.550 -7.347  1.391   1.00 8.54  ? 11  ALA C CA  1 
ATOM   607 C  C   . ALA C 3 12 ? -9.663  -7.092  0.180   1.00 10.90 ? 11  ALA C C   1 
ATOM   608 O  O   . ALA C 3 12 ? -8.521  -7.554  0.125   1.00 11.76 ? 11  ALA C O   1 
ATOM   609 C  CB  . ALA C 3 12 ? -11.608 -8.391  1.050   1.00 11.52 ? 11  ALA C CB  1 
ATOM   610 N  N   . ALA C 3 13 ? -10.195 -6.347  -0.785  1.00 10.72 ? 12  ALA C N   1 
ATOM   611 C  CA  . ALA C 3 13 ? -9.473  -6.012  -2.006  1.00 12.04 ? 12  ALA C CA  1 
ATOM   612 C  C   . ALA C 3 13 ? -8.205  -5.219  -1.707  1.00 10.56 ? 12  ALA C C   1 
ATOM   613 O  O   . ALA C 3 13 ? -7.136  -5.502  -2.249  1.00 10.79 ? 12  ALA C O   1 
ATOM   614 C  CB  . ALA C 3 13 ? -10.375 -5.212  -2.940  1.00 11.15 ? 12  ALA C CB  1 
ATOM   615 N  N   . ILE C 3 14 ? -8.333  -4.225  -0.838  1.00 10.98 ? 13  ILE C N   1 
ATOM   616 C  CA  . ILE C 3 14 ? -7.206  -3.386  -0.468  1.00 11.09 ? 13  ILE C CA  1 
ATOM   617 C  C   . ILE C 3 14 ? -6.146  -4.203  0.269   1.00 9.57  ? 13  ILE C C   1 
ATOM   618 O  O   . ILE C 3 14 ? -4.945  -3.967  0.114   1.00 7.64  ? 13  ILE C O   1 
ATOM   619 C  CB  . ILE C 3 14 ? -7.680  -2.203  0.414   1.00 10.85 ? 13  ILE C CB  1 
ATOM   620 C  CG1 . ILE C 3 14 ? -8.418  -1.181  -0.458  1.00 8.16  ? 13  ILE C CG1 1 
ATOM   621 C  CG2 . ILE C 3 14 ? -6.498  -1.548  1.106   1.00 8.71  ? 13  ILE C CG2 1 
ATOM   622 C  CD1 . ILE C 3 14 ? -9.179  -0.130  0.325   1.00 7.69  ? 13  ILE C CD1 1 
ATOM   623 N  N   . LYS C 3 15 ? -6.591  -5.172  1.064   1.00 9.83  ? 14  LYS C N   1 
ATOM   624 C  CA  . LYS C 3 15 ? -5.663  -6.012  1.813   1.00 11.71 ? 14  LYS C CA  1 
ATOM   625 C  C   . LYS C 3 15 ? -4.790  -6.814  0.859   1.00 11.75 ? 14  LYS C C   1 
ATOM   626 O  O   . LYS C 3 15 ? -3.589  -6.970  1.084   1.00 10.64 ? 14  LYS C O   1 
ATOM   627 C  CB  . LYS C 3 15 ? -6.428  -6.965  2.730   1.00 13.94 ? 14  LYS C CB  1 
ATOM   628 C  CG  . LYS C 3 15 ? -6.760  -6.379  4.088   1.00 21.43 ? 14  LYS C CG  1 
ATOM   629 C  CD  . LYS C 3 15 ? -7.214  -7.461  5.054   1.00 23.70 ? 14  LYS C CD  1 
ATOM   630 C  CE  . LYS C 3 15 ? -8.591  -7.980  4.685   1.00 29.14 ? 14  LYS C CE  1 
ATOM   631 N  NZ  . LYS C 3 15 ? -9.195  -8.791  5.778   1.00 30.79 ? 14  LYS C NZ  1 
ATOM   632 N  N   . ASN C 3 16 ? -5.397  -7.316  -0.211  1.00 11.02 ? 15  ASN C N   1 
ATOM   633 C  CA  . ASN C 3 16 ? -4.666  -8.100  -1.201  1.00 13.99 ? 15  ASN C CA  1 
ATOM   634 C  C   . ASN C 3 16 ? -3.679  -7.226  -1.963  1.00 12.36 ? 15  ASN C C   1 
ATOM   635 O  O   . ASN C 3 16 ? -2.573  -7.655  -2.282  1.00 13.30 ? 15  ASN C O   1 
ATOM   636 C  CB  . ASN C 3 16 ? -5.638  -8.754  -2.184  1.00 15.69 ? 15  ASN C CB  1 
ATOM   637 C  CG  . ASN C 3 16 ? -6.261  -10.017 -1.632  1.00 14.37 ? 15  ASN C CG  1 
ATOM   638 O  OD1 . ASN C 3 16 ? -5.811  -10.552 -0.622  1.00 17.29 ? 15  ASN C OD1 1 
ATOM   639 N  ND2 . ASN C 3 16 ? -7.304  -10.499 -2.293  1.00 18.59 ? 15  ASN C ND2 1 
ATOM   640 N  N   . GLU C 3 17 ? -4.088  -5.998  -2.257  1.00 10.50 ? 16  GLU C N   1 
ATOM   641 C  CA  . GLU C 3 17 ? -3.235  -5.065  -2.976  1.00 10.33 ? 16  GLU C CA  1 
ATOM   642 C  C   . GLU C 3 17 ? -2.003  -4.749  -2.140  1.00 13.23 ? 16  GLU C C   1 
ATOM   643 O  O   . GLU C 3 17 ? -0.881  -4.719  -2.654  1.00 11.53 ? 16  GLU C O   1 
ATOM   644 C  CB  . GLU C 3 17 ? -3.990  -3.770  -3.251  1.00 11.85 ? 16  GLU C CB  1 
ATOM   645 C  CG  . GLU C 3 17 ? -4.986  -3.833  -4.393  1.00 12.49 ? 16  GLU C CG  1 
ATOM   646 C  CD  . GLU C 3 17 ? -5.627  -2.483  -4.643  1.00 13.65 ? 16  GLU C CD  1 
ATOM   647 O  OE1 . GLU C 3 17 ? -6.371  -2.019  -3.759  1.00 13.87 ? 16  GLU C OE1 1 
ATOM   648 O  OE2 . GLU C 3 17 ? -5.381  -1.879  -5.708  1.00 13.64 ? 16  GLU C OE2 1 
ATOM   649 N  N   . ILE C 3 18 ? -2.224  -4.505  -0.850  1.00 11.40 ? 17  ILE C N   1 
ATOM   650 C  CA  . ILE C 3 18 ? -1.142  -4.175  0.071   1.00 12.46 ? 17  ILE C CA  1 
ATOM   651 C  C   . ILE C 3 18 ? -0.193  -5.351  0.243   1.00 11.07 ? 17  ILE C C   1 
ATOM   652 O  O   . ILE C 3 18 ? 1.021   -5.168  0.335   1.00 12.78 ? 17  ILE C O   1 
ATOM   653 C  CB  . ILE C 3 18 ? -1.692  -3.762  1.456   1.00 14.32 ? 17  ILE C CB  1 
ATOM   654 C  CG1 . ILE C 3 18 ? -2.378  -2.393  1.362   1.00 16.75 ? 17  ILE C CG1 1 
ATOM   655 C  CG2 . ILE C 3 18 ? -0.566  -3.708  2.473   1.00 17.54 ? 17  ILE C CG2 1 
ATOM   656 C  CD1 . ILE C 3 18 ? -1.552  -1.312  0.682   1.00 18.17 ? 17  ILE C CD1 1 
ATOM   657 N  N   . ALA C 3 19 ? -0.745  -6.557  0.288   1.00 8.05  ? 18  ALA C N   1 
ATOM   658 C  CA  . ALA C 3 19 ? 0.070   -7.755  0.442   1.00 9.02  ? 18  ALA C CA  1 
ATOM   659 C  C   . ALA C 3 19 ? 0.970   -7.929  -0.783  1.00 10.17 ? 18  ALA C C   1 
ATOM   660 O  O   . ALA C 3 19 ? 2.143   -8.292  -0.664  1.00 9.38  ? 18  ALA C O   1 
ATOM   661 C  CB  . ALA C 3 19 ? -0.823  -8.975  0.620   1.00 10.72 ? 18  ALA C CB  1 
ATOM   662 N  N   . ALA C 3 20 ? 0.413   -7.661  -1.959  1.00 8.66  ? 19  ALA C N   1 
ATOM   663 C  CA  . ALA C 3 20 ? 1.157   -7.783  -3.208  1.00 11.15 ? 19  ALA C CA  1 
ATOM   664 C  C   . ALA C 3 20 ? 2.278   -6.748  -3.281  1.00 10.56 ? 19  ALA C C   1 
ATOM   665 O  O   . ALA C 3 20 ? 3.377   -7.043  -3.745  1.00 10.27 ? 19  ALA C O   1 
ATOM   666 C  CB  . ALA C 3 20 ? 0.210   -7.620  -4.395  1.00 11.00 ? 19  ALA C CB  1 
ATOM   667 N  N   . ILE C 3 21 ? 1.996   -5.533  -2.823  1.00 9.47  ? 20  ILE C N   1 
ATOM   668 C  CA  . ILE C 3 21 ? 2.997   -4.472  -2.845  1.00 10.47 ? 20  ILE C CA  1 
ATOM   669 C  C   . ILE C 3 21 ? 4.117   -4.774  -1.851  1.00 10.47 ? 20  ILE C C   1 
ATOM   670 O  O   . ILE C 3 21 ? 5.292   -4.551  -2.139  1.00 11.28 ? 20  ILE C O   1 
ATOM   671 C  CB  . ILE C 3 21 ? 2.365   -3.098  -2.508  1.00 13.20 ? 20  ILE C CB  1 
ATOM   672 C  CG1 . ILE C 3 21 ? 1.576   -2.583  -3.716  1.00 13.38 ? 20  ILE C CG1 1 
ATOM   673 C  CG2 . ILE C 3 21 ? 3.450   -2.095  -2.121  1.00 11.24 ? 20  ILE C CG2 1 
ATOM   674 C  CD1 . ILE C 3 21 ? 0.358   -1.749  -3.344  1.00 11.06 ? 20  ILE C CD1 1 
ATOM   675 N  N   . LYS C 3 22 ? 3.755   -5.295  -0.685  1.00 8.96  ? 21  LYS C N   1 
ATOM   676 C  CA  . LYS C 3 22 ? 4.752   -5.615  0.324   1.00 9.85  ? 21  LYS C CA  1 
ATOM   677 C  C   . LYS C 3 22 ? 5.719   -6.684  -0.167  1.00 11.40 ? 21  LYS C C   1 
ATOM   678 O  O   . LYS C 3 22 ? 6.915   -6.618  0.116   1.00 12.59 ? 21  LYS C O   1 
ATOM   679 C  CB  . LYS C 3 22 ? 4.070   -6.073  1.609   1.00 14.05 ? 21  LYS C CB  1 
ATOM   680 C  CG  . LYS C 3 22 ? 3.661   -4.928  2.511   1.00 20.37 ? 21  LYS C CG  1 
ATOM   681 C  CD  . LYS C 3 22 ? 3.034   -5.447  3.788   1.00 28.06 ? 21  LYS C CD  1 
ATOM   682 C  CE  . LYS C 3 22 ? 4.045   -5.497  4.923   1.00 35.88 ? 21  LYS C CE  1 
ATOM   683 N  NZ  . LYS C 3 22 ? 3.404   -5.865  6.217   1.00 37.34 ? 21  LYS C NZ  1 
ATOM   684 N  N   . GLN C 3 23 ? 5.207   -7.665  -0.905  1.00 12.08 ? 22  GLN C N   1 
ATOM   685 C  CA  . GLN C 3 23 ? 6.057   -8.726  -1.437  1.00 13.48 ? 22  GLN C CA  1 
ATOM   686 C  C   . GLN C 3 23 ? 7.008   -8.135  -2.474  1.00 14.74 ? 22  GLN C C   1 
ATOM   687 O  O   . GLN C 3 23 ? 8.179   -8.501  -2.538  1.00 12.72 ? 22  GLN C O   1 
ATOM   688 C  CB  . GLN C 3 23 ? 5.211   -9.824  -2.090  1.00 20.64 ? 22  GLN C CB  1 
ATOM   689 C  CG  . GLN C 3 23 ? 5.993   -11.096 -2.437  1.00 28.59 ? 22  GLN C CG  1 
ATOM   690 C  CD  . GLN C 3 23 ? 6.845   -10.960 -3.702  1.00 33.76 ? 22  GLN C CD  1 
ATOM   691 O  OE1 . GLN C 3 23 ? 6.386   -10.447 -4.728  1.00 32.77 ? 22  GLN C OE1 1 
ATOM   692 N  NE2 . GLN C 3 23 ? 8.090   -11.427 -3.630  1.00 30.78 ? 22  GLN C NE2 1 
ATOM   693 N  N   . GLU C 3 24 ? 6.493   -7.219  -3.287  1.00 11.49 ? 23  GLU C N   1 
ATOM   694 C  CA  . GLU C 3 24 ? 7.297   -6.578  -4.318  1.00 14.42 ? 23  GLU C CA  1 
ATOM   695 C  C   . GLU C 3 24 ? 8.476   -5.835  -3.706  1.00 14.25 ? 23  GLU C C   1 
ATOM   696 O  O   . GLU C 3 24 ? 9.614   -5.978  -4.158  1.00 11.46 ? 23  GLU C O   1 
ATOM   697 C  CB  . GLU C 3 24 ? 6.446   -5.596  -5.115  1.00 16.35 ? 23  GLU C CB  1 
ATOM   698 C  CG  . GLU C 3 24 ? 5.707   -6.225  -6.267  1.00 21.31 ? 23  GLU C CG  1 
ATOM   699 C  CD  . GLU C 3 24 ? 4.981   -5.195  -7.093  1.00 28.09 ? 23  GLU C CD  1 
ATOM   700 O  OE1 . GLU C 3 24 ? 4.062   -4.550  -6.546  1.00 28.78 ? 23  GLU C OE1 1 
ATOM   701 O  OE2 . GLU C 3 24 ? 5.333   -5.023  -8.281  1.00 31.22 ? 23  GLU C OE2 1 
ATOM   702 N  N   . ILE C 3 25 ? 8.197   -5.036  -2.682  1.00 13.03 ? 24  ILE C N   1 
ATOM   703 C  CA  . ILE C 3 25 ? 9.246   -4.281  -2.009  1.00 12.39 ? 24  ILE C CA  1 
ATOM   704 C  C   . ILE C 3 25 ? 10.265  -5.245  -1.414  1.00 10.67 ? 24  ILE C C   1 
ATOM   705 O  O   . ILE C 3 25 ? 11.468  -5.034  -1.533  1.00 12.12 ? 24  ILE C O   1 
ATOM   706 C  CB  . ILE C 3 25 ? 8.660   -3.381  -0.892  1.00 15.08 ? 24  ILE C CB  1 
ATOM   707 C  CG1 . ILE C 3 25 ? 7.919   -2.200  -1.529  1.00 14.11 ? 24  ILE C CG1 1 
ATOM   708 C  CG2 . ILE C 3 25 ? 9.779   -2.861  0.018   1.00 12.83 ? 24  ILE C CG2 1 
ATOM   709 C  CD1 . ILE C 3 25 ? 6.839   -1.614  -0.658  1.00 19.01 ? 24  ILE C CD1 1 
ATOM   710 N  N   . ALA C 3 26 ? 9.778   -6.307  -0.785  1.00 12.66 ? 25  ALA C N   1 
ATOM   711 C  CA  . ALA C 3 26 ? 10.658  -7.301  -0.185  1.00 13.72 ? 25  ALA C CA  1 
ATOM   712 C  C   . ALA C 3 26 ? 11.642  -7.838  -1.225  1.00 14.04 ? 25  ALA C C   1 
ATOM   713 O  O   . ALA C 3 26 ? 12.851  -7.881  -0.986  1.00 12.25 ? 25  ALA C O   1 
ATOM   714 C  CB  . ALA C 3 26 ? 9.833   -8.443  0.401   1.00 11.39 ? 25  ALA C CB  1 
ATOM   715 N  N   . ALA C 3 27 ? 11.122  -8.242  -2.380  1.00 14.81 ? 26  ALA C N   1 
ATOM   716 C  CA  . ALA C 3 27 ? 11.961  -8.774  -3.450  1.00 13.81 ? 26  ALA C CA  1 
ATOM   717 C  C   . ALA C 3 27 ? 12.934  -7.710  -3.929  1.00 14.02 ? 26  ALA C C   1 
ATOM   718 O  O   . ALA C 3 27 ? 14.093  -8.007  -4.223  1.00 15.44 ? 26  ALA C O   1 
ATOM   719 C  CB  . ALA C 3 27 ? 11.096  -9.250  -4.612  1.00 14.46 ? 26  ALA C CB  1 
ATOM   720 N  N   . ILE C 3 28 ? 12.460  -6.470  -4.011  1.00 12.39 ? 27  ILE C N   1 
ATOM   721 C  CA  . ILE C 3 28 ? 13.305  -5.367  -4.453  1.00 13.81 ? 27  ILE C CA  1 
ATOM   722 C  C   . ILE C 3 28 ? 14.466  -5.174  -3.479  1.00 15.05 ? 27  ILE C C   1 
ATOM   723 O  O   . ILE C 3 28 ? 15.613  -5.004  -3.891  1.00 15.75 ? 27  ILE C O   1 
ATOM   724 C  CB  . ILE C 3 28 ? 12.493  -4.053  -4.559  1.00 15.35 ? 27  ILE C CB  1 
ATOM   725 C  CG1 . ILE C 3 28 ? 11.641  -4.078  -5.830  1.00 14.78 ? 27  ILE C CG1 1 
ATOM   726 C  CG2 . ILE C 3 28 ? 13.431  -2.844  -4.583  1.00 14.22 ? 27  ILE C CG2 1 
ATOM   727 C  CD1 . ILE C 3 28 ? 10.543  -3.036  -5.849  1.00 13.87 ? 27  ILE C CD1 1 
ATOM   728 N  N   . GLU C 3 29 ? 14.164  -5.221  -2.186  1.00 14.73 ? 28  GLU C N   1 
ATOM   729 C  CA  . GLU C 3 29 ? 15.188  -5.047  -1.165  1.00 17.46 ? 28  GLU C CA  1 
ATOM   730 C  C   . GLU C 3 29 ? 16.186  -6.189  -1.232  1.00 18.96 ? 28  GLU C C   1 
ATOM   731 O  O   . GLU C 3 29 ? 17.377  -6.002  -0.980  1.00 19.19 ? 28  GLU C O   1 
ATOM   732 C  CB  . GLU C 3 29 ? 14.548  -4.987  0.221   1.00 17.24 ? 28  GLU C CB  1 
ATOM   733 C  CG  . GLU C 3 29 ? 14.046  -3.606  0.576   1.00 21.63 ? 28  GLU C CG  1 
ATOM   734 C  CD  . GLU C 3 29 ? 13.417  -3.548  1.948   1.00 25.29 ? 28  GLU C CD  1 
ATOM   735 O  OE1 . GLU C 3 29 ? 12.374  -4.199  2.145   1.00 28.82 ? 28  GLU C OE1 1 
ATOM   736 O  OE2 . GLU C 3 29 ? 13.964  -2.852  2.828   1.00 26.79 ? 28  GLU C OE2 1 
ATOM   737 N  N   . GLN C 3 30 ? 15.689  -7.373  -1.574  1.00 19.97 ? 29  GLN C N   1 
ATOM   738 C  CA  . GLN C 3 30 ? 16.530  -8.558  -1.698  1.00 19.87 ? 29  GLN C CA  1 
ATOM   739 C  C   . GLN C 3 30 ? 17.494  -8.330  -2.852  1.00 19.93 ? 29  GLN C C   1 
ATOM   740 O  O   . GLN C 3 30 ? 18.679  -8.644  -2.758  1.00 21.41 ? 29  GLN C O   1 
ATOM   741 C  CB  . GLN C 3 30 ? 15.671  -9.793  -1.978  1.00 19.09 ? 29  GLN C CB  1 
ATOM   742 C  CG  . GLN C 3 30 ? 15.100  -10.429 -0.737  1.00 20.78 ? 29  GLN C CG  1 
ATOM   743 N  N   . MET C 3 31 ? 16.970  -7.778  -3.941  1.00 21.57 ? 30  MET C N   1 
ATOM   744 C  CA  . MET C 3 31 ? 17.770  -7.492  -5.120  1.00 22.27 ? 30  MET C CA  1 
ATOM   745 C  C   . MET C 3 31 ? 18.873  -6.513  -4.751  1.00 24.86 ? 30  MET C C   1 
ATOM   746 O  O   . MET C 3 31 ? 19.998  -6.616  -5.240  1.00 28.53 ? 30  MET C O   1 
ATOM   747 C  CB  . MET C 3 31 ? 16.894  -6.888  -6.220  1.00 23.33 ? 30  MET C CB  1 
ATOM   748 C  CG  . MET C 3 31 ? 15.824  -7.827  -6.750  1.00 28.48 ? 30  MET C CG  1 
ATOM   749 S  SD  . MET C 3 31 ? 14.854  -7.096  -8.095  1.00 31.59 ? 30  MET C SD  1 
ATOM   750 C  CE  . MET C 3 31 ? 16.103  -6.945  -9.363  1.00 29.54 ? 30  MET C CE  1 
ATOM   751 N  N   . ILE C 3 32 ? 18.547  -5.561  -3.885  1.00 23.64 ? 31  ILE C N   1 
ATOM   752 C  CA  . ILE C 3 32 ? 19.522  -4.566  -3.454  1.00 24.84 ? 31  ILE C CA  1 
ATOM   753 C  C   . ILE C 3 32 ? 20.593  -5.226  -2.591  1.00 25.39 ? 31  ILE C C   1 
ATOM   754 O  O   . ILE C 3 32 ? 21.790  -5.047  -2.828  1.00 25.17 ? 31  ILE C O   1 
ATOM   755 C  CB  . ILE C 3 32 ? 18.841  -3.423  -2.657  1.00 20.80 ? 31  ILE C CB  1 
ATOM   756 C  CG1 . ILE C 3 32 ? 18.079  -2.507  -3.620  1.00 19.18 ? 31  ILE C CG1 1 
ATOM   757 C  CG2 . ILE C 3 32 ? 19.883  -2.620  -1.887  1.00 19.62 ? 31  ILE C CG2 1 
ATOM   758 C  CD1 . ILE C 3 32 ? 17.083  -1.580  -2.940  1.00 17.50 ? 31  ILE C CD1 1 
ATOM   759 N  N   . ALA C 3 33 ? 20.156  -5.995  -1.598  1.00 25.25 ? 32  ALA C N   1 
ATOM   760 C  CA  . ALA C 3 33 ? 21.073  -6.686  -0.702  1.00 28.37 ? 32  ALA C CA  1 
ATOM   761 C  C   . ALA C 3 33 ? 21.921  -7.696  -1.470  1.00 32.02 ? 32  ALA C C   1 
ATOM   762 O  O   . ALA C 3 33 ? 22.999  -8.082  -1.019  1.00 31.33 ? 32  ALA C O   1 
ATOM   763 C  CB  . ALA C 3 33 ? 20.294  -7.390  0.400   1.00 27.83 ? 32  ALA C CB  1 
ATOM   764 N  N   . ALA C 3 34 ? 21.424  -8.121  -2.630  1.00 33.14 ? 33  ALA C N   1 
ATOM   765 C  CA  . ALA C 3 34 ? 22.135  -9.082  -3.466  1.00 34.78 ? 33  ALA C CA  1 
ATOM   766 C  C   . ALA C 3 34 ? 23.322  -8.400  -4.131  1.00 36.39 ? 33  ALA C C   1 
ATOM   767 O  O   . ALA C 3 34 ? 24.425  -8.946  -4.166  1.00 37.58 ? 33  ALA C O   1 
ATOM   768 C  CB  . ALA C 3 34 ? 21.198  -9.652  -4.526  1.00 34.94 ? 33  ALA C CB  1 
ATOM   769 N  N   . ILE C 3 35 ? 23.087  -7.202  -4.659  1.00 37.68 ? 34  ILE C N   1 
ATOM   770 C  CA  . ILE C 3 35 ? 24.137  -6.436  -5.316  1.00 40.37 ? 34  ILE C CA  1 
ATOM   771 C  C   . ILE C 3 35 ? 25.276  -6.152  -4.337  1.00 41.67 ? 34  ILE C C   1 
ATOM   772 O  O   . ILE C 3 35 ? 25.046  -5.730  -3.202  1.00 41.76 ? 34  ILE C O   1 
ATOM   773 C  CB  . ILE C 3 35 ? 23.570  -5.125  -5.856  1.00 38.08 ? 34  ILE C CB  1 
HETATM 774 N  N   . NH2 C 3 36 ? 26.512  -6.387  -4.764  1.00 42.11 ? 35  NH2 C N   1 
HETATM 775 CL CL  . CL  D 4 .  ? -10.130 -0.297  4.298   1.00 13.99 ? 110 CL  A CL  1 
HETATM 776 O  O   . HOH E 5 .  ? 13.826  9.861   -1.526  1.00 14.48 ? 37  HOH A O   1 
HETATM 777 O  O   . HOH E 5 .  ? 7.585   8.019   -0.794  1.00 24.54 ? 38  HOH A O   1 
HETATM 778 O  O   . HOH E 5 .  ? -1.087  6.016   5.578   1.00 14.55 ? 39  HOH A O   1 
HETATM 779 O  O   . HOH E 5 .  ? 27.313  5.986   -7.065  1.00 17.06 ? 40  HOH A O   1 
HETATM 780 O  O   . HOH E 5 .  ? 22.316  4.390   -0.988  1.00 15.76 ? 41  HOH A O   1 
HETATM 781 O  O   . HOH E 5 .  ? -9.787  3.411   11.576  1.00 14.04 ? 42  HOH A O   1 
HETATM 782 O  O   . HOH E 5 .  ? 27.870  4.584   -4.618  1.00 12.95 ? 43  HOH A O   1 
HETATM 783 O  O   . HOH E 5 .  ? -3.623  10.620  1.029   1.00 18.93 ? 44  HOH A O   1 
HETATM 784 O  O   . HOH E 5 .  ? 27.017  5.520   -2.379  1.00 19.97 ? 45  HOH A O   1 
HETATM 785 O  O   . HOH E 5 .  ? 3.896   2.913   9.685   1.00 17.50 ? 46  HOH A O   1 
HETATM 786 O  O   . HOH E 5 .  ? -1.354  10.393  -0.415  1.00 31.93 ? 47  HOH A O   1 
HETATM 787 O  O   . HOH E 5 .  ? 0.004   -7.188  3.994   1.00 21.26 ? 48  HOH A O   1 
HETATM 788 O  O   . HOH E 5 .  ? -15.081 -1.042  19.610  1.00 20.31 ? 49  HOH A O   1 
HETATM 789 O  O   . HOH E 5 .  ? -15.796 5.497   10.646  1.00 22.36 ? 50  HOH A O   1 
HETATM 790 O  O   . HOH E 5 .  ? 12.495  6.684   4.082   1.00 16.94 ? 51  HOH A O   1 
HETATM 791 O  O   . HOH E 5 .  ? 17.908  4.760   1.724   1.00 12.08 ? 52  HOH A O   1 
HETATM 792 O  O   . HOH E 5 .  ? 0.289   1.759   16.171  1.00 29.13 ? 53  HOH A O   1 
HETATM 793 O  O   . HOH E 5 .  ? -11.018 5.022   9.608   1.00 29.12 ? 54  HOH A O   1 
HETATM 794 O  O   . HOH E 5 .  ? -10.352 4.220   14.387  1.00 20.48 ? 55  HOH A O   1 
HETATM 795 O  O   . HOH E 5 .  ? -21.515 -2.938  13.712  1.00 30.27 ? 56  HOH A O   1 
HETATM 796 O  O   . HOH E 5 .  ? -14.873 -1.497  22.385  1.00 24.61 ? 57  HOH A O   1 
HETATM 797 O  O   . HOH E 5 .  ? 30.614  4.807   -4.435  1.00 15.89 ? 58  HOH A O   1 
HETATM 798 O  O   . HOH E 5 .  ? -17.512 -1.440  23.177  1.00 31.19 ? 59  HOH A O   1 
HETATM 799 O  O   . HOH E 5 .  ? 9.132   0.987   6.352   1.00 17.35 ? 60  HOH A O   1 
HETATM 800 O  O   . HOH E 5 .  ? -7.145  5.089   11.280  1.00 22.28 ? 61  HOH A O   1 
HETATM 801 O  O   . HOH E 5 .  ? 20.370  4.835   1.337   1.00 18.54 ? 62  HOH A O   1 
HETATM 802 O  O   . HOH E 5 .  ? 15.856  10.529  -2.939  1.00 19.09 ? 63  HOH A O   1 
HETATM 803 O  O   . HOH E 5 .  ? -0.101  -2.113  10.345  1.00 21.67 ? 64  HOH A O   1 
HETATM 804 O  O   . HOH E 5 .  ? -6.915  -8.858  9.722   1.00 24.69 ? 65  HOH A O   1 
HETATM 805 O  O   . HOH E 5 .  ? -13.292 6.124   10.550  1.00 32.00 ? 66  HOH A O   1 
HETATM 806 O  O   . HOH E 5 .  ? -12.492 3.046   15.992  1.00 40.16 ? 67  HOH A O   1 
HETATM 807 O  O   . HOH E 5 .  ? 20.716  9.668   -2.046  1.00 24.72 ? 68  HOH A O   1 
HETATM 808 O  O   . HOH E 5 .  ? -5.955  5.108   13.853  1.00 26.11 ? 69  HOH A O   1 
HETATM 809 O  O   . HOH E 5 .  ? 26.980  4.884   -9.770  1.00 23.10 ? 70  HOH A O   1 
HETATM 810 O  O   . HOH E 5 .  ? 17.528  3.029   3.724   1.00 20.45 ? 71  HOH A O   1 
HETATM 811 O  O   . HOH E 5 .  ? -8.163  5.608   15.264  1.00 18.33 ? 72  HOH A O   1 
HETATM 812 O  O   . HOH E 5 .  ? 27.001  2.137   -11.144 1.00 23.82 ? 73  HOH A O   1 
HETATM 813 O  O   . HOH E 5 .  ? 12.407  4.956   6.095   1.00 38.43 ? 74  HOH A O   1 
HETATM 814 O  O   . HOH E 5 .  ? 15.644  8.430   -6.879  1.00 23.98 ? 75  HOH A O   1 
HETATM 815 O  O   . HOH E 5 .  ? 9.318   9.662   -1.980  1.00 26.65 ? 76  HOH A O   1 
HETATM 816 O  O   . HOH E 5 .  ? 11.464  11.050  -2.400  1.00 23.95 ? 77  HOH A O   1 
HETATM 817 O  O   . HOH E 5 .  ? -1.446  8.029   7.943   1.00 35.00 ? 78  HOH A O   1 
HETATM 818 O  O   . HOH E 5 .  ? 15.120  11.209  -5.678  1.00 25.58 ? 79  HOH A O   1 
HETATM 819 O  O   . HOH E 5 .  ? 17.488  9.010   -9.055  1.00 30.43 ? 80  HOH A O   1 
HETATM 820 O  O   . HOH E 5 .  ? -6.391  -10.853 11.615  1.00 13.70 ? 81  HOH A O   1 
HETATM 821 O  O   . HOH E 5 .  ? 4.034   -1.840  4.946   1.00 32.18 ? 82  HOH A O   1 
HETATM 822 O  O   . HOH E 5 .  ? -2.273  -2.340  18.165  1.00 37.40 ? 83  HOH A O   1 
HETATM 823 O  O   . HOH E 5 .  ? 11.594  2.529   5.114   1.00 30.94 ? 84  HOH A O   1 
HETATM 824 O  O   . HOH E 5 .  ? 1.778   5.320   10.743  1.00 18.43 ? 85  HOH A O   1 
HETATM 825 O  O   . HOH E 5 .  ? -13.811 0.999   18.520  1.00 34.90 ? 86  HOH A O   1 
HETATM 826 O  O   . HOH E 5 .  ? -1.138  5.935   10.298  1.00 38.64 ? 87  HOH A O   1 
HETATM 827 O  O   . HOH E 5 .  ? -16.252 -6.910  10.755  1.00 38.81 ? 88  HOH A O   1 
HETATM 828 O  O   . HOH E 5 .  ? -14.411 -4.201  22.379  1.00 32.98 ? 89  HOH A O   1 
HETATM 829 O  O   . HOH E 5 .  ? 5.541   0.429   10.700  1.00 39.85 ? 90  HOH A O   1 
HETATM 830 O  O   . HOH E 5 .  ? 29.415  7.710   -7.265  1.00 26.46 ? 91  HOH A O   1 
HETATM 831 O  O   . HOH E 5 .  ? 27.995  3.779   -12.949 1.00 36.60 ? 92  HOH A O   1 
HETATM 832 O  O   . HOH E 5 .  ? 7.133   -1.147  9.237   1.00 49.99 ? 93  HOH A O   1 
HETATM 833 O  O   . HOH E 5 .  ? 8.350   2.938   8.202   1.00 47.26 ? 94  HOH A O   1 
HETATM 834 O  O   . HOH E 5 .  ? 26.834  8.619   -4.378  1.00 36.24 ? 95  HOH A O   1 
HETATM 835 O  O   . HOH E 5 .  ? -5.740  -11.817 7.995   1.00 34.55 ? 96  HOH A O   1 
HETATM 836 O  O   . HOH E 5 .  ? -7.169  -3.812  20.468  1.00 29.35 ? 97  HOH A O   1 
HETATM 837 O  O   . HOH E 5 .  ? -4.751  -4.349  20.210  1.00 29.85 ? 98  HOH A O   1 
HETATM 838 O  O   . HOH E 5 .  ? 1.438   4.104   13.016  1.00 47.00 ? 99  HOH A O   1 
HETATM 839 O  O   . HOH E 5 .  ? -14.477 -7.305  8.798   1.00 48.27 ? 100 HOH A O   1 
HETATM 840 O  O   . HOH E 5 .  ? 21.764  6.382   3.819   1.00 51.58 ? 101 HOH A O   1 
HETATM 841 O  O   . HOH E 5 .  ? 16.957  7.002   3.563   1.00 47.63 ? 102 HOH A O   1 
HETATM 842 O  O   . HOH E 5 .  ? 20.934  7.621   1.569   1.00 45.91 ? 103 HOH A O   1 
HETATM 843 O  O   . HOH F 5 .  ? -5.325  9.730   -1.146  1.00 18.11 ? 36  HOH B O   1 
HETATM 844 O  O   . HOH F 5 .  ? 3.113   8.202   -2.442  1.00 48.74 ? 37  HOH B O   1 
HETATM 845 O  O   . HOH F 5 .  ? -5.134  -4.642  -7.716  1.00 38.34 ? 38  HOH B O   1 
HETATM 846 O  O   . HOH F 5 .  ? 14.552  -3.667  -11.473 1.00 21.13 ? 39  HOH B O   1 
HETATM 847 O  O   . HOH F 5 .  ? -3.487  6.033   4.362   1.00 59.23 ? 40  HOH B O   1 
HETATM 848 O  O   . HOH F 5 .  ? -22.417 3.423   10.266  1.00 17.69 ? 41  HOH B O   1 
HETATM 849 O  O   . HOH F 5 .  ? -7.487  11.732  -1.268  1.00 26.24 ? 42  HOH B O   1 
HETATM 850 O  O   . HOH F 5 .  ? -14.666 3.947   -1.335  1.00 30.55 ? 43  HOH B O   1 
HETATM 851 O  O   . HOH F 5 .  ? 0.516   7.168   -2.373  1.00 28.39 ? 44  HOH B O   1 
HETATM 852 O  O   . HOH F 5 .  ? -13.188 9.327   6.140   1.00 29.33 ? 45  HOH B O   1 
HETATM 853 O  O   . HOH F 5 .  ? -8.871  -2.877  -5.546  1.00 22.38 ? 46  HOH B O   1 
HETATM 854 O  O   . HOH F 5 .  ? -0.588  9.452   -2.794  1.00 24.32 ? 47  HOH B O   1 
HETATM 855 O  O   . HOH F 5 .  ? -10.314 6.241   -5.182  1.00 25.07 ? 48  HOH B O   1 
HETATM 856 O  O   . HOH F 5 .  ? -3.502  9.842   -3.399  1.00 23.36 ? 49  HOH B O   1 
HETATM 857 O  O   . HOH F 5 .  ? -11.657 3.509   -5.857  1.00 37.94 ? 50  HOH B O   1 
HETATM 858 O  O   . HOH F 5 .  ? 9.470   -6.766  -7.253  1.00 35.30 ? 51  HOH B O   1 
HETATM 859 O  O   . HOH F 5 .  ? 2.815   8.009   -7.936  1.00 44.00 ? 52  HOH B O   1 
HETATM 860 O  O   . HOH F 5 .  ? -19.017 1.702   15.682  1.00 55.00 ? 53  HOH B O   1 
HETATM 861 O  O   . HOH F 5 .  ? -15.882 1.959   -0.305  1.00 27.91 ? 54  HOH B O   1 
HETATM 862 O  O   . HOH F 5 .  ? -12.531 2.800   -3.038  1.00 44.91 ? 55  HOH B O   1 
HETATM 863 O  O   . HOH F 5 .  ? 13.056  -8.492  -11.686 1.00 45.44 ? 56  HOH B O   1 
HETATM 864 O  O   . HOH F 5 .  ? 7.661   9.136   -4.520  1.00 37.84 ? 57  HOH B O   1 
HETATM 865 O  O   . HOH F 5 .  ? 21.150  -1.811  -10.528 1.00 62.46 ? 58  HOH B O   1 
HETATM 866 O  O   . HOH G 5 .  ? 14.665  -10.546 -5.092  1.00 12.19 ? 36  HOH C O   1 
HETATM 867 O  O   . HOH G 5 .  ? -13.373 -7.678  4.325   1.00 16.49 ? 37  HOH C O   1 
HETATM 868 O  O   . HOH G 5 .  ? 2.997   -9.568  1.627   1.00 11.62 ? 38  HOH C O   1 
HETATM 869 O  O   . HOH G 5 .  ? -8.209  -10.097 1.442   1.00 17.76 ? 39  HOH C O   1 
HETATM 870 O  O   . HOH G 5 .  ? -1.013  -4.171  -5.510  1.00 10.85 ? 40  HOH C O   1 
HETATM 871 O  O   . HOH G 5 .  ? -1.925  -10.348 -2.458  1.00 17.95 ? 41  HOH C O   1 
HETATM 872 O  O   . HOH G 5 .  ? 0.719   -4.073  -7.438  1.00 24.75 ? 42  HOH C O   1 
HETATM 873 O  O   . HOH G 5 .  ? 7.501   -5.305  2.280   1.00 23.57 ? 43  HOH C O   1 
HETATM 874 O  O   . HOH G 5 .  ? -2.763  -5.932  -6.864  1.00 21.14 ? 44  HOH C O   1 
HETATM 875 O  O   . HOH G 5 .  ? 0.664   -11.130 -2.634  1.00 21.21 ? 45  HOH C O   1 
HETATM 876 O  O   . HOH G 5 .  ? 5.861   -9.355  2.142   1.00 25.25 ? 46  HOH C O   1 
HETATM 877 O  O   . HOH G 5 .  ? 10.281  -5.410  3.275   1.00 32.61 ? 47  HOH C O   1 
HETATM 878 O  O   . HOH G 5 .  ? -2.656  -7.045  3.951   1.00 18.75 ? 48  HOH C O   1 
HETATM 879 O  O   . HOH G 5 .  ? -17.068 -1.191  -2.447  1.00 27.52 ? 49  HOH C O   1 
HETATM 880 O  O   . HOH G 5 .  ? -10.801 -9.915  4.013   1.00 31.06 ? 50  HOH C O   1 
HETATM 881 O  O   . HOH G 5 .  ? 15.001  -12.684 -3.639  1.00 24.92 ? 51  HOH C O   1 
HETATM 882 O  O   . HOH G 5 .  ? 13.449  -8.963  1.610   1.00 32.34 ? 52  HOH C O   1 
HETATM 883 O  O   . HOH G 5 .  ? -12.196 -3.595  -5.958  1.00 43.86 ? 53  HOH C O   1 
HETATM 884 O  O   . HOH G 5 .  ? -4.198  -7.657  -5.385  1.00 19.62 ? 54  HOH C O   1 
HETATM 885 O  O   . HOH G 5 .  ? -13.422 -6.251  6.527   1.00 28.51 ? 55  HOH C O   1 
HETATM 886 O  O   . HOH G 5 .  ? -11.522 -6.470  -6.148  1.00 35.56 ? 56  HOH C O   1 
HETATM 887 O  O   . HOH G 5 .  ? 8.251   -9.344  -7.109  1.00 35.35 ? 57  HOH C O   1 
HETATM 888 O  O   . HOH G 5 .  ? -6.823  -6.749  -4.842  1.00 21.35 ? 58  HOH C O   1 
HETATM 889 O  O   . HOH G 5 .  ? -2.977  -11.982 -0.466  1.00 22.61 ? 59  HOH C O   1 
HETATM 890 O  O   . HOH G 5 .  ? 3.777   -9.531  -4.961  1.00 23.91 ? 60  HOH C O   1 
HETATM 891 O  O   . HOH G 5 .  ? -4.680  -13.034 -2.324  1.00 37.13 ? 61  HOH C O   1 
HETATM 892 O  O   . HOH G 5 .  ? -3.613  -10.922 1.831   1.00 26.47 ? 62  HOH C O   1 
HETATM 893 O  O   . HOH G 5 .  ? -15.619 -2.226  -5.120  1.00 31.41 ? 63  HOH C O   1 
HETATM 894 O  O   . HOH G 5 .  ? 11.732  -11.715 -1.555  1.00 26.35 ? 64  HOH C O   1 
HETATM 895 O  O   . HOH G 5 .  ? -1.508  -7.654  -8.163  1.00 36.15 ? 65  HOH C O   1 
HETATM 896 O  O   . HOH G 5 .  ? 2.774   -12.531 -1.472  1.00 45.09 ? 66  HOH C O   1 
HETATM 897 O  O   . HOH G 5 .  ? 26.331  -4.103  -1.000  1.00 38.39 ? 67  HOH C O   1 
HETATM 898 O  O   . HOH G 5 .  ? 2.021   -12.777 1.810   1.00 53.16 ? 68  HOH C O   1 
HETATM 899 O  O   . HOH G 5 .  ? -12.433 -12.122 2.417   1.00 23.79 ? 69  HOH C O   1 
HETATM 900 O  O   . HOH G 5 .  ? 5.578   -13.354 -0.404  1.00 43.56 ? 70  HOH C O   1 
# 
